data_2OT0
#
_entry.id   2OT0
#
_cell.length_a   84.084
_cell.length_b   56.705
_cell.length_c   156.188
_cell.angle_alpha   90.00
_cell.angle_beta   97.78
_cell.angle_gamma   90.00
#
_symmetry.space_group_name_H-M   'P 1 21 1'
#
loop_
_entity.id
_entity.type
_entity.pdbx_description
1 polymer 'Fructose-bisphosphate aldolase A'
2 polymer 'Wiskott-Aldrich syndrome protein C-terminal peptide'
3 water water
#
loop_
_entity_poly.entity_id
_entity_poly.type
_entity_poly.pdbx_seq_one_letter_code
_entity_poly.pdbx_strand_id
1 'polypeptide(L)'
;PHSHPALTPEQKKELSDIAHRIVAPGKGILAADESTGSIAKRLQSIGTENTEENRRFYRQLLLTADDRVNPCIGGVILFH
ETLYQKADDGRPFPQVIKSKGGVVGIKVDKGVVPLAGTNGETTTQGLDGLSERCAQYKKDGADFAKWRCVLKIGEHTPSA
LAIMENANVLARYASICQQNGIVPIVEPEILPDGDHDLKRCQYVTEKVLAAVYKALSDHHIYLEGTLLKPNMVTPGHACT
QKYSHEEIAMATVTALRRTVPPAVTGVTFLSGGQSEEEASINLNAINKCPLLKPWALTFSYGRALQASALKAWGGKKENL
KAAQEEYVKRALANSLACQGKYTPSGQAGAAASESLFISNHAY
;
A,B,C,D
2 'polypeptide(L)' EDQAGDEDEDDEWDD E,F,G,H
#
# COMPACT_ATOMS: atom_id res chain seq x y z
N PRO A 1 11.80 0.07 -11.14
CA PRO A 1 13.09 0.59 -10.63
C PRO A 1 13.83 1.38 -11.70
N HIS A 2 13.25 1.41 -12.90
CA HIS A 2 13.84 2.13 -14.03
C HIS A 2 13.12 3.44 -14.28
N SER A 3 13.89 4.48 -14.57
CA SER A 3 13.33 5.80 -14.81
C SER A 3 12.91 6.06 -16.25
N HIS A 4 11.67 6.51 -16.41
CA HIS A 4 11.13 6.85 -17.73
C HIS A 4 10.65 8.29 -17.59
N PRO A 5 11.59 9.25 -17.70
CA PRO A 5 11.37 10.69 -17.58
C PRO A 5 9.98 11.17 -17.98
N ALA A 6 9.19 11.55 -16.98
CA ALA A 6 7.86 12.05 -17.23
C ALA A 6 7.96 13.45 -17.84
N LEU A 7 8.95 14.20 -17.37
CA LEU A 7 9.17 15.57 -17.83
C LEU A 7 10.60 15.86 -18.29
N THR A 8 10.71 16.75 -19.27
CA THR A 8 12.01 17.14 -19.79
C THR A 8 12.50 18.30 -18.92
N PRO A 9 13.78 18.67 -19.04
CA PRO A 9 14.30 19.77 -18.24
C PRO A 9 13.54 21.06 -18.55
N GLU A 10 13.14 21.21 -19.82
CA GLU A 10 12.42 22.39 -20.26
C GLU A 10 11.05 22.45 -19.59
N GLN A 11 10.36 21.30 -19.57
CA GLN A 11 9.05 21.22 -18.97
C GLN A 11 9.12 21.50 -17.46
N LYS A 12 10.18 21.02 -16.82
CA LYS A 12 10.36 21.22 -15.39
C LYS A 12 10.54 22.71 -15.07
N LYS A 13 11.45 23.36 -15.77
CA LYS A 13 11.70 24.78 -15.55
C LYS A 13 10.42 25.59 -15.70
N GLU A 14 9.65 25.31 -16.74
CA GLU A 14 8.41 26.04 -16.95
C GLU A 14 7.49 25.89 -15.74
N LEU A 15 7.30 24.66 -15.28
CA LEU A 15 6.44 24.39 -14.14
C LEU A 15 6.96 25.04 -12.86
N SER A 16 8.25 24.87 -12.60
CA SER A 16 8.86 25.46 -11.40
C SER A 16 8.73 26.97 -11.40
N ASP A 17 9.02 27.59 -12.55
CA ASP A 17 8.93 29.05 -12.64
C ASP A 17 7.52 29.57 -12.39
N ILE A 18 6.52 28.89 -12.96
CA ILE A 18 5.14 29.28 -12.77
C ILE A 18 4.80 29.16 -11.28
N ALA A 19 5.21 28.06 -10.67
CA ALA A 19 4.96 27.81 -9.26
C ALA A 19 5.55 28.91 -8.38
N HIS A 20 6.79 29.30 -8.67
CA HIS A 20 7.45 30.36 -7.90
C HIS A 20 6.81 31.72 -8.08
N ARG A 21 6.32 31.99 -9.29
CA ARG A 21 5.69 33.27 -9.58
C ARG A 21 4.44 33.47 -8.73
N ILE A 22 3.64 32.41 -8.64
CA ILE A 22 2.39 32.48 -7.88
C ILE A 22 2.57 32.82 -6.41
N VAL A 23 3.59 32.26 -5.77
CA VAL A 23 3.82 32.51 -4.36
C VAL A 23 5.04 33.34 -4.05
N ALA A 24 5.41 34.20 -4.99
CA ALA A 24 6.57 35.08 -4.79
C ALA A 24 6.31 35.89 -3.51
N PRO A 25 7.38 36.26 -2.79
CA PRO A 25 7.26 37.03 -1.54
C PRO A 25 6.17 38.10 -1.56
N GLY A 26 5.28 38.03 -0.57
CA GLY A 26 4.18 38.98 -0.48
C GLY A 26 2.98 38.68 -1.35
N LYS A 27 3.06 37.66 -2.20
CA LYS A 27 1.93 37.33 -3.08
C LYS A 27 1.12 36.12 -2.66
N GLY A 28 -0.17 36.16 -2.97
CA GLY A 28 -1.08 35.08 -2.65
C GLY A 28 -2.07 34.83 -3.76
N ILE A 29 -3.06 33.99 -3.50
CA ILE A 29 -4.03 33.67 -4.52
C ILE A 29 -5.46 34.06 -4.18
N LEU A 30 -6.14 34.63 -5.18
CA LEU A 30 -7.54 35.00 -5.03
C LEU A 30 -8.29 33.81 -5.63
N ALA A 31 -9.08 33.13 -4.81
CA ALA A 31 -9.85 32.00 -5.29
C ALA A 31 -11.25 32.49 -5.67
N ALA A 32 -11.43 32.77 -6.96
CA ALA A 32 -12.71 33.26 -7.46
C ALA A 32 -13.33 32.22 -8.38
N ASP A 33 -13.07 30.95 -8.08
CA ASP A 33 -13.55 29.85 -8.90
C ASP A 33 -14.84 29.17 -8.43
N GLU A 34 -15.69 29.89 -7.70
CA GLU A 34 -16.94 29.30 -7.24
C GLU A 34 -17.73 28.76 -8.43
N SER A 35 -18.14 27.51 -8.35
CA SER A 35 -18.92 26.91 -9.44
C SER A 35 -20.26 27.61 -9.54
N THR A 36 -20.92 27.45 -10.67
CA THR A 36 -22.22 28.08 -10.89
C THR A 36 -23.17 27.77 -9.73
N GLY A 37 -23.01 26.58 -9.14
CA GLY A 37 -23.85 26.21 -8.02
C GLY A 37 -23.50 26.94 -6.73
N SER A 38 -22.23 27.25 -6.55
CA SER A 38 -21.77 27.97 -5.36
C SER A 38 -22.02 29.47 -5.51
N ILE A 39 -21.56 30.02 -6.63
CA ILE A 39 -21.72 31.44 -6.88
C ILE A 39 -23.19 31.84 -6.74
N ALA A 40 -24.08 30.89 -6.96
CA ALA A 40 -25.52 31.13 -6.85
C ALA A 40 -25.88 31.56 -5.42
N LYS A 41 -25.37 30.84 -4.45
CA LYS A 41 -25.64 31.15 -3.04
C LYS A 41 -25.07 32.53 -2.71
N ARG A 42 -23.92 32.85 -3.30
CA ARG A 42 -23.29 34.14 -3.07
C ARG A 42 -24.21 35.27 -3.50
N LEU A 43 -24.65 35.23 -4.76
CA LEU A 43 -25.53 36.25 -5.30
C LEU A 43 -26.86 36.28 -4.54
N GLN A 44 -27.32 35.11 -4.14
CA GLN A 44 -28.58 35.01 -3.40
C GLN A 44 -28.48 35.75 -2.06
N SER A 45 -27.41 35.50 -1.33
CA SER A 45 -27.18 36.12 -0.04
C SER A 45 -27.33 37.65 -0.09
N ILE A 46 -27.08 38.22 -1.27
CA ILE A 46 -27.20 39.66 -1.43
C ILE A 46 -28.35 40.02 -2.36
N GLY A 47 -29.39 39.19 -2.33
CA GLY A 47 -30.56 39.41 -3.16
C GLY A 47 -30.27 39.82 -4.59
N THR A 48 -29.46 39.01 -5.27
CA THR A 48 -29.11 39.28 -6.66
C THR A 48 -29.43 38.07 -7.52
N GLU A 49 -30.16 38.30 -8.61
CA GLU A 49 -30.52 37.21 -9.51
C GLU A 49 -29.26 36.64 -10.14
N ASN A 50 -29.15 35.31 -10.12
CA ASN A 50 -27.97 34.65 -10.68
C ASN A 50 -27.97 34.58 -12.20
N THR A 51 -27.51 35.65 -12.84
CA THR A 51 -27.44 35.72 -14.29
C THR A 51 -25.98 35.79 -14.72
N GLU A 52 -25.67 35.26 -15.90
CA GLU A 52 -24.30 35.29 -16.39
C GLU A 52 -23.77 36.72 -16.39
N GLU A 53 -24.68 37.68 -16.56
CA GLU A 53 -24.31 39.08 -16.59
C GLU A 53 -23.80 39.50 -15.21
N ASN A 54 -24.52 39.10 -14.16
CA ASN A 54 -24.13 39.46 -12.80
C ASN A 54 -22.88 38.70 -12.36
N ARG A 55 -22.76 37.45 -12.79
CA ARG A 55 -21.57 36.67 -12.43
C ARG A 55 -20.35 37.31 -13.07
N ARG A 56 -20.52 37.84 -14.29
CA ARG A 56 -19.43 38.48 -15.01
C ARG A 56 -19.08 39.82 -14.39
N PHE A 57 -20.09 40.61 -14.06
CA PHE A 57 -19.84 41.92 -13.47
C PHE A 57 -19.11 41.75 -12.15
N TYR A 58 -19.53 40.76 -11.36
CA TYR A 58 -18.89 40.53 -10.07
C TYR A 58 -17.44 40.12 -10.23
N ARG A 59 -17.18 39.18 -11.15
CA ARG A 59 -15.81 38.74 -11.39
C ARG A 59 -15.00 39.92 -11.94
N GLN A 60 -15.63 40.70 -12.83
CA GLN A 60 -14.94 41.86 -13.39
C GLN A 60 -14.53 42.82 -12.28
N LEU A 61 -15.41 42.99 -11.31
CA LEU A 61 -15.18 43.88 -10.18
C LEU A 61 -13.93 43.47 -9.39
N LEU A 62 -13.77 42.17 -9.18
CA LEU A 62 -12.62 41.68 -8.44
C LEU A 62 -11.34 41.76 -9.25
N LEU A 63 -11.40 41.31 -10.51
CA LEU A 63 -10.22 41.31 -11.37
C LEU A 63 -9.68 42.68 -11.77
N THR A 64 -10.54 43.69 -11.82
CA THR A 64 -10.12 45.03 -12.22
C THR A 64 -9.86 46.00 -11.08
N ALA A 65 -9.70 45.50 -9.86
CA ALA A 65 -9.40 46.37 -8.72
C ALA A 65 -8.10 47.08 -9.05
N ASP A 66 -7.95 48.32 -8.59
CA ASP A 66 -6.75 49.11 -8.89
C ASP A 66 -5.42 48.38 -8.66
N ASP A 67 -4.34 48.97 -9.18
CA ASP A 67 -3.00 48.40 -9.08
C ASP A 67 -2.43 48.14 -7.69
N ARG A 68 -3.15 48.53 -6.64
CA ARG A 68 -2.67 48.28 -5.29
C ARG A 68 -2.62 46.78 -4.97
N VAL A 69 -3.45 46.00 -5.66
CA VAL A 69 -3.50 44.55 -5.43
C VAL A 69 -2.45 43.79 -6.22
N ASN A 70 -1.85 44.45 -7.22
CA ASN A 70 -0.85 43.80 -8.06
C ASN A 70 0.24 43.04 -7.29
N PRO A 71 0.98 43.72 -6.40
CA PRO A 71 2.02 43.03 -5.64
C PRO A 71 1.49 42.06 -4.58
N CYS A 72 0.16 42.02 -4.42
CA CYS A 72 -0.47 41.15 -3.43
C CYS A 72 -0.99 39.86 -4.06
N ILE A 73 -1.45 39.96 -5.30
CA ILE A 73 -2.04 38.82 -6.00
C ILE A 73 -1.12 38.17 -7.03
N GLY A 74 -0.61 36.98 -6.70
CA GLY A 74 0.28 36.27 -7.59
C GLY A 74 -0.48 35.35 -8.53
N GLY A 75 -1.69 34.97 -8.13
CA GLY A 75 -2.50 34.09 -8.95
C GLY A 75 -3.98 34.25 -8.70
N VAL A 76 -4.79 33.96 -9.72
CA VAL A 76 -6.23 34.06 -9.61
C VAL A 76 -6.87 32.81 -10.19
N ILE A 77 -7.60 32.08 -9.36
CA ILE A 77 -8.26 30.86 -9.80
C ILE A 77 -9.63 31.18 -10.35
N LEU A 78 -9.93 30.70 -11.54
CA LEU A 78 -11.23 30.94 -12.16
C LEU A 78 -11.97 29.66 -12.47
N PHE A 79 -13.27 29.79 -12.66
CA PHE A 79 -14.13 28.67 -13.03
C PHE A 79 -14.18 28.73 -14.55
N HIS A 80 -14.55 27.62 -15.20
CA HIS A 80 -14.59 27.55 -16.65
C HIS A 80 -15.27 28.74 -17.34
N GLU A 81 -16.49 29.04 -16.95
CA GLU A 81 -17.23 30.14 -17.55
C GLU A 81 -16.45 31.44 -17.59
N THR A 82 -15.95 31.86 -16.44
CA THR A 82 -15.21 33.11 -16.31
C THR A 82 -13.96 33.19 -17.18
N LEU A 83 -13.28 32.07 -17.35
CA LEU A 83 -12.05 32.04 -18.15
C LEU A 83 -12.31 32.57 -19.55
N TYR A 84 -13.56 32.46 -20.02
CA TYR A 84 -13.92 32.89 -21.35
C TYR A 84 -14.82 34.14 -21.42
N GLN A 85 -14.96 34.85 -20.31
CA GLN A 85 -15.76 36.08 -20.31
C GLN A 85 -14.83 37.26 -20.50
N LYS A 86 -15.39 38.44 -20.76
CA LYS A 86 -14.58 39.63 -20.99
C LYS A 86 -15.03 40.82 -20.15
N ALA A 87 -14.09 41.71 -19.87
CA ALA A 87 -14.40 42.91 -19.10
C ALA A 87 -15.21 43.84 -20.00
N ASP A 88 -15.68 44.95 -19.46
CA ASP A 88 -16.47 45.90 -20.24
C ASP A 88 -15.70 46.43 -21.44
N ASP A 89 -14.40 46.62 -21.29
CA ASP A 89 -13.57 47.15 -22.36
C ASP A 89 -13.25 46.09 -23.42
N GLY A 90 -13.87 44.93 -23.29
CA GLY A 90 -13.65 43.87 -24.25
C GLY A 90 -12.50 42.93 -23.98
N ARG A 91 -11.61 43.30 -23.06
CA ARG A 91 -10.46 42.45 -22.72
C ARG A 91 -10.86 41.14 -22.05
N PRO A 92 -10.30 40.00 -22.52
CA PRO A 92 -10.62 38.70 -21.92
C PRO A 92 -10.18 38.73 -20.46
N PHE A 93 -10.93 38.07 -19.58
CA PHE A 93 -10.58 38.09 -18.18
C PHE A 93 -9.15 37.62 -17.90
N PRO A 94 -8.71 36.53 -18.55
CA PRO A 94 -7.32 36.12 -18.26
C PRO A 94 -6.29 37.21 -18.63
N GLN A 95 -6.60 38.02 -19.65
CA GLN A 95 -5.69 39.09 -20.06
C GLN A 95 -5.68 40.18 -18.99
N VAL A 96 -6.84 40.40 -18.38
CA VAL A 96 -6.96 41.40 -17.33
C VAL A 96 -6.02 40.99 -16.20
N ILE A 97 -6.10 39.72 -15.82
CA ILE A 97 -5.28 39.19 -14.76
C ILE A 97 -3.78 39.28 -15.08
N LYS A 98 -3.39 38.91 -16.29
CA LYS A 98 -1.99 38.95 -16.68
C LYS A 98 -1.40 40.34 -16.68
N SER A 99 -2.17 41.33 -17.14
CA SER A 99 -1.71 42.72 -17.20
C SER A 99 -1.47 43.30 -15.82
N LYS A 100 -1.92 42.61 -14.77
CA LYS A 100 -1.72 43.09 -13.40
C LYS A 100 -0.65 42.27 -12.69
N GLY A 101 0.06 41.44 -13.47
CA GLY A 101 1.12 40.62 -12.91
C GLY A 101 0.70 39.32 -12.25
N GLY A 102 -0.54 38.91 -12.47
CA GLY A 102 -1.01 37.66 -11.89
C GLY A 102 -0.99 36.49 -12.84
N VAL A 103 -0.91 35.29 -12.29
CA VAL A 103 -0.92 34.05 -13.07
C VAL A 103 -2.38 33.59 -13.09
N VAL A 104 -2.84 33.10 -14.24
CA VAL A 104 -4.22 32.64 -14.36
C VAL A 104 -4.37 31.16 -14.01
N GLY A 105 -5.32 30.87 -13.11
CA GLY A 105 -5.57 29.50 -12.69
C GLY A 105 -6.96 29.05 -13.07
N ILE A 106 -7.14 27.74 -13.23
CA ILE A 106 -8.42 27.20 -13.61
C ILE A 106 -8.79 25.97 -12.77
N LYS A 107 -10.01 25.96 -12.22
CA LYS A 107 -10.47 24.81 -11.44
C LYS A 107 -10.82 23.72 -12.44
N VAL A 108 -10.36 22.48 -12.19
CA VAL A 108 -10.67 21.41 -13.13
C VAL A 108 -11.39 20.20 -12.55
N ASP A 109 -11.59 20.16 -11.24
CA ASP A 109 -12.30 19.02 -10.65
C ASP A 109 -13.78 19.19 -10.95
N LYS A 110 -14.55 18.12 -10.76
CA LYS A 110 -15.97 18.18 -11.01
C LYS A 110 -16.78 17.83 -9.78
N GLY A 111 -16.31 18.28 -8.63
CA GLY A 111 -17.03 18.04 -7.39
C GLY A 111 -16.79 16.70 -6.73
N VAL A 112 -17.22 16.59 -5.48
CA VAL A 112 -17.04 15.37 -4.72
C VAL A 112 -18.18 14.37 -5.00
N VAL A 113 -17.86 13.10 -4.84
CA VAL A 113 -18.82 12.01 -5.02
C VAL A 113 -18.68 11.10 -3.81
N PRO A 114 -19.79 10.51 -3.35
CA PRO A 114 -19.77 9.62 -2.19
C PRO A 114 -19.02 8.29 -2.37
N LEU A 115 -18.26 7.89 -1.35
CA LEU A 115 -17.53 6.63 -1.36
C LEU A 115 -18.39 5.60 -0.65
N ALA A 116 -18.92 4.66 -1.42
CA ALA A 116 -19.78 3.63 -0.85
C ALA A 116 -19.06 2.86 0.26
N GLY A 117 -19.80 2.47 1.29
CA GLY A 117 -19.20 1.73 2.37
C GLY A 117 -18.48 2.58 3.41
N THR A 118 -18.61 3.89 3.32
CA THR A 118 -17.95 4.76 4.29
C THR A 118 -19.00 5.58 5.03
N ASN A 119 -18.60 6.21 6.11
CA ASN A 119 -19.53 7.03 6.90
C ASN A 119 -19.59 8.43 6.33
N GLY A 120 -20.28 8.59 5.20
CA GLY A 120 -20.42 9.89 4.58
C GLY A 120 -19.16 10.51 4.00
N GLU A 121 -18.18 9.67 3.66
CA GLU A 121 -16.93 10.18 3.09
C GLU A 121 -17.01 10.29 1.58
N THR A 122 -16.09 11.05 0.98
CA THR A 122 -16.11 11.25 -0.45
C THR A 122 -14.72 11.22 -1.08
N THR A 123 -14.74 11.21 -2.41
CA THR A 123 -13.54 11.30 -3.22
C THR A 123 -13.98 12.37 -4.22
N THR A 124 -13.11 12.73 -5.15
CA THR A 124 -13.44 13.78 -6.12
C THR A 124 -13.31 13.27 -7.55
N GLN A 125 -14.23 13.67 -8.42
CA GLN A 125 -14.19 13.24 -9.82
C GLN A 125 -13.69 14.37 -10.73
N GLY A 126 -13.40 14.06 -11.98
CA GLY A 126 -12.94 15.09 -12.89
C GLY A 126 -11.75 14.71 -13.75
N LEU A 127 -11.31 13.46 -13.69
CA LEU A 127 -10.17 13.02 -14.49
C LEU A 127 -10.48 12.79 -15.98
N ASP A 128 -11.73 12.44 -16.28
CA ASP A 128 -12.13 12.16 -17.65
C ASP A 128 -11.89 13.30 -18.63
N GLY A 129 -11.07 13.03 -19.64
CA GLY A 129 -10.76 14.03 -20.64
C GLY A 129 -10.00 15.22 -20.08
N LEU A 130 -9.39 15.05 -18.91
CA LEU A 130 -8.65 16.14 -18.27
C LEU A 130 -7.40 16.58 -19.05
N SER A 131 -6.74 15.65 -19.71
CA SER A 131 -5.54 16.02 -20.46
C SER A 131 -5.89 16.98 -21.58
N GLU A 132 -6.94 16.66 -22.34
CA GLU A 132 -7.38 17.52 -23.43
C GLU A 132 -7.84 18.86 -22.89
N ARG A 133 -8.50 18.84 -21.73
CA ARG A 133 -8.97 20.07 -21.11
C ARG A 133 -7.80 20.96 -20.72
N CYS A 134 -6.79 20.38 -20.08
CA CYS A 134 -5.62 21.14 -19.65
C CYS A 134 -4.87 21.74 -20.85
N ALA A 135 -4.79 20.99 -21.94
CA ALA A 135 -4.09 21.48 -23.13
C ALA A 135 -4.85 22.68 -23.70
N GLN A 136 -6.17 22.63 -23.64
CA GLN A 136 -6.97 23.74 -24.15
C GLN A 136 -6.85 24.92 -23.20
N TYR A 137 -6.92 24.64 -21.91
CA TYR A 137 -6.81 25.70 -20.90
C TYR A 137 -5.45 26.39 -20.99
N LYS A 138 -4.39 25.59 -21.15
CA LYS A 138 -3.04 26.14 -21.26
C LYS A 138 -3.03 27.09 -22.45
N LYS A 139 -3.60 26.63 -23.55
CA LYS A 139 -3.67 27.41 -24.78
C LYS A 139 -4.46 28.70 -24.59
N ASP A 140 -5.50 28.66 -23.78
CA ASP A 140 -6.31 29.84 -23.56
C ASP A 140 -5.86 30.74 -22.41
N GLY A 141 -4.62 30.61 -21.98
CA GLY A 141 -4.11 31.48 -20.93
C GLY A 141 -3.90 31.00 -19.51
N ALA A 142 -4.36 29.79 -19.16
CA ALA A 142 -4.17 29.29 -17.79
C ALA A 142 -2.80 28.65 -17.60
N ASP A 143 -2.18 28.89 -16.44
CA ASP A 143 -0.87 28.31 -16.15
C ASP A 143 -0.87 27.38 -14.94
N PHE A 144 -1.93 27.43 -14.16
CA PHE A 144 -2.08 26.52 -13.04
C PHE A 144 -3.52 26.05 -12.88
N ALA A 145 -3.70 24.97 -12.11
CA ALA A 145 -5.06 24.46 -11.91
C ALA A 145 -5.33 24.17 -10.44
N LYS A 146 -6.59 23.91 -10.13
CA LYS A 146 -7.02 23.59 -8.77
C LYS A 146 -7.94 22.38 -8.79
N TRP A 147 -7.81 21.53 -7.78
CA TRP A 147 -8.62 20.33 -7.64
C TRP A 147 -8.80 20.14 -6.14
N ARG A 148 -10.05 20.06 -5.70
CA ARG A 148 -10.33 19.95 -4.29
C ARG A 148 -10.85 18.60 -3.81
N CYS A 149 -10.15 18.03 -2.83
CA CYS A 149 -10.56 16.77 -2.21
C CYS A 149 -11.02 17.17 -0.81
N VAL A 150 -12.01 16.47 -0.28
CA VAL A 150 -12.55 16.80 1.03
C VAL A 150 -12.54 15.60 1.96
N LEU A 151 -11.95 15.78 3.14
CA LEU A 151 -11.86 14.73 4.15
C LEU A 151 -12.48 15.29 5.42
N LYS A 152 -13.04 14.44 6.27
CA LYS A 152 -13.65 14.92 7.50
C LYS A 152 -13.21 14.15 8.73
N ILE A 153 -12.98 14.87 9.82
CA ILE A 153 -12.57 14.25 11.07
C ILE A 153 -13.83 13.85 11.80
N GLY A 154 -13.91 12.58 12.20
CA GLY A 154 -15.07 12.09 12.90
C GLY A 154 -14.72 10.85 13.70
N GLU A 155 -15.74 10.14 14.18
CA GLU A 155 -15.53 8.95 14.99
C GLU A 155 -14.68 7.87 14.29
N HIS A 156 -14.90 7.68 13.00
CA HIS A 156 -14.12 6.68 12.27
C HIS A 156 -13.54 7.24 10.98
N THR A 157 -13.49 8.56 10.88
CA THR A 157 -12.98 9.24 9.70
C THR A 157 -11.88 10.23 10.03
N PRO A 158 -10.96 10.48 9.07
CA PRO A 158 -10.96 9.84 7.74
C PRO A 158 -10.48 8.38 7.77
N SER A 159 -11.16 7.53 7.02
CA SER A 159 -10.82 6.11 6.96
C SER A 159 -9.66 5.85 6.03
N ALA A 160 -9.08 4.66 6.15
CA ALA A 160 -7.96 4.28 5.30
C ALA A 160 -8.33 4.44 3.82
N LEU A 161 -9.51 3.94 3.46
CA LEU A 161 -9.96 4.05 2.07
C LEU A 161 -10.00 5.51 1.60
N ALA A 162 -10.64 6.39 2.38
CA ALA A 162 -10.75 7.80 2.02
C ALA A 162 -9.39 8.46 1.87
N ILE A 163 -8.48 8.19 2.78
CA ILE A 163 -7.16 8.79 2.70
C ILE A 163 -6.41 8.31 1.45
N MET A 164 -6.41 7.01 1.23
CA MET A 164 -5.71 6.42 0.08
C MET A 164 -6.30 6.85 -1.27
N GLU A 165 -7.62 6.79 -1.40
CA GLU A 165 -8.30 7.17 -2.65
C GLU A 165 -8.16 8.64 -3.02
N ASN A 166 -8.37 9.54 -2.06
CA ASN A 166 -8.24 10.95 -2.36
C ASN A 166 -6.77 11.29 -2.69
N ALA A 167 -5.84 10.65 -2.00
CA ALA A 167 -4.43 10.88 -2.26
C ALA A 167 -4.11 10.42 -3.68
N ASN A 168 -4.66 9.27 -4.06
CA ASN A 168 -4.40 8.74 -5.39
C ASN A 168 -5.00 9.59 -6.48
N VAL A 169 -6.23 10.07 -6.27
CA VAL A 169 -6.89 10.88 -7.28
C VAL A 169 -6.18 12.23 -7.44
N LEU A 170 -5.66 12.75 -6.33
CA LEU A 170 -4.94 14.02 -6.40
C LEU A 170 -3.67 13.81 -7.24
N ALA A 171 -3.04 12.65 -7.07
CA ALA A 171 -1.82 12.31 -7.80
C ALA A 171 -2.07 12.14 -9.30
N ARG A 172 -3.23 11.57 -9.66
CA ARG A 172 -3.59 11.38 -11.06
C ARG A 172 -3.78 12.76 -11.67
N TYR A 173 -4.54 13.60 -10.98
CA TYR A 173 -4.83 14.96 -11.42
C TYR A 173 -3.55 15.77 -11.64
N ALA A 174 -2.63 15.67 -10.69
CA ALA A 174 -1.38 16.41 -10.78
C ALA A 174 -0.51 15.96 -11.95
N SER A 175 -0.47 14.64 -12.19
CA SER A 175 0.33 14.08 -13.28
C SER A 175 -0.14 14.59 -14.63
N ILE A 176 -1.45 14.57 -14.85
CA ILE A 176 -2.01 15.01 -16.12
C ILE A 176 -1.75 16.50 -16.31
N CYS A 177 -1.88 17.28 -15.24
CA CYS A 177 -1.61 18.71 -15.32
C CYS A 177 -0.17 18.97 -15.78
N GLN A 178 0.79 18.35 -15.11
CA GLN A 178 2.18 18.58 -15.44
C GLN A 178 2.53 18.18 -16.87
N GLN A 179 1.77 17.25 -17.42
CA GLN A 179 2.01 16.83 -18.80
C GLN A 179 1.59 17.91 -19.79
N ASN A 180 0.78 18.85 -19.33
CA ASN A 180 0.32 19.92 -20.20
C ASN A 180 0.79 21.32 -19.84
N GLY A 181 1.91 21.40 -19.13
CA GLY A 181 2.44 22.70 -18.74
C GLY A 181 1.64 23.44 -17.69
N ILE A 182 0.77 22.73 -16.97
CA ILE A 182 -0.06 23.34 -15.92
C ILE A 182 0.43 22.94 -14.53
N VAL A 183 0.63 23.93 -13.66
CA VAL A 183 1.08 23.66 -12.29
C VAL A 183 -0.14 23.25 -11.47
N PRO A 184 -0.12 22.04 -10.90
CA PRO A 184 -1.26 21.59 -10.10
C PRO A 184 -1.18 22.03 -8.64
N ILE A 185 -2.27 22.57 -8.13
CA ILE A 185 -2.34 22.94 -6.73
C ILE A 185 -3.05 21.75 -6.10
N VAL A 186 -2.37 21.03 -5.22
CA VAL A 186 -2.92 19.86 -4.55
C VAL A 186 -3.69 20.28 -3.30
N GLU A 187 -5.01 20.17 -3.33
CA GLU A 187 -5.82 20.57 -2.18
C GLU A 187 -6.53 19.43 -1.44
N PRO A 188 -5.90 18.91 -0.37
CA PRO A 188 -6.46 17.84 0.44
C PRO A 188 -7.05 18.52 1.68
N GLU A 189 -8.22 19.13 1.54
CA GLU A 189 -8.82 19.82 2.65
C GLU A 189 -9.47 18.94 3.71
N ILE A 190 -9.05 19.14 4.95
CA ILE A 190 -9.63 18.42 6.06
C ILE A 190 -10.57 19.43 6.71
N LEU A 191 -11.86 19.15 6.68
CA LEU A 191 -12.84 20.07 7.26
C LEU A 191 -12.65 20.25 8.76
N PRO A 192 -13.01 21.44 9.28
CA PRO A 192 -12.88 21.73 10.70
C PRO A 192 -14.10 21.29 11.50
N ASP A 193 -15.13 20.81 10.81
CA ASP A 193 -16.36 20.35 11.46
C ASP A 193 -16.07 19.34 12.56
N GLY A 194 -16.77 19.48 13.69
CA GLY A 194 -16.58 18.56 14.80
C GLY A 194 -16.11 19.25 16.07
N ASP A 195 -15.94 18.48 17.13
CA ASP A 195 -15.50 19.05 18.41
C ASP A 195 -14.11 18.54 18.81
N HIS A 196 -13.40 17.95 17.86
CA HIS A 196 -12.05 17.45 18.11
C HIS A 196 -11.16 18.62 18.49
N ASP A 197 -10.06 18.36 19.18
CA ASP A 197 -9.14 19.42 19.58
C ASP A 197 -8.04 19.65 18.55
N LEU A 198 -7.16 20.59 18.85
CA LEU A 198 -6.05 20.95 17.96
C LEU A 198 -5.11 19.80 17.67
N LYS A 199 -4.87 18.97 18.68
CA LYS A 199 -3.97 17.83 18.54
C LYS A 199 -4.52 16.80 17.55
N ARG A 200 -5.84 16.60 17.57
CA ARG A 200 -6.49 15.65 16.67
C ARG A 200 -6.34 16.13 15.23
N CYS A 201 -6.61 17.40 15.00
CA CYS A 201 -6.49 17.95 13.66
C CYS A 201 -5.06 17.84 13.17
N GLN A 202 -4.10 18.11 14.04
CA GLN A 202 -2.69 18.04 13.67
C GLN A 202 -2.31 16.62 13.28
N TYR A 203 -2.83 15.66 14.04
CA TYR A 203 -2.55 14.25 13.79
C TYR A 203 -3.09 13.80 12.44
N VAL A 204 -4.35 14.10 12.18
CA VAL A 204 -4.99 13.71 10.92
C VAL A 204 -4.31 14.41 9.76
N THR A 205 -3.96 15.68 9.94
CA THR A 205 -3.31 16.43 8.88
C THR A 205 -1.97 15.79 8.52
N GLU A 206 -1.20 15.40 9.53
CA GLU A 206 0.09 14.76 9.29
C GLU A 206 -0.08 13.44 8.54
N LYS A 207 -1.09 12.67 8.92
CA LYS A 207 -1.36 11.39 8.26
C LYS A 207 -1.80 11.60 6.83
N VAL A 208 -2.68 12.57 6.62
CA VAL A 208 -3.16 12.85 5.28
C VAL A 208 -2.06 13.34 4.35
N LEU A 209 -1.27 14.30 4.81
CA LEU A 209 -0.20 14.83 3.98
C LEU A 209 0.87 13.80 3.67
N ALA A 210 1.12 12.88 4.60
CA ALA A 210 2.10 11.82 4.39
C ALA A 210 1.63 10.93 3.24
N ALA A 211 0.34 10.62 3.22
CA ALA A 211 -0.25 9.79 2.15
C ALA A 211 -0.25 10.55 0.84
N VAL A 212 -0.54 11.84 0.90
CA VAL A 212 -0.57 12.65 -0.31
C VAL A 212 0.83 12.67 -0.98
N TYR A 213 1.89 12.92 -0.17
CA TYR A 213 3.24 13.00 -0.78
C TYR A 213 3.79 11.64 -1.18
N LYS A 214 3.33 10.53 -0.57
CA LYS A 214 3.73 9.19 -1.01
C LYS A 214 3.10 8.91 -2.36
N ALA A 215 1.82 9.26 -2.47
CA ALA A 215 1.08 9.08 -3.73
C ALA A 215 1.70 9.92 -4.87
N LEU A 216 2.05 11.17 -4.58
CA LEU A 216 2.64 12.01 -5.61
C LEU A 216 3.95 11.39 -6.08
N SER A 217 4.68 10.77 -5.15
CA SER A 217 5.93 10.10 -5.49
C SER A 217 5.68 8.88 -6.37
N ASP A 218 4.67 8.08 -6.00
CA ASP A 218 4.33 6.88 -6.77
C ASP A 218 3.93 7.22 -8.19
N HIS A 219 3.28 8.37 -8.36
CA HIS A 219 2.83 8.81 -9.67
C HIS A 219 3.86 9.68 -10.39
N HIS A 220 5.08 9.73 -9.88
CA HIS A 220 6.18 10.48 -10.50
C HIS A 220 5.92 11.98 -10.65
N ILE A 221 5.37 12.60 -9.62
CA ILE A 221 5.09 14.03 -9.67
C ILE A 221 6.32 14.89 -9.33
N TYR A 222 6.50 15.96 -10.10
CA TYR A 222 7.61 16.90 -9.92
C TYR A 222 7.14 17.94 -8.89
N LEU A 223 7.58 17.76 -7.64
CA LEU A 223 7.18 18.64 -6.54
C LEU A 223 7.51 20.12 -6.69
N GLU A 224 8.64 20.44 -7.31
CA GLU A 224 9.01 21.83 -7.51
C GLU A 224 7.99 22.52 -8.41
N GLY A 225 7.28 21.71 -9.19
CA GLY A 225 6.27 22.25 -10.10
C GLY A 225 4.86 22.07 -9.58
N THR A 226 4.70 22.08 -8.25
CA THR A 226 3.37 21.94 -7.63
C THR A 226 3.25 22.91 -6.46
N LEU A 227 2.03 23.05 -5.95
CA LEU A 227 1.76 23.87 -4.78
C LEU A 227 0.79 23.04 -3.91
N LEU A 228 0.81 23.27 -2.61
CA LEU A 228 -0.08 22.56 -1.70
C LEU A 228 -1.08 23.55 -1.13
N LYS A 229 -2.35 23.17 -1.10
CA LYS A 229 -3.40 24.03 -0.54
C LYS A 229 -4.07 23.23 0.57
N PRO A 230 -3.46 23.21 1.76
CA PRO A 230 -4.00 22.47 2.90
C PRO A 230 -4.79 23.37 3.83
N ASN A 231 -5.45 22.74 4.78
CA ASN A 231 -6.18 23.46 5.80
C ASN A 231 -5.13 23.84 6.83
N MET A 232 -5.35 24.93 7.55
CA MET A 232 -4.43 25.28 8.61
C MET A 232 -4.82 24.25 9.66
N VAL A 233 -3.94 23.98 10.63
CA VAL A 233 -4.27 23.04 11.69
C VAL A 233 -4.96 23.84 12.79
N THR A 234 -6.23 23.53 13.01
CA THR A 234 -7.03 24.24 14.00
C THR A 234 -7.92 23.26 14.76
N PRO A 235 -8.49 23.72 15.89
CA PRO A 235 -9.37 22.82 16.64
C PRO A 235 -10.68 22.79 15.86
N GLY A 236 -11.53 21.80 16.14
CA GLY A 236 -12.80 21.72 15.45
C GLY A 236 -13.67 22.92 15.81
N HIS A 237 -14.68 23.20 15.01
CA HIS A 237 -15.56 24.34 15.28
C HIS A 237 -16.28 24.26 16.62
N ALA A 238 -16.59 23.05 17.08
CA ALA A 238 -17.29 22.86 18.34
C ALA A 238 -16.36 22.53 19.50
N CYS A 239 -15.05 22.66 19.28
CA CYS A 239 -14.09 22.38 20.34
C CYS A 239 -14.34 23.34 21.52
N THR A 240 -14.16 22.85 22.73
CA THR A 240 -14.37 23.66 23.93
C THR A 240 -13.08 24.27 24.46
N GLN A 241 -11.94 23.84 23.93
CA GLN A 241 -10.68 24.38 24.39
C GLN A 241 -10.29 25.65 23.65
N LYS A 242 -9.67 26.57 24.38
CA LYS A 242 -9.24 27.85 23.83
C LYS A 242 -7.78 27.73 23.40
N TYR A 243 -7.44 28.38 22.29
CA TYR A 243 -6.07 28.37 21.79
C TYR A 243 -5.70 29.74 21.27
N SER A 244 -4.41 30.05 21.25
CA SER A 244 -3.94 31.32 20.73
C SER A 244 -3.55 31.10 19.28
N HIS A 245 -3.38 32.18 18.54
CA HIS A 245 -2.98 32.10 17.14
C HIS A 245 -1.59 31.50 17.03
N GLU A 246 -0.77 31.71 18.05
CA GLU A 246 0.59 31.19 18.07
C GLU A 246 0.56 29.66 18.14
N GLU A 247 -0.40 29.13 18.87
CA GLU A 247 -0.54 27.69 19.02
C GLU A 247 -1.02 27.09 17.70
N ILE A 248 -1.98 27.75 17.07
CA ILE A 248 -2.51 27.30 15.79
C ILE A 248 -1.36 27.28 14.78
N ALA A 249 -0.51 28.31 14.85
CA ALA A 249 0.63 28.44 13.95
C ALA A 249 1.67 27.35 14.20
N MET A 250 1.96 27.09 15.46
CA MET A 250 2.94 26.08 15.83
C MET A 250 2.49 24.70 15.36
N ALA A 251 1.19 24.41 15.52
CA ALA A 251 0.64 23.13 15.12
C ALA A 251 0.61 22.97 13.60
N THR A 252 0.32 24.08 12.91
CA THR A 252 0.27 24.06 11.45
C THR A 252 1.66 23.86 10.87
N VAL A 253 2.61 24.69 11.29
CA VAL A 253 3.98 24.60 10.78
C VAL A 253 4.64 23.28 11.15
N THR A 254 4.29 22.75 12.32
CA THR A 254 4.87 21.48 12.78
C THR A 254 4.35 20.35 11.88
N ALA A 255 3.06 20.37 11.58
CA ALA A 255 2.48 19.34 10.75
C ALA A 255 3.17 19.38 9.39
N LEU A 256 3.31 20.58 8.83
CA LEU A 256 3.93 20.75 7.53
C LEU A 256 5.38 20.32 7.52
N ARG A 257 6.15 20.74 8.53
CA ARG A 257 7.56 20.38 8.61
C ARG A 257 7.76 18.86 8.64
N ARG A 258 6.76 18.15 9.14
CA ARG A 258 6.83 16.70 9.26
C ARG A 258 6.37 15.91 8.05
N THR A 259 5.86 16.58 7.02
CA THR A 259 5.35 15.86 5.86
C THR A 259 5.59 16.44 4.46
N VAL A 260 5.69 17.76 4.37
CA VAL A 260 5.88 18.42 3.09
C VAL A 260 7.35 18.60 2.72
N PRO A 261 7.83 17.81 1.75
CA PRO A 261 9.22 17.90 1.32
C PRO A 261 9.60 19.35 0.97
N PRO A 262 10.85 19.74 1.28
CA PRO A 262 11.33 21.08 0.98
C PRO A 262 11.19 21.47 -0.49
N ALA A 263 11.17 20.47 -1.37
CA ALA A 263 11.06 20.72 -2.81
C ALA A 263 9.74 21.35 -3.23
N VAL A 264 8.67 21.14 -2.45
CA VAL A 264 7.38 21.76 -2.78
C VAL A 264 7.61 23.27 -2.77
N THR A 265 7.26 23.94 -3.86
CA THR A 265 7.50 25.38 -3.97
C THR A 265 6.74 26.30 -3.01
N GLY A 266 5.50 25.97 -2.70
CA GLY A 266 4.74 26.81 -1.78
C GLY A 266 3.49 26.19 -1.19
N VAL A 267 3.01 26.78 -0.11
CA VAL A 267 1.81 26.32 0.58
C VAL A 267 0.81 27.47 0.57
N THR A 268 -0.32 27.27 -0.10
CA THR A 268 -1.36 28.30 -0.19
C THR A 268 -2.58 27.85 0.63
N PHE A 269 -2.58 28.26 1.89
CA PHE A 269 -3.65 27.92 2.84
C PHE A 269 -5.07 28.31 2.45
N LEU A 270 -6.00 27.41 2.74
CA LEU A 270 -7.42 27.70 2.51
C LEU A 270 -7.83 28.25 3.88
N SER A 271 -8.89 29.04 3.95
CA SER A 271 -9.29 29.61 5.24
C SER A 271 -10.60 29.05 5.81
N GLY A 272 -11.26 28.18 5.06
CA GLY A 272 -12.51 27.61 5.54
C GLY A 272 -13.55 28.63 5.95
N GLY A 273 -14.11 28.46 7.15
CA GLY A 273 -15.12 29.38 7.63
C GLY A 273 -14.60 30.53 8.48
N GLN A 274 -13.29 30.72 8.49
CA GLN A 274 -12.69 31.81 9.27
C GLN A 274 -13.12 33.17 8.73
N SER A 275 -13.18 34.17 9.59
CA SER A 275 -13.55 35.51 9.17
C SER A 275 -12.35 36.10 8.42
N GLU A 276 -12.59 37.14 7.63
CA GLU A 276 -11.52 37.78 6.87
C GLU A 276 -10.34 38.14 7.78
N GLU A 277 -10.64 38.74 8.92
CA GLU A 277 -9.59 39.13 9.85
C GLU A 277 -8.86 37.93 10.40
N GLU A 278 -9.64 36.96 10.90
CA GLU A 278 -9.09 35.72 11.47
C GLU A 278 -8.11 35.05 10.52
N ALA A 279 -8.50 34.91 9.26
CA ALA A 279 -7.67 34.28 8.25
C ALA A 279 -6.35 35.01 8.07
N SER A 280 -6.38 36.33 8.21
CA SER A 280 -5.17 37.14 8.05
C SER A 280 -4.26 37.01 9.27
N ILE A 281 -4.84 37.05 10.46
CA ILE A 281 -4.08 36.94 11.69
C ILE A 281 -3.40 35.56 11.81
N ASN A 282 -4.12 34.51 11.46
CA ASN A 282 -3.53 33.18 11.53
C ASN A 282 -2.40 33.00 10.52
N LEU A 283 -2.58 33.48 9.30
CA LEU A 283 -1.52 33.35 8.29
C LEU A 283 -0.30 34.12 8.76
N ASN A 284 -0.54 35.25 9.43
CA ASN A 284 0.53 36.09 9.93
C ASN A 284 1.31 35.33 11.02
N ALA A 285 0.57 34.71 11.94
CA ALA A 285 1.19 33.96 13.01
C ALA A 285 1.99 32.80 12.44
N ILE A 286 1.46 32.18 11.39
CA ILE A 286 2.13 31.06 10.75
C ILE A 286 3.49 31.51 10.21
N ASN A 287 3.55 32.69 9.61
CA ASN A 287 4.82 33.20 9.09
C ASN A 287 5.76 33.74 10.16
N LYS A 288 5.27 33.89 11.39
CA LYS A 288 6.11 34.37 12.47
C LYS A 288 6.60 33.22 13.34
N CYS A 289 6.04 32.03 13.12
CA CYS A 289 6.43 30.86 13.89
C CYS A 289 7.95 30.70 13.77
N PRO A 290 8.64 30.53 14.91
CA PRO A 290 10.10 30.38 15.03
C PRO A 290 10.73 29.26 14.21
N LEU A 291 9.99 28.18 13.99
CA LEU A 291 10.52 27.04 13.24
C LEU A 291 10.94 27.43 11.83
N LEU A 292 11.82 26.61 11.24
CA LEU A 292 12.30 26.86 9.89
C LEU A 292 11.24 26.39 8.89
N LYS A 293 10.91 27.24 7.92
CA LYS A 293 9.93 26.92 6.89
C LYS A 293 10.61 27.03 5.52
N PRO A 294 10.93 25.88 4.91
CA PRO A 294 11.59 25.84 3.60
C PRO A 294 10.70 26.11 2.40
N TRP A 295 9.44 26.50 2.62
CA TRP A 295 8.54 26.79 1.52
C TRP A 295 7.76 28.08 1.80
N ALA A 296 7.25 28.71 0.74
CA ALA A 296 6.47 29.92 0.92
C ALA A 296 5.19 29.52 1.65
N LEU A 297 4.74 30.38 2.54
CA LEU A 297 3.53 30.14 3.31
C LEU A 297 2.61 31.32 3.07
N THR A 298 1.70 31.17 2.12
CA THR A 298 0.80 32.25 1.79
C THR A 298 -0.68 31.86 1.77
N PHE A 299 -1.47 32.61 1.00
CA PHE A 299 -2.91 32.37 0.96
C PHE A 299 -3.51 32.03 -0.40
N SER A 300 -4.67 31.38 -0.34
CA SER A 300 -5.46 31.05 -1.52
C SER A 300 -6.86 31.20 -0.92
N TYR A 301 -7.30 32.45 -0.78
CA TYR A 301 -8.60 32.73 -0.18
C TYR A 301 -9.73 33.11 -1.12
N GLY A 302 -10.92 32.60 -0.79
CA GLY A 302 -12.10 32.91 -1.56
C GLY A 302 -12.88 33.89 -0.71
N ARG A 303 -13.70 33.33 0.17
CA ARG A 303 -14.53 34.12 1.07
C ARG A 303 -13.71 35.10 1.91
N ALA A 304 -12.52 34.69 2.33
CA ALA A 304 -11.65 35.52 3.16
C ALA A 304 -11.14 36.76 2.44
N LEU A 305 -11.32 36.81 1.12
CA LEU A 305 -10.91 37.96 0.34
C LEU A 305 -12.13 38.66 -0.27
N GLN A 306 -13.23 37.92 -0.41
CA GLN A 306 -14.45 38.44 -1.04
C GLN A 306 -15.67 38.79 -0.17
N ALA A 307 -15.77 38.22 1.03
CA ALA A 307 -16.92 38.44 1.91
C ALA A 307 -17.47 39.87 1.94
N SER A 308 -16.68 40.80 2.44
CA SER A 308 -17.10 42.19 2.52
C SER A 308 -17.34 42.82 1.16
N ALA A 309 -16.49 42.48 0.20
CA ALA A 309 -16.64 43.03 -1.15
C ALA A 309 -18.00 42.63 -1.75
N LEU A 310 -18.41 41.38 -1.53
CA LEU A 310 -19.68 40.91 -2.06
C LEU A 310 -20.82 41.76 -1.50
N LYS A 311 -20.90 41.86 -0.17
CA LYS A 311 -21.94 42.63 0.46
C LYS A 311 -21.90 44.11 0.08
N ALA A 312 -20.70 44.71 0.09
CA ALA A 312 -20.53 46.11 -0.26
C ALA A 312 -21.09 46.40 -1.66
N TRP A 313 -21.00 45.41 -2.54
CA TRP A 313 -21.49 45.56 -3.89
C TRP A 313 -23.01 45.47 -3.93
N GLY A 314 -23.55 44.37 -3.39
CA GLY A 314 -25.00 44.19 -3.37
C GLY A 314 -25.68 44.33 -4.71
N GLY A 315 -25.04 43.88 -5.77
CA GLY A 315 -25.63 43.95 -7.10
C GLY A 315 -25.81 45.34 -7.68
N LYS A 316 -25.45 46.38 -6.93
CA LYS A 316 -25.60 47.75 -7.41
C LYS A 316 -24.38 48.19 -8.21
N LYS A 317 -24.61 48.74 -9.39
CA LYS A 317 -23.52 49.20 -10.25
C LYS A 317 -22.69 50.29 -9.60
N GLU A 318 -23.36 51.19 -8.88
CA GLU A 318 -22.66 52.30 -8.24
C GLU A 318 -21.81 51.90 -7.04
N ASN A 319 -21.96 50.66 -6.59
CA ASN A 319 -21.18 50.18 -5.45
C ASN A 319 -19.87 49.53 -5.90
N LEU A 320 -19.58 49.63 -7.20
CA LEU A 320 -18.37 49.04 -7.77
C LEU A 320 -17.10 49.41 -7.02
N LYS A 321 -16.87 50.71 -6.88
CA LYS A 321 -15.67 51.22 -6.21
C LYS A 321 -15.57 50.83 -4.74
N ALA A 322 -16.67 50.96 -4.00
CA ALA A 322 -16.68 50.62 -2.58
C ALA A 322 -16.44 49.11 -2.40
N ALA A 323 -17.04 48.31 -3.26
CA ALA A 323 -16.87 46.86 -3.21
C ALA A 323 -15.41 46.51 -3.45
N GLN A 324 -14.82 47.11 -4.48
CA GLN A 324 -13.42 46.86 -4.82
C GLN A 324 -12.52 47.27 -3.66
N GLU A 325 -12.91 48.33 -2.95
CA GLU A 325 -12.12 48.82 -1.83
C GLU A 325 -12.04 47.76 -0.73
N GLU A 326 -13.12 47.03 -0.51
CA GLU A 326 -13.15 46.00 0.52
C GLU A 326 -12.20 44.84 0.17
N TYR A 327 -12.19 44.47 -1.10
CA TYR A 327 -11.31 43.41 -1.58
C TYR A 327 -9.85 43.88 -1.46
N VAL A 328 -9.59 45.12 -1.89
CA VAL A 328 -8.25 45.68 -1.83
C VAL A 328 -7.69 45.65 -0.41
N LYS A 329 -8.52 46.03 0.56
CA LYS A 329 -8.10 46.03 1.95
C LYS A 329 -7.70 44.62 2.40
N ARG A 330 -8.41 43.60 1.96
CA ARG A 330 -8.06 42.23 2.34
C ARG A 330 -6.81 41.77 1.59
N ALA A 331 -6.68 42.22 0.35
CA ALA A 331 -5.52 41.86 -0.47
C ALA A 331 -4.25 42.36 0.21
N LEU A 332 -4.28 43.62 0.65
CA LEU A 332 -3.14 44.23 1.33
C LEU A 332 -2.85 43.55 2.66
N ALA A 333 -3.92 43.27 3.42
CA ALA A 333 -3.76 42.62 4.72
C ALA A 333 -3.07 41.27 4.59
N ASN A 334 -3.55 40.45 3.65
CA ASN A 334 -2.95 39.13 3.49
C ASN A 334 -1.58 39.14 2.81
N SER A 335 -1.28 40.22 2.08
CA SER A 335 0.03 40.33 1.44
C SER A 335 1.04 40.54 2.57
N LEU A 336 0.63 41.32 3.57
CA LEU A 336 1.46 41.59 4.73
C LEU A 336 1.57 40.32 5.57
N ALA A 337 0.44 39.64 5.75
CA ALA A 337 0.39 38.43 6.55
C ALA A 337 1.27 37.30 6.03
N CYS A 338 1.33 37.14 4.69
CA CYS A 338 2.15 36.07 4.12
C CYS A 338 3.65 36.37 4.24
N GLN A 339 3.96 37.53 4.82
CA GLN A 339 5.35 37.93 5.04
C GLN A 339 5.53 38.13 6.55
N GLY A 340 4.47 37.82 7.32
CA GLY A 340 4.54 37.97 8.75
C GLY A 340 4.62 39.42 9.22
N LYS A 341 4.14 40.35 8.38
CA LYS A 341 4.20 41.77 8.71
C LYS A 341 2.84 42.41 8.96
N TYR A 342 1.85 41.59 9.31
CA TYR A 342 0.50 42.11 9.56
C TYR A 342 0.21 42.23 11.04
N THR A 343 -0.13 43.43 11.48
CA THR A 343 -0.42 43.67 12.89
C THR A 343 -1.55 44.67 13.05
N PRO A 344 -2.80 44.20 13.05
CA PRO A 344 -3.98 45.06 13.21
C PRO A 344 -4.13 45.51 14.65
N SER A 345 -5.19 46.25 14.95
CA SER A 345 -5.43 46.73 16.31
C SER A 345 -6.50 45.90 17.02
N GLY A 346 -6.06 44.96 17.85
CA GLY A 346 -7.00 44.12 18.57
C GLY A 346 -6.30 43.30 19.65
N GLU A 354 -16.07 35.26 18.29
CA GLU A 354 -17.31 34.57 18.66
C GLU A 354 -16.98 33.18 19.21
N SER A 355 -16.84 33.09 20.53
CA SER A 355 -16.52 31.82 21.17
C SER A 355 -17.68 31.24 21.98
N LEU A 356 -18.70 30.76 21.29
CA LEU A 356 -19.86 30.16 21.95
C LEU A 356 -19.49 28.78 22.45
N PHE A 357 -18.69 28.07 21.67
CA PHE A 357 -18.28 26.71 22.02
C PHE A 357 -17.22 26.68 23.10
N ILE A 358 -16.94 27.84 23.67
CA ILE A 358 -15.97 27.98 24.74
C ILE A 358 -16.73 28.36 26.02
N SER A 359 -17.88 28.98 25.85
CA SER A 359 -18.71 29.43 26.97
C SER A 359 -19.34 28.25 27.72
N ASN A 360 -19.95 28.52 28.87
CA ASN A 360 -20.58 27.48 29.66
C ASN A 360 -21.81 26.91 28.96
N HIS A 361 -22.19 27.52 27.84
CA HIS A 361 -23.34 27.05 27.08
C HIS A 361 -22.98 25.80 26.28
N ALA A 362 -21.68 25.54 26.14
CA ALA A 362 -21.19 24.38 25.40
C ALA A 362 -20.94 23.22 26.37
N TYR A 363 -21.49 23.33 27.57
CA TYR A 363 -21.35 22.30 28.59
C TYR A 363 -22.72 21.85 29.05
N PRO B 1 -11.85 0.04 10.89
CA PRO B 1 -12.17 -1.26 11.51
C PRO B 1 -13.67 -1.37 11.81
N HIS B 2 -14.41 -0.35 11.37
CA HIS B 2 -15.86 -0.30 11.57
C HIS B 2 -16.62 -0.42 10.27
N SER B 3 -17.64 -1.28 10.26
CA SER B 3 -18.44 -1.52 9.08
C SER B 3 -19.54 -0.49 8.81
N HIS B 4 -19.65 -0.09 7.55
CA HIS B 4 -20.66 0.87 7.10
C HIS B 4 -21.30 0.27 5.85
N PRO B 5 -22.08 -0.81 6.02
CA PRO B 5 -22.75 -1.51 4.93
C PRO B 5 -22.98 -0.69 3.67
N ALA B 6 -22.22 -1.01 2.63
CA ALA B 6 -22.36 -0.31 1.36
C ALA B 6 -23.63 -0.79 0.68
N LEU B 7 -24.01 -2.03 0.95
CA LEU B 7 -25.19 -2.63 0.35
C LEU B 7 -26.07 -3.34 1.38
N THR B 8 -27.38 -3.33 1.14
CA THR B 8 -28.34 -3.99 2.01
C THR B 8 -28.50 -5.43 1.49
N PRO B 9 -29.16 -6.30 2.28
CA PRO B 9 -29.37 -7.69 1.85
C PRO B 9 -30.14 -7.77 0.54
N GLU B 10 -31.12 -6.89 0.38
CA GLU B 10 -31.93 -6.86 -0.84
C GLU B 10 -31.05 -6.50 -2.04
N GLN B 11 -30.15 -5.55 -1.86
CA GLN B 11 -29.27 -5.11 -2.94
C GLN B 11 -28.28 -6.22 -3.30
N LYS B 12 -27.74 -6.89 -2.29
CA LYS B 12 -26.80 -7.98 -2.52
C LYS B 12 -27.49 -9.09 -3.27
N LYS B 13 -28.70 -9.44 -2.84
CA LYS B 13 -29.44 -10.50 -3.50
C LYS B 13 -29.66 -10.14 -4.97
N GLU B 14 -30.06 -8.90 -5.22
CA GLU B 14 -30.28 -8.48 -6.60
C GLU B 14 -29.03 -8.67 -7.45
N LEU B 15 -27.91 -8.14 -6.94
CA LEU B 15 -26.64 -8.25 -7.65
C LEU B 15 -26.17 -9.69 -7.84
N SER B 16 -26.32 -10.51 -6.81
CA SER B 16 -25.90 -11.90 -6.88
C SER B 16 -26.76 -12.69 -7.88
N ASP B 17 -28.07 -12.45 -7.87
CA ASP B 17 -28.95 -13.14 -8.81
C ASP B 17 -28.59 -12.81 -10.26
N ILE B 18 -28.29 -11.55 -10.52
CA ILE B 18 -27.93 -11.13 -11.87
C ILE B 18 -26.63 -11.81 -12.32
N ALA B 19 -25.62 -11.78 -11.47
CA ALA B 19 -24.33 -12.38 -11.79
C ALA B 19 -24.44 -13.88 -12.09
N HIS B 20 -25.26 -14.58 -11.29
CA HIS B 20 -25.46 -16.00 -11.47
C HIS B 20 -26.23 -16.33 -12.75
N ARG B 21 -27.19 -15.48 -13.11
CA ARG B 21 -27.95 -15.72 -14.33
C ARG B 21 -27.02 -15.61 -15.55
N ILE B 22 -26.14 -14.61 -15.53
CA ILE B 22 -25.22 -14.39 -16.63
C ILE B 22 -24.34 -15.60 -16.94
N VAL B 23 -23.80 -16.22 -15.89
CA VAL B 23 -22.92 -17.38 -16.07
C VAL B 23 -23.52 -18.74 -15.70
N ALA B 24 -24.85 -18.85 -15.74
CA ALA B 24 -25.50 -20.12 -15.42
C ALA B 24 -24.88 -21.20 -16.32
N PRO B 25 -24.91 -22.46 -15.86
CA PRO B 25 -24.33 -23.57 -16.63
C PRO B 25 -24.63 -23.55 -18.12
N GLY B 26 -23.56 -23.62 -18.92
CA GLY B 26 -23.71 -23.61 -20.36
C GLY B 26 -23.89 -22.25 -20.99
N LYS B 27 -23.95 -21.20 -20.17
CA LYS B 27 -24.15 -19.85 -20.70
C LYS B 27 -22.90 -18.98 -20.65
N GLY B 28 -22.80 -18.09 -21.64
CA GLY B 28 -21.68 -17.18 -21.72
C GLY B 28 -22.13 -15.80 -22.11
N ILE B 29 -21.18 -14.94 -22.47
CA ILE B 29 -21.48 -13.57 -22.85
C ILE B 29 -21.04 -13.24 -24.27
N LEU B 30 -21.92 -12.56 -25.00
CA LEU B 30 -21.59 -12.11 -26.36
C LEU B 30 -21.14 -10.67 -26.16
N ALA B 31 -19.92 -10.37 -26.57
CA ALA B 31 -19.39 -9.02 -26.45
C ALA B 31 -19.60 -8.29 -27.77
N ALA B 32 -20.68 -7.53 -27.87
CA ALA B 32 -20.99 -6.78 -29.09
C ALA B 32 -20.97 -5.28 -28.78
N ASP B 33 -20.06 -4.87 -27.91
CA ASP B 33 -19.94 -3.48 -27.50
C ASP B 33 -18.81 -2.72 -28.18
N GLU B 34 -18.43 -3.15 -29.38
CA GLU B 34 -17.36 -2.47 -30.10
C GLU B 34 -17.77 -1.02 -30.35
N SER B 35 -16.83 -0.10 -30.14
CA SER B 35 -17.10 1.31 -30.35
C SER B 35 -17.26 1.59 -31.84
N THR B 36 -17.85 2.74 -32.16
CA THR B 36 -18.06 3.12 -33.55
C THR B 36 -16.75 3.07 -34.31
N GLY B 37 -15.64 3.22 -33.58
CA GLY B 37 -14.32 3.18 -34.21
C GLY B 37 -13.89 1.76 -34.52
N SER B 38 -14.07 0.86 -33.56
CA SER B 38 -13.69 -0.54 -33.74
C SER B 38 -14.60 -1.25 -34.74
N ILE B 39 -15.90 -1.02 -34.61
CA ILE B 39 -16.88 -1.63 -35.50
C ILE B 39 -16.61 -1.19 -36.93
N ALA B 40 -16.06 0.02 -37.07
CA ALA B 40 -15.73 0.55 -38.39
C ALA B 40 -14.80 -0.40 -39.12
N LYS B 41 -13.77 -0.87 -38.42
CA LYS B 41 -12.80 -1.79 -39.01
C LYS B 41 -13.48 -3.10 -39.39
N ARG B 42 -14.48 -3.50 -38.61
CA ARG B 42 -15.22 -4.72 -38.88
C ARG B 42 -15.98 -4.57 -40.20
N LEU B 43 -16.84 -3.57 -40.27
CA LEU B 43 -17.64 -3.31 -41.47
C LEU B 43 -16.75 -3.05 -42.68
N GLN B 44 -15.58 -2.46 -42.43
CA GLN B 44 -14.63 -2.15 -43.50
C GLN B 44 -14.01 -3.41 -44.08
N SER B 45 -13.77 -4.40 -43.23
CA SER B 45 -13.17 -5.66 -43.67
C SER B 45 -14.07 -6.41 -44.65
N ILE B 46 -15.36 -6.08 -44.64
CA ILE B 46 -16.30 -6.73 -45.54
C ILE B 46 -16.83 -5.73 -46.56
N GLY B 47 -16.07 -4.67 -46.78
CA GLY B 47 -16.46 -3.66 -47.74
C GLY B 47 -17.87 -3.14 -47.51
N THR B 48 -18.17 -2.76 -46.27
CA THR B 48 -19.49 -2.25 -45.93
C THR B 48 -19.36 -0.87 -45.33
N GLU B 49 -20.14 0.08 -45.86
CA GLU B 49 -20.12 1.45 -45.39
C GLU B 49 -20.44 1.52 -43.90
N ASN B 50 -19.64 2.29 -43.17
CA ASN B 50 -19.82 2.44 -41.73
C ASN B 50 -20.97 3.38 -41.37
N THR B 51 -22.19 2.97 -41.67
CA THR B 51 -23.35 3.80 -41.36
C THR B 51 -24.06 3.33 -40.10
N GLU B 52 -24.84 4.22 -39.50
CA GLU B 52 -25.57 3.92 -38.28
C GLU B 52 -26.54 2.76 -38.54
N GLU B 53 -27.17 2.78 -39.72
CA GLU B 53 -28.12 1.74 -40.09
C GLU B 53 -27.44 0.39 -40.28
N ASN B 54 -26.21 0.39 -40.82
CA ASN B 54 -25.49 -0.85 -41.01
C ASN B 54 -25.05 -1.43 -39.68
N ARG B 55 -24.67 -0.56 -38.75
CA ARG B 55 -24.27 -1.02 -37.43
C ARG B 55 -25.51 -1.60 -36.75
N ARG B 56 -26.65 -0.96 -36.99
CA ARG B 56 -27.90 -1.43 -36.40
C ARG B 56 -28.28 -2.79 -36.98
N PHE B 57 -28.16 -2.94 -38.30
CA PHE B 57 -28.51 -4.19 -38.95
C PHE B 57 -27.62 -5.32 -38.48
N TYR B 58 -26.33 -5.05 -38.38
CA TYR B 58 -25.37 -6.05 -37.94
C TYR B 58 -25.67 -6.52 -36.52
N ARG B 59 -25.87 -5.59 -35.60
CA ARG B 59 -26.17 -5.95 -34.24
C ARG B 59 -27.50 -6.70 -34.19
N GLN B 60 -28.42 -6.31 -35.07
CA GLN B 60 -29.72 -6.96 -35.14
C GLN B 60 -29.51 -8.42 -35.54
N LEU B 61 -28.64 -8.61 -36.53
CA LEU B 61 -28.32 -9.93 -37.04
C LEU B 61 -27.92 -10.86 -35.90
N LEU B 62 -27.02 -10.38 -35.03
CA LEU B 62 -26.55 -11.17 -33.90
C LEU B 62 -27.61 -11.34 -32.82
N LEU B 63 -28.16 -10.22 -32.34
CA LEU B 63 -29.17 -10.26 -31.27
C LEU B 63 -30.46 -11.00 -31.56
N THR B 64 -30.89 -11.01 -32.81
CA THR B 64 -32.14 -11.70 -33.17
C THR B 64 -31.89 -13.08 -33.79
N ALA B 65 -30.71 -13.63 -33.58
CA ALA B 65 -30.39 -14.95 -34.12
C ALA B 65 -31.41 -15.96 -33.57
N ASP B 66 -31.52 -17.11 -34.25
CA ASP B 66 -32.47 -18.16 -33.86
C ASP B 66 -32.46 -18.47 -32.36
N ASP B 67 -33.63 -18.78 -31.82
CA ASP B 67 -33.78 -19.09 -30.41
C ASP B 67 -32.91 -20.26 -29.93
N ARG B 68 -32.32 -20.99 -30.86
CA ARG B 68 -31.46 -22.11 -30.50
C ARG B 68 -30.20 -21.61 -29.78
N VAL B 69 -29.96 -20.30 -29.85
CA VAL B 69 -28.80 -19.71 -29.20
C VAL B 69 -29.13 -19.31 -27.78
N ASN B 70 -30.42 -19.18 -27.49
CA ASN B 70 -30.90 -18.78 -26.16
C ASN B 70 -30.21 -19.47 -24.99
N PRO B 71 -30.06 -20.80 -25.02
CA PRO B 71 -29.41 -21.52 -23.92
C PRO B 71 -27.93 -21.20 -23.77
N CYS B 72 -27.33 -20.64 -24.82
CA CYS B 72 -25.91 -20.31 -24.83
C CYS B 72 -25.54 -18.93 -24.33
N ILE B 73 -26.47 -17.99 -24.45
CA ILE B 73 -26.20 -16.60 -24.08
C ILE B 73 -26.86 -16.17 -22.77
N GLY B 74 -26.03 -15.94 -21.75
CA GLY B 74 -26.55 -15.48 -20.47
C GLY B 74 -26.53 -13.97 -20.41
N GLY B 75 -25.71 -13.38 -21.26
CA GLY B 75 -25.60 -11.93 -21.29
C GLY B 75 -25.00 -11.38 -22.58
N VAL B 76 -25.41 -10.15 -22.91
CA VAL B 76 -24.94 -9.48 -24.12
C VAL B 76 -24.45 -8.08 -23.74
N ILE B 77 -23.21 -7.76 -24.11
CA ILE B 77 -22.65 -6.45 -23.81
C ILE B 77 -22.85 -5.50 -24.99
N LEU B 78 -23.49 -4.36 -24.73
CA LEU B 78 -23.71 -3.41 -25.80
C LEU B 78 -22.95 -2.11 -25.61
N PHE B 79 -22.83 -1.38 -26.71
CA PHE B 79 -22.19 -0.07 -26.73
C PHE B 79 -23.35 0.90 -26.56
N HIS B 80 -23.07 2.10 -26.05
CA HIS B 80 -24.11 3.10 -25.82
C HIS B 80 -25.12 3.22 -26.97
N GLU B 81 -24.61 3.46 -28.17
CA GLU B 81 -25.46 3.62 -29.34
C GLU B 81 -26.48 2.49 -29.47
N THR B 82 -25.99 1.26 -29.52
CA THR B 82 -26.83 0.09 -29.68
C THR B 82 -27.89 -0.07 -28.59
N LEU B 83 -27.55 0.33 -27.37
CA LEU B 83 -28.50 0.22 -26.27
C LEU B 83 -29.81 0.93 -26.58
N TYR B 84 -29.74 1.98 -27.37
CA TYR B 84 -30.93 2.76 -27.70
C TYR B 84 -31.51 2.57 -29.10
N GLN B 85 -31.02 1.54 -29.82
CA GLN B 85 -31.53 1.24 -31.15
C GLN B 85 -32.62 0.17 -31.03
N LYS B 86 -33.33 -0.07 -32.12
CA LYS B 86 -34.40 -1.07 -32.13
C LYS B 86 -34.22 -2.05 -33.26
N ALA B 87 -34.77 -3.25 -33.09
CA ALA B 87 -34.67 -4.27 -34.12
C ALA B 87 -35.78 -4.01 -35.13
N ASP B 88 -35.80 -4.78 -36.22
CA ASP B 88 -36.82 -4.60 -37.24
C ASP B 88 -38.21 -4.89 -36.67
N ASP B 89 -38.27 -5.77 -35.68
CA ASP B 89 -39.56 -6.11 -35.06
C ASP B 89 -40.13 -4.98 -34.22
N GLY B 90 -39.45 -3.84 -34.18
CA GLY B 90 -39.93 -2.70 -33.42
C GLY B 90 -39.44 -2.56 -31.98
N ARG B 91 -39.08 -3.67 -31.35
CA ARG B 91 -38.62 -3.65 -29.96
C ARG B 91 -37.18 -3.15 -29.81
N PRO B 92 -36.90 -2.41 -28.73
CA PRO B 92 -35.54 -1.93 -28.51
C PRO B 92 -34.64 -3.13 -28.23
N PHE B 93 -33.40 -3.09 -28.70
CA PHE B 93 -32.47 -4.21 -28.49
C PHE B 93 -32.44 -4.80 -27.07
N PRO B 94 -32.50 -3.94 -26.03
CA PRO B 94 -32.47 -4.49 -24.66
C PRO B 94 -33.62 -5.47 -24.44
N GLN B 95 -34.80 -5.11 -24.95
CA GLN B 95 -35.98 -5.96 -24.82
C GLN B 95 -35.82 -7.25 -25.61
N VAL B 96 -35.14 -7.16 -26.75
CA VAL B 96 -34.91 -8.32 -27.59
C VAL B 96 -34.05 -9.31 -26.80
N ILE B 97 -32.96 -8.80 -26.27
CA ILE B 97 -32.02 -9.61 -25.50
C ILE B 97 -32.71 -10.31 -24.34
N LYS B 98 -33.49 -9.57 -23.57
CA LYS B 98 -34.20 -10.13 -22.42
C LYS B 98 -35.21 -11.19 -22.83
N SER B 99 -35.88 -10.97 -23.95
CA SER B 99 -36.88 -11.93 -24.41
C SER B 99 -36.23 -13.27 -24.75
N LYS B 100 -34.94 -13.25 -25.07
CA LYS B 100 -34.25 -14.49 -25.40
C LYS B 100 -33.56 -15.10 -24.18
N GLY B 101 -33.86 -14.57 -23.01
CA GLY B 101 -33.28 -15.08 -21.77
C GLY B 101 -31.93 -14.50 -21.40
N GLY B 102 -31.53 -13.44 -22.09
CA GLY B 102 -30.25 -12.84 -21.79
C GLY B 102 -30.34 -11.58 -20.93
N VAL B 103 -29.27 -11.31 -20.20
CA VAL B 103 -29.19 -10.13 -19.37
C VAL B 103 -28.46 -9.09 -20.23
N VAL B 104 -28.84 -7.83 -20.08
CA VAL B 104 -28.22 -6.76 -20.87
C VAL B 104 -27.06 -6.09 -20.14
N GLY B 105 -25.96 -5.92 -20.87
CA GLY B 105 -24.78 -5.28 -20.31
C GLY B 105 -24.45 -4.04 -21.13
N ILE B 106 -23.70 -3.11 -20.52
CA ILE B 106 -23.33 -1.86 -21.20
C ILE B 106 -21.89 -1.47 -20.88
N LYS B 107 -21.10 -1.19 -21.92
CA LYS B 107 -19.71 -0.77 -21.72
C LYS B 107 -19.79 0.65 -21.16
N VAL B 108 -19.11 0.91 -20.05
CA VAL B 108 -19.15 2.26 -19.47
C VAL B 108 -17.82 3.01 -19.37
N ASP B 109 -16.71 2.32 -19.63
CA ASP B 109 -15.42 3.01 -19.54
C ASP B 109 -15.28 3.97 -20.72
N LYS B 110 -14.33 4.89 -20.63
CA LYS B 110 -14.13 5.83 -21.71
C LYS B 110 -12.74 5.74 -22.33
N GLY B 111 -12.23 4.52 -22.41
CA GLY B 111 -10.93 4.30 -23.02
C GLY B 111 -9.72 4.41 -22.11
N VAL B 112 -8.57 3.98 -22.61
CA VAL B 112 -7.34 4.03 -21.85
C VAL B 112 -6.66 5.37 -22.05
N VAL B 113 -5.87 5.78 -21.07
CA VAL B 113 -5.13 7.04 -21.11
C VAL B 113 -3.73 6.72 -20.63
N PRO B 114 -2.72 7.41 -21.16
CA PRO B 114 -1.34 7.15 -20.75
C PRO B 114 -0.96 7.58 -19.35
N LEU B 115 -0.16 6.76 -18.68
CA LEU B 115 0.35 7.06 -17.34
C LEU B 115 1.73 7.70 -17.54
N ALA B 116 1.83 8.99 -17.25
CA ALA B 116 3.11 9.68 -17.41
C ALA B 116 4.17 9.03 -16.52
N GLY B 117 5.42 9.04 -17.00
CA GLY B 117 6.49 8.45 -16.24
C GLY B 117 6.62 6.94 -16.32
N THR B 118 5.90 6.33 -17.27
CA THR B 118 5.97 4.89 -17.45
C THR B 118 6.35 4.57 -18.88
N ASN B 119 6.76 3.32 -19.14
CA ASN B 119 7.13 2.92 -20.49
C ASN B 119 5.89 2.57 -21.31
N GLY B 120 5.13 3.59 -21.69
CA GLY B 120 3.93 3.38 -22.50
C GLY B 120 2.75 2.70 -21.83
N GLU B 121 2.70 2.71 -20.50
CA GLU B 121 1.60 2.08 -19.79
C GLU B 121 0.36 2.99 -19.70
N THR B 122 -0.77 2.42 -19.31
CA THR B 122 -2.01 3.18 -19.24
C THR B 122 -2.91 2.82 -18.06
N THR B 123 -3.94 3.63 -17.88
CA THR B 123 -4.96 3.37 -16.88
C THR B 123 -6.22 3.67 -17.69
N THR B 124 -7.40 3.55 -17.10
CA THR B 124 -8.63 3.78 -17.86
C THR B 124 -9.49 4.86 -17.21
N GLN B 125 -10.14 5.67 -18.04
CA GLN B 125 -11.01 6.75 -17.57
C GLN B 125 -12.49 6.39 -17.78
N GLY B 126 -13.37 7.22 -17.23
CA GLY B 126 -14.80 7.00 -17.36
C GLY B 126 -15.59 7.02 -16.06
N LEU B 127 -14.96 7.45 -14.96
CA LEU B 127 -15.66 7.50 -13.68
C LEU B 127 -16.57 8.71 -13.51
N ASP B 128 -16.27 9.79 -14.23
CA ASP B 128 -17.05 11.01 -14.11
C ASP B 128 -18.54 10.87 -14.47
N GLY B 129 -19.40 11.22 -13.50
CA GLY B 129 -20.83 11.12 -13.71
C GLY B 129 -21.27 9.68 -13.95
N LEU B 130 -20.43 8.72 -13.57
CA LEU B 130 -20.75 7.30 -13.78
C LEU B 130 -21.97 6.82 -13.00
N SER B 131 -22.18 7.33 -11.80
CA SER B 131 -23.33 6.90 -11.00
C SER B 131 -24.62 7.23 -11.75
N GLU B 132 -24.75 8.49 -12.19
CA GLU B 132 -25.91 8.95 -12.95
C GLU B 132 -26.11 8.12 -14.21
N ARG B 133 -25.02 7.81 -14.91
CA ARG B 133 -25.11 7.02 -16.13
C ARG B 133 -25.62 5.62 -15.82
N CYS B 134 -25.08 5.02 -14.77
CA CYS B 134 -25.49 3.68 -14.36
C CYS B 134 -26.97 3.65 -13.98
N ALA B 135 -27.42 4.69 -13.29
CA ALA B 135 -28.82 4.77 -12.87
C ALA B 135 -29.72 4.83 -14.10
N GLN B 136 -29.29 5.55 -15.13
CA GLN B 136 -30.06 5.67 -16.35
C GLN B 136 -30.03 4.36 -17.14
N TYR B 137 -28.85 3.75 -17.26
CA TYR B 137 -28.74 2.49 -17.98
C TYR B 137 -29.59 1.41 -17.31
N LYS B 138 -29.66 1.45 -15.98
CA LYS B 138 -30.45 0.50 -15.23
C LYS B 138 -31.91 0.65 -15.67
N LYS B 139 -32.40 1.88 -15.61
CA LYS B 139 -33.77 2.19 -16.02
C LYS B 139 -34.04 1.76 -17.45
N ASP B 140 -33.00 1.81 -18.28
CA ASP B 140 -33.16 1.44 -19.68
C ASP B 140 -32.90 -0.04 -19.99
N GLY B 141 -32.95 -0.88 -18.96
CA GLY B 141 -32.78 -2.32 -19.15
C GLY B 141 -31.44 -3.00 -18.93
N ALA B 142 -30.41 -2.24 -18.56
CA ALA B 142 -29.10 -2.84 -18.35
C ALA B 142 -28.96 -3.36 -16.92
N ASP B 143 -28.38 -4.55 -16.77
CA ASP B 143 -28.18 -5.10 -15.44
C ASP B 143 -26.71 -5.35 -15.09
N PHE B 144 -25.84 -5.27 -16.09
CA PHE B 144 -24.43 -5.38 -15.80
C PHE B 144 -23.63 -4.39 -16.66
N ALA B 145 -22.35 -4.12 -16.23
CA ALA B 145 -21.51 -3.19 -16.97
C ALA B 145 -20.15 -3.79 -17.29
N LYS B 146 -19.41 -3.11 -18.16
CA LYS B 146 -18.08 -3.55 -18.58
C LYS B 146 -17.09 -2.38 -18.57
N TRP B 147 -15.94 -2.60 -17.95
CA TRP B 147 -14.88 -1.61 -17.86
C TRP B 147 -13.58 -2.34 -18.11
N ARG B 148 -12.82 -1.90 -19.11
CA ARG B 148 -11.58 -2.58 -19.46
C ARG B 148 -10.28 -1.81 -19.19
N CYS B 149 -9.39 -2.44 -18.42
CA CYS B 149 -8.08 -1.87 -18.12
C CYS B 149 -7.11 -2.71 -18.95
N VAL B 150 -6.03 -2.09 -19.39
CA VAL B 150 -5.06 -2.79 -20.20
C VAL B 150 -3.67 -2.74 -19.57
N LEU B 151 -3.05 -3.90 -19.44
CA LEU B 151 -1.72 -4.00 -18.86
C LEU B 151 -0.85 -4.71 -19.90
N LYS B 152 0.42 -4.34 -19.98
CA LYS B 152 1.31 -4.95 -20.97
C LYS B 152 2.54 -5.60 -20.36
N ILE B 153 2.92 -6.75 -20.90
CA ILE B 153 4.11 -7.44 -20.40
C ILE B 153 5.30 -7.02 -21.25
N GLY B 154 6.30 -6.45 -20.58
CA GLY B 154 7.50 -5.99 -21.27
C GLY B 154 8.70 -6.04 -20.34
N GLU B 155 9.76 -5.33 -20.73
CA GLU B 155 10.99 -5.32 -19.94
C GLU B 155 10.81 -4.81 -18.51
N HIS B 156 10.05 -3.72 -18.35
CA HIS B 156 9.82 -3.18 -17.02
C HIS B 156 8.33 -3.04 -16.71
N THR B 157 7.49 -3.76 -17.45
CA THR B 157 6.06 -3.67 -17.24
C THR B 157 5.40 -5.04 -17.07
N PRO B 158 4.25 -5.09 -16.38
CA PRO B 158 3.59 -3.93 -15.77
C PRO B 158 4.30 -3.45 -14.52
N SER B 159 4.39 -2.12 -14.39
CA SER B 159 5.06 -1.51 -13.25
C SER B 159 4.15 -1.47 -12.03
N ALA B 160 4.75 -1.23 -10.88
CA ALA B 160 4.01 -1.17 -9.62
C ALA B 160 2.88 -0.14 -9.74
N LEU B 161 3.19 1.01 -10.31
CA LEU B 161 2.19 2.06 -10.46
C LEU B 161 1.02 1.62 -11.33
N ALA B 162 1.34 1.05 -12.49
CA ALA B 162 0.29 0.61 -13.42
C ALA B 162 -0.62 -0.43 -12.79
N ILE B 163 -0.03 -1.36 -12.06
CA ILE B 163 -0.82 -2.40 -11.41
C ILE B 163 -1.73 -1.80 -10.33
N MET B 164 -1.15 -0.95 -9.48
CA MET B 164 -1.92 -0.33 -8.40
C MET B 164 -3.04 0.59 -8.90
N GLU B 165 -2.69 1.47 -9.86
CA GLU B 165 -3.65 2.42 -10.42
C GLU B 165 -4.82 1.75 -11.15
N ASN B 166 -4.52 0.76 -11.98
CA ASN B 166 -5.58 0.06 -12.71
C ASN B 166 -6.48 -0.72 -11.75
N ALA B 167 -5.88 -1.31 -10.72
CA ALA B 167 -6.65 -2.07 -9.75
C ALA B 167 -7.58 -1.13 -9.00
N ASN B 168 -7.07 0.05 -8.66
CA ASN B 168 -7.84 1.03 -7.92
C ASN B 168 -9.01 1.58 -8.74
N VAL B 169 -8.78 1.87 -10.02
CA VAL B 169 -9.84 2.40 -10.87
C VAL B 169 -10.92 1.36 -11.13
N LEU B 170 -10.51 0.09 -11.21
CA LEU B 170 -11.47 -0.99 -11.42
C LEU B 170 -12.41 -1.06 -10.20
N ALA B 171 -11.84 -0.87 -9.02
CA ALA B 171 -12.58 -0.92 -7.78
C ALA B 171 -13.55 0.25 -7.64
N ARG B 172 -13.12 1.44 -8.06
CA ARG B 172 -13.97 2.62 -8.00
C ARG B 172 -15.19 2.39 -8.90
N TYR B 173 -14.94 1.92 -10.11
CA TYR B 173 -15.98 1.62 -11.08
C TYR B 173 -16.94 0.57 -10.52
N ALA B 174 -16.37 -0.47 -9.93
CA ALA B 174 -17.18 -1.56 -9.37
C ALA B 174 -18.09 -1.03 -8.26
N SER B 175 -17.55 -0.16 -7.42
CA SER B 175 -18.30 0.43 -6.31
C SER B 175 -19.50 1.21 -6.80
N ILE B 176 -19.28 2.04 -7.82
CA ILE B 176 -20.34 2.86 -8.39
C ILE B 176 -21.45 1.98 -9.01
N CYS B 177 -21.06 0.96 -9.78
CA CYS B 177 -22.04 0.06 -10.39
C CYS B 177 -22.93 -0.61 -9.36
N GLN B 178 -22.32 -1.18 -8.32
CA GLN B 178 -23.10 -1.87 -7.31
C GLN B 178 -24.04 -0.95 -6.56
N GLN B 179 -23.69 0.33 -6.45
CA GLN B 179 -24.57 1.28 -5.78
C GLN B 179 -25.83 1.52 -6.61
N ASN B 180 -25.77 1.19 -7.90
CA ASN B 180 -26.89 1.39 -8.81
C ASN B 180 -27.52 0.11 -9.33
N GLY B 181 -27.29 -1.00 -8.64
CA GLY B 181 -27.87 -2.26 -9.05
C GLY B 181 -27.27 -2.86 -10.32
N ILE B 182 -26.08 -2.43 -10.69
CA ILE B 182 -25.42 -2.93 -11.88
C ILE B 182 -24.26 -3.86 -11.50
N VAL B 183 -24.29 -5.09 -12.01
CA VAL B 183 -23.22 -6.04 -11.74
C VAL B 183 -22.02 -5.61 -12.57
N PRO B 184 -20.88 -5.36 -11.91
CA PRO B 184 -19.70 -4.94 -12.66
C PRO B 184 -18.80 -6.10 -13.07
N ILE B 185 -18.43 -6.11 -14.34
CA ILE B 185 -17.51 -7.14 -14.80
C ILE B 185 -16.16 -6.44 -14.75
N VAL B 186 -15.27 -6.96 -13.92
CA VAL B 186 -13.94 -6.40 -13.75
C VAL B 186 -13.03 -7.00 -14.82
N GLU B 187 -12.46 -6.13 -15.66
CA GLU B 187 -11.60 -6.61 -16.73
C GLU B 187 -10.18 -6.07 -16.71
N PRO B 188 -9.26 -6.79 -16.04
CA PRO B 188 -7.85 -6.38 -15.94
C PRO B 188 -7.13 -7.19 -17.01
N GLU B 189 -7.26 -6.77 -18.27
CA GLU B 189 -6.63 -7.49 -19.35
C GLU B 189 -5.13 -7.29 -19.51
N ILE B 190 -4.41 -8.40 -19.47
CA ILE B 190 -2.97 -8.39 -19.64
C ILE B 190 -2.76 -8.81 -21.09
N LEU B 191 -2.25 -7.88 -21.90
CA LEU B 191 -2.04 -8.17 -23.31
C LEU B 191 -1.07 -9.32 -23.56
N PRO B 192 -1.33 -10.10 -24.63
CA PRO B 192 -0.46 -11.23 -24.97
C PRO B 192 0.72 -10.77 -25.84
N ASP B 193 0.77 -9.46 -26.12
CA ASP B 193 1.84 -8.89 -26.94
C ASP B 193 3.20 -9.19 -26.32
N GLY B 194 4.18 -9.52 -27.16
CA GLY B 194 5.52 -9.80 -26.66
C GLY B 194 5.97 -11.22 -26.90
N ASP B 195 7.23 -11.51 -26.56
CA ASP B 195 7.77 -12.85 -26.76
C ASP B 195 8.01 -13.59 -25.43
N HIS B 196 7.33 -13.14 -24.39
CA HIS B 196 7.45 -13.77 -23.07
C HIS B 196 6.83 -15.16 -23.13
N ASP B 197 7.26 -16.06 -22.24
CA ASP B 197 6.72 -17.42 -22.24
C ASP B 197 5.50 -17.55 -21.34
N LEU B 198 4.95 -18.76 -21.26
CA LEU B 198 3.76 -19.05 -20.45
C LEU B 198 3.95 -18.69 -18.98
N LYS B 199 5.07 -19.10 -18.42
CA LYS B 199 5.38 -18.85 -17.01
C LYS B 199 5.37 -17.36 -16.67
N ARG B 200 5.90 -16.54 -17.58
CA ARG B 200 5.93 -15.10 -17.35
C ARG B 200 4.49 -14.58 -17.29
N CYS B 201 3.65 -15.05 -18.20
CA CYS B 201 2.26 -14.60 -18.22
C CYS B 201 1.52 -15.04 -16.94
N GLN B 202 1.80 -16.25 -16.48
CA GLN B 202 1.15 -16.76 -15.26
C GLN B 202 1.56 -15.91 -14.06
N TYR B 203 2.85 -15.61 -13.97
CA TYR B 203 3.39 -14.81 -12.87
C TYR B 203 2.71 -13.43 -12.84
N VAL B 204 2.73 -12.74 -13.97
CA VAL B 204 2.12 -11.40 -14.06
C VAL B 204 0.63 -11.45 -13.78
N THR B 205 -0.05 -12.46 -14.32
CA THR B 205 -1.48 -12.61 -14.10
C THR B 205 -1.76 -12.75 -12.61
N GLU B 206 -0.93 -13.53 -11.93
CA GLU B 206 -1.06 -13.74 -10.49
C GLU B 206 -0.88 -12.46 -9.69
N LYS B 207 0.14 -11.67 -10.02
CA LYS B 207 0.39 -10.42 -9.30
C LYS B 207 -0.72 -9.41 -9.57
N VAL B 208 -1.17 -9.34 -10.82
CA VAL B 208 -2.23 -8.42 -11.18
C VAL B 208 -3.55 -8.75 -10.47
N LEU B 209 -3.98 -10.00 -10.53
CA LEU B 209 -5.23 -10.38 -9.89
C LEU B 209 -5.20 -10.19 -8.38
N ALA B 210 -4.03 -10.42 -7.78
CA ALA B 210 -3.88 -10.24 -6.34
C ALA B 210 -4.12 -8.76 -6.00
N ALA B 211 -3.57 -7.88 -6.82
CA ALA B 211 -3.73 -6.44 -6.61
C ALA B 211 -5.19 -6.06 -6.79
N VAL B 212 -5.82 -6.65 -7.81
CA VAL B 212 -7.22 -6.39 -8.12
C VAL B 212 -8.15 -6.73 -6.96
N TYR B 213 -7.95 -7.96 -6.41
CA TYR B 213 -8.84 -8.39 -5.33
C TYR B 213 -8.55 -7.67 -4.02
N LYS B 214 -7.32 -7.21 -3.78
CA LYS B 214 -7.01 -6.40 -2.59
C LYS B 214 -7.72 -5.07 -2.69
N ALA B 215 -7.68 -4.50 -3.90
CA ALA B 215 -8.33 -3.23 -4.18
C ALA B 215 -9.84 -3.35 -4.01
N LEU B 216 -10.43 -4.41 -4.54
CA LEU B 216 -11.87 -4.62 -4.42
C LEU B 216 -12.26 -4.67 -2.95
N SER B 217 -11.42 -5.32 -2.14
CA SER B 217 -11.67 -5.43 -0.71
C SER B 217 -11.55 -4.07 -0.03
N ASP B 218 -10.53 -3.29 -0.40
CA ASP B 218 -10.32 -1.97 0.19
C ASP B 218 -11.50 -1.04 -0.09
N HIS B 219 -12.13 -1.22 -1.25
CA HIS B 219 -13.27 -0.40 -1.63
C HIS B 219 -14.61 -1.01 -1.24
N HIS B 220 -14.59 -2.05 -0.40
CA HIS B 220 -15.81 -2.72 0.09
C HIS B 220 -16.71 -3.28 -1.02
N ILE B 221 -16.11 -3.92 -2.01
CA ILE B 221 -16.86 -4.49 -3.13
C ILE B 221 -17.46 -5.85 -2.76
N TYR B 222 -18.70 -6.07 -3.19
CA TYR B 222 -19.42 -7.32 -2.93
C TYR B 222 -19.08 -8.30 -4.06
N LEU B 223 -18.11 -9.19 -3.79
CA LEU B 223 -17.63 -10.14 -4.78
C LEU B 223 -18.68 -11.04 -5.44
N GLU B 224 -19.63 -11.53 -4.65
CA GLU B 224 -20.68 -12.39 -5.19
C GLU B 224 -21.48 -11.63 -6.25
N GLY B 225 -21.43 -10.30 -6.16
CA GLY B 225 -22.14 -9.48 -7.12
C GLY B 225 -21.24 -8.91 -8.20
N THR B 226 -20.20 -9.68 -8.56
CA THR B 226 -19.27 -9.26 -9.60
C THR B 226 -18.89 -10.47 -10.46
N LEU B 227 -18.20 -10.20 -11.55
CA LEU B 227 -17.68 -11.23 -12.45
C LEU B 227 -16.30 -10.74 -12.84
N LEU B 228 -15.42 -11.67 -13.20
CA LEU B 228 -14.07 -11.31 -13.59
C LEU B 228 -13.86 -11.67 -15.06
N LYS B 229 -13.29 -10.75 -15.82
CA LYS B 229 -13.03 -10.99 -17.24
C LYS B 229 -11.54 -10.87 -17.45
N PRO B 230 -10.79 -11.94 -17.19
CA PRO B 230 -9.34 -11.92 -17.37
C PRO B 230 -8.90 -12.53 -18.68
N ASN B 231 -7.62 -12.39 -18.95
CA ASN B 231 -7.01 -12.98 -20.13
C ASN B 231 -6.73 -14.41 -19.72
N MET B 232 -6.75 -15.34 -20.67
CA MET B 232 -6.40 -16.71 -20.32
C MET B 232 -4.89 -16.59 -20.18
N VAL B 233 -4.26 -17.51 -19.47
CA VAL B 233 -2.81 -17.47 -19.34
C VAL B 233 -2.22 -18.20 -20.54
N THR B 234 -1.50 -17.45 -21.38
CA THR B 234 -0.89 -18.01 -22.59
C THR B 234 0.48 -17.38 -22.83
N PRO B 235 1.29 -18.00 -23.71
CA PRO B 235 2.60 -17.44 -24.02
C PRO B 235 2.36 -16.18 -24.84
N GLY B 236 3.36 -15.31 -24.94
CA GLY B 236 3.19 -14.11 -25.74
C GLY B 236 3.00 -14.50 -27.19
N HIS B 237 2.39 -13.63 -27.99
CA HIS B 237 2.16 -13.95 -29.40
C HIS B 237 3.43 -14.25 -30.19
N ALA B 238 4.55 -13.68 -29.77
CA ALA B 238 5.80 -13.90 -30.48
C ALA B 238 6.67 -14.94 -29.78
N CYS B 239 6.11 -15.67 -28.82
CA CYS B 239 6.87 -16.67 -28.11
C CYS B 239 7.28 -17.80 -29.05
N THR B 240 8.52 -18.27 -28.92
CA THR B 240 9.01 -19.33 -29.80
C THR B 240 8.79 -20.72 -29.20
N GLN B 241 8.18 -20.78 -28.03
CA GLN B 241 7.91 -22.06 -27.36
C GLN B 241 6.51 -22.56 -27.64
N LYS B 242 6.40 -23.84 -27.96
CA LYS B 242 5.10 -24.44 -28.23
C LYS B 242 4.50 -25.05 -26.96
N TYR B 243 3.20 -24.86 -26.77
CA TYR B 243 2.51 -25.40 -25.61
C TYR B 243 1.24 -26.13 -26.03
N SER B 244 0.80 -27.09 -25.22
CA SER B 244 -0.44 -27.81 -25.52
C SER B 244 -1.57 -27.02 -24.87
N HIS B 245 -2.81 -27.35 -25.22
CA HIS B 245 -3.96 -26.68 -24.66
C HIS B 245 -4.07 -26.99 -23.17
N GLU B 246 -3.68 -28.21 -22.80
CA GLU B 246 -3.72 -28.65 -21.40
C GLU B 246 -2.79 -27.81 -20.53
N GLU B 247 -1.67 -27.37 -21.09
CA GLU B 247 -0.72 -26.55 -20.35
C GLU B 247 -1.28 -25.13 -20.13
N ILE B 248 -1.94 -24.60 -21.16
CA ILE B 248 -2.53 -23.28 -21.08
C ILE B 248 -3.64 -23.29 -20.03
N ALA B 249 -4.42 -24.37 -20.04
CA ALA B 249 -5.52 -24.51 -19.08
C ALA B 249 -4.96 -24.64 -17.67
N MET B 250 -3.93 -25.46 -17.50
CA MET B 250 -3.31 -25.67 -16.20
C MET B 250 -2.76 -24.35 -15.63
N ALA B 251 -2.05 -23.61 -16.47
CA ALA B 251 -1.47 -22.34 -16.06
C ALA B 251 -2.56 -21.32 -15.71
N THR B 252 -3.61 -21.30 -16.51
CA THR B 252 -4.73 -20.39 -16.32
C THR B 252 -5.50 -20.70 -15.03
N VAL B 253 -5.85 -21.97 -14.84
CA VAL B 253 -6.61 -22.36 -13.66
C VAL B 253 -5.78 -22.21 -12.39
N THR B 254 -4.48 -22.50 -12.50
CA THR B 254 -3.59 -22.36 -11.35
C THR B 254 -3.52 -20.90 -10.90
N ALA B 255 -3.30 -19.99 -11.86
CA ALA B 255 -3.22 -18.57 -11.56
C ALA B 255 -4.50 -18.10 -10.87
N LEU B 256 -5.64 -18.49 -11.44
CA LEU B 256 -6.94 -18.13 -10.89
C LEU B 256 -7.12 -18.69 -9.47
N ARG B 257 -6.78 -19.96 -9.27
CA ARG B 257 -6.92 -20.59 -7.95
C ARG B 257 -6.10 -19.90 -6.87
N ARG B 258 -4.98 -19.30 -7.27
CA ARG B 258 -4.12 -18.63 -6.31
C ARG B 258 -4.50 -17.18 -6.04
N THR B 259 -5.47 -16.64 -6.76
CA THR B 259 -5.82 -15.23 -6.58
C THR B 259 -7.29 -14.85 -6.48
N VAL B 260 -8.16 -15.63 -7.12
CA VAL B 260 -9.59 -15.32 -7.13
C VAL B 260 -10.41 -15.98 -6.03
N PRO B 261 -10.92 -15.17 -5.09
CA PRO B 261 -11.72 -15.71 -3.98
C PRO B 261 -12.90 -16.52 -4.50
N PRO B 262 -13.22 -17.64 -3.82
CA PRO B 262 -14.34 -18.51 -4.23
C PRO B 262 -15.66 -17.74 -4.32
N ALA B 263 -15.74 -16.62 -3.61
CA ALA B 263 -16.96 -15.81 -3.61
C ALA B 263 -17.27 -15.22 -4.98
N VAL B 264 -16.26 -14.99 -5.80
CA VAL B 264 -16.49 -14.44 -7.13
C VAL B 264 -17.38 -15.42 -7.87
N THR B 265 -18.52 -14.92 -8.35
CA THR B 265 -19.51 -15.75 -9.03
C THR B 265 -19.05 -16.39 -10.33
N GLY B 266 -18.28 -15.68 -11.14
CA GLY B 266 -17.84 -16.28 -12.38
C GLY B 266 -16.72 -15.55 -13.11
N VAL B 267 -16.02 -16.31 -13.94
CA VAL B 267 -14.92 -15.81 -14.75
C VAL B 267 -15.35 -15.93 -16.21
N THR B 268 -15.37 -14.80 -16.91
CA THR B 268 -15.78 -14.78 -18.31
C THR B 268 -14.58 -14.34 -19.13
N PHE B 269 -13.84 -15.33 -19.63
CA PHE B 269 -12.62 -15.10 -20.39
C PHE B 269 -12.75 -14.29 -21.66
N LEU B 270 -11.73 -13.48 -21.91
CA LEU B 270 -11.66 -12.70 -23.14
C LEU B 270 -10.78 -13.64 -23.98
N SER B 271 -10.89 -13.60 -25.31
CA SER B 271 -10.10 -14.51 -26.12
C SER B 271 -8.96 -13.83 -26.87
N GLY B 272 -8.84 -12.52 -26.72
CA GLY B 272 -7.78 -11.78 -27.38
C GLY B 272 -7.76 -11.99 -28.88
N GLY B 273 -6.63 -12.50 -29.38
CA GLY B 273 -6.50 -12.73 -30.81
C GLY B 273 -6.66 -14.17 -31.22
N GLN B 274 -7.18 -14.99 -30.32
CA GLN B 274 -7.39 -16.41 -30.62
C GLN B 274 -8.44 -16.59 -31.70
N SER B 275 -8.33 -17.66 -32.49
CA SER B 275 -9.30 -17.91 -33.53
C SER B 275 -10.55 -18.42 -32.83
N GLU B 276 -11.67 -18.48 -33.55
CA GLU B 276 -12.91 -18.95 -32.96
C GLU B 276 -12.76 -20.34 -32.36
N GLU B 277 -12.21 -21.27 -33.14
CA GLU B 277 -12.01 -22.64 -32.70
C GLU B 277 -11.02 -22.73 -31.55
N GLU B 278 -9.93 -21.96 -31.63
CA GLU B 278 -8.91 -21.95 -30.59
C GLU B 278 -9.50 -21.50 -29.25
N ALA B 279 -10.28 -20.42 -29.25
CA ALA B 279 -10.89 -19.92 -28.04
C ALA B 279 -11.80 -20.97 -27.39
N SER B 280 -12.51 -21.73 -28.21
CA SER B 280 -13.42 -22.75 -27.70
C SER B 280 -12.64 -23.95 -27.14
N ILE B 281 -11.59 -24.35 -27.84
CA ILE B 281 -10.77 -25.46 -27.41
C ILE B 281 -10.10 -25.15 -26.07
N ASN B 282 -9.54 -23.95 -25.95
CA ASN B 282 -8.90 -23.57 -24.70
C ASN B 282 -9.90 -23.46 -23.56
N LEU B 283 -11.08 -22.91 -23.84
CA LEU B 283 -12.10 -22.78 -22.79
C LEU B 283 -12.51 -24.17 -22.32
N ASN B 284 -12.58 -25.11 -23.26
CA ASN B 284 -12.96 -26.48 -22.92
C ASN B 284 -11.90 -27.10 -22.02
N ALA B 285 -10.64 -26.98 -22.43
CA ALA B 285 -9.51 -27.54 -21.67
C ALA B 285 -9.44 -26.93 -20.26
N ILE B 286 -9.74 -25.65 -20.16
CA ILE B 286 -9.74 -24.97 -18.87
C ILE B 286 -10.77 -25.64 -17.97
N ASN B 287 -11.95 -25.90 -18.52
CA ASN B 287 -13.02 -26.55 -17.77
C ASN B 287 -12.77 -28.02 -17.50
N LYS B 288 -11.82 -28.63 -18.21
CA LYS B 288 -11.51 -30.02 -17.99
C LYS B 288 -10.27 -30.17 -17.12
N CYS B 289 -9.62 -29.05 -16.81
CA CYS B 289 -8.42 -29.06 -15.97
C CYS B 289 -8.74 -29.76 -14.66
N PRO B 290 -7.97 -30.81 -14.32
CA PRO B 290 -8.14 -31.60 -13.10
C PRO B 290 -7.78 -30.90 -11.80
N LEU B 291 -8.35 -29.72 -11.59
CA LEU B 291 -8.12 -28.96 -10.37
C LEU B 291 -9.48 -28.40 -9.98
N LEU B 292 -9.66 -28.13 -8.70
CA LEU B 292 -10.93 -27.61 -8.22
C LEU B 292 -11.14 -26.15 -8.62
N LYS B 293 -12.24 -25.87 -9.33
CA LYS B 293 -12.57 -24.52 -9.77
C LYS B 293 -13.90 -24.09 -9.12
N PRO B 294 -13.83 -23.30 -8.05
CA PRO B 294 -15.02 -22.83 -7.32
C PRO B 294 -15.90 -21.78 -8.01
N TRP B 295 -15.54 -21.37 -9.21
CA TRP B 295 -16.34 -20.38 -9.93
C TRP B 295 -16.64 -20.88 -11.33
N ALA B 296 -17.68 -20.32 -11.93
CA ALA B 296 -18.04 -20.68 -13.29
C ALA B 296 -16.92 -20.17 -14.19
N LEU B 297 -16.52 -20.99 -15.16
CA LEU B 297 -15.47 -20.62 -16.11
C LEU B 297 -16.09 -20.65 -17.49
N THR B 298 -16.50 -19.49 -17.97
CA THR B 298 -17.14 -19.40 -19.27
C THR B 298 -16.51 -18.35 -20.18
N PHE B 299 -17.27 -17.91 -21.18
CA PHE B 299 -16.78 -16.95 -22.16
C PHE B 299 -17.45 -15.58 -22.19
N SER B 300 -16.73 -14.63 -22.78
CA SER B 300 -17.19 -13.27 -22.99
C SER B 300 -16.42 -12.90 -24.25
N TYR B 301 -16.88 -13.45 -25.37
CA TYR B 301 -16.23 -13.26 -26.66
C TYR B 301 -16.90 -12.29 -27.62
N GLY B 302 -16.08 -11.62 -28.41
CA GLY B 302 -16.59 -10.70 -29.42
C GLY B 302 -16.25 -11.37 -30.73
N ARG B 303 -15.01 -11.17 -31.16
CA ARG B 303 -14.50 -11.74 -32.40
C ARG B 303 -14.67 -13.27 -32.45
N ALA B 304 -14.34 -13.95 -31.35
CA ALA B 304 -14.45 -15.39 -31.30
C ALA B 304 -15.88 -15.90 -31.49
N LEU B 305 -16.84 -14.98 -31.43
CA LEU B 305 -18.24 -15.35 -31.63
C LEU B 305 -18.82 -14.78 -32.92
N GLN B 306 -18.17 -13.74 -33.43
CA GLN B 306 -18.66 -13.04 -34.63
C GLN B 306 -17.86 -13.19 -35.94
N ALA B 307 -16.59 -13.57 -35.83
CA ALA B 307 -15.74 -13.71 -37.02
C ALA B 307 -16.46 -14.29 -38.24
N SER B 308 -16.90 -15.54 -38.13
CA SER B 308 -17.59 -16.19 -39.24
C SER B 308 -18.91 -15.54 -39.66
N ALA B 309 -19.66 -15.02 -38.69
CA ALA B 309 -20.92 -14.38 -38.96
C ALA B 309 -20.73 -13.11 -39.79
N LEU B 310 -19.75 -12.30 -39.39
CA LEU B 310 -19.45 -11.05 -40.07
C LEU B 310 -19.09 -11.34 -41.52
N LYS B 311 -18.26 -12.36 -41.72
CA LYS B 311 -17.80 -12.77 -43.04
C LYS B 311 -18.94 -13.32 -43.88
N ALA B 312 -19.70 -14.25 -43.32
CA ALA B 312 -20.83 -14.85 -44.02
C ALA B 312 -21.87 -13.81 -44.41
N TRP B 313 -21.95 -12.73 -43.64
CA TRP B 313 -22.92 -11.67 -43.92
C TRP B 313 -22.46 -10.85 -45.11
N GLY B 314 -21.24 -10.32 -45.03
CA GLY B 314 -20.69 -9.54 -46.12
C GLY B 314 -21.51 -8.29 -46.48
N GLY B 315 -22.40 -7.88 -45.58
CA GLY B 315 -23.22 -6.71 -45.85
C GLY B 315 -24.41 -6.98 -46.75
N LYS B 316 -24.58 -8.23 -47.16
CA LYS B 316 -25.69 -8.61 -48.03
C LYS B 316 -26.90 -9.07 -47.23
N LYS B 317 -28.04 -8.44 -47.50
CA LYS B 317 -29.30 -8.78 -46.83
C LYS B 317 -29.69 -10.24 -46.99
N GLU B 318 -29.41 -10.81 -48.16
CA GLU B 318 -29.75 -12.21 -48.44
C GLU B 318 -28.99 -13.21 -47.57
N ASN B 319 -27.79 -12.83 -47.12
CA ASN B 319 -26.97 -13.70 -46.30
C ASN B 319 -27.34 -13.70 -44.81
N LEU B 320 -28.37 -12.96 -44.45
CA LEU B 320 -28.81 -12.87 -43.06
C LEU B 320 -28.93 -14.22 -42.34
N LYS B 321 -29.79 -15.11 -42.83
CA LYS B 321 -29.98 -16.42 -42.21
C LYS B 321 -28.69 -17.23 -42.08
N ALA B 322 -27.93 -17.31 -43.17
CA ALA B 322 -26.67 -18.07 -43.17
C ALA B 322 -25.70 -17.49 -42.15
N ALA B 323 -25.61 -16.16 -42.12
CA ALA B 323 -24.71 -15.46 -41.20
C ALA B 323 -25.07 -15.75 -39.75
N GLN B 324 -26.31 -15.49 -39.38
CA GLN B 324 -26.77 -15.73 -38.02
C GLN B 324 -26.40 -17.14 -37.56
N GLU B 325 -26.58 -18.11 -38.45
CA GLU B 325 -26.27 -19.49 -38.09
C GLU B 325 -24.79 -19.69 -37.76
N GLU B 326 -23.91 -18.91 -38.38
CA GLU B 326 -22.49 -19.02 -38.09
C GLU B 326 -22.23 -18.63 -36.63
N TYR B 327 -22.88 -17.56 -36.20
CA TYR B 327 -22.77 -17.09 -34.83
C TYR B 327 -23.40 -18.14 -33.91
N VAL B 328 -24.56 -18.65 -34.31
CA VAL B 328 -25.25 -19.66 -33.51
C VAL B 328 -24.37 -20.87 -33.26
N LYS B 329 -23.58 -21.26 -34.27
CA LYS B 329 -22.70 -22.41 -34.13
C LYS B 329 -21.55 -22.17 -33.14
N ARG B 330 -20.96 -20.97 -33.16
CA ARG B 330 -19.88 -20.68 -32.24
C ARG B 330 -20.46 -20.58 -30.83
N ALA B 331 -21.70 -20.13 -30.73
CA ALA B 331 -22.36 -20.00 -29.45
C ALA B 331 -22.59 -21.39 -28.86
N LEU B 332 -23.05 -22.32 -29.68
CA LEU B 332 -23.29 -23.69 -29.26
C LEU B 332 -21.98 -24.36 -28.84
N ALA B 333 -20.92 -24.08 -29.59
CA ALA B 333 -19.60 -24.65 -29.29
C ALA B 333 -19.09 -24.18 -27.93
N ASN B 334 -19.19 -22.88 -27.68
CA ASN B 334 -18.73 -22.33 -26.42
C ASN B 334 -19.63 -22.70 -25.25
N SER B 335 -20.90 -22.99 -25.54
CA SER B 335 -21.85 -23.41 -24.50
C SER B 335 -21.34 -24.76 -23.98
N LEU B 336 -20.86 -25.60 -24.90
CA LEU B 336 -20.33 -26.89 -24.52
C LEU B 336 -18.97 -26.73 -23.84
N ALA B 337 -18.14 -25.87 -24.41
CA ALA B 337 -16.79 -25.62 -23.89
C ALA B 337 -16.81 -25.13 -22.45
N CYS B 338 -17.73 -24.24 -22.12
CA CYS B 338 -17.82 -23.71 -20.76
C CYS B 338 -18.34 -24.75 -19.77
N GLN B 339 -18.57 -25.96 -20.28
CA GLN B 339 -19.03 -27.06 -19.43
C GLN B 339 -18.04 -28.22 -19.56
N GLY B 340 -16.98 -28.00 -20.33
CA GLY B 340 -15.98 -29.04 -20.53
C GLY B 340 -16.51 -30.20 -21.33
N LYS B 341 -17.53 -29.96 -22.16
CA LYS B 341 -18.11 -31.01 -22.97
C LYS B 341 -17.95 -30.76 -24.46
N TYR B 342 -16.94 -29.97 -24.82
CA TYR B 342 -16.69 -29.66 -26.22
C TYR B 342 -15.49 -30.43 -26.73
N THR B 343 -15.74 -31.56 -27.36
CA THR B 343 -14.67 -32.38 -27.90
C THR B 343 -15.10 -32.89 -29.27
N PRO B 344 -14.88 -32.08 -30.32
CA PRO B 344 -15.23 -32.42 -31.70
C PRO B 344 -14.67 -33.78 -32.10
N SER B 345 -15.50 -34.60 -32.74
CA SER B 345 -15.08 -35.92 -33.16
C SER B 345 -14.08 -35.82 -34.31
N GLY B 346 -13.06 -36.69 -34.28
CA GLY B 346 -12.05 -36.67 -35.32
C GLY B 346 -10.63 -36.53 -34.80
N GLN B 347 -9.68 -36.34 -35.71
CA GLN B 347 -8.28 -36.20 -35.35
C GLN B 347 -8.07 -35.02 -34.40
N ALA B 348 -6.94 -35.04 -33.70
CA ALA B 348 -6.60 -33.98 -32.76
C ALA B 348 -5.09 -33.95 -32.53
N SER B 355 1.95 -20.12 -35.57
CA SER B 355 3.02 -21.08 -35.81
C SER B 355 4.19 -20.44 -36.57
N LEU B 356 4.04 -19.15 -36.87
CA LEU B 356 5.10 -18.43 -37.58
C LEU B 356 6.26 -18.14 -36.63
N PHE B 357 5.95 -17.87 -35.37
CA PHE B 357 6.98 -17.57 -34.39
C PHE B 357 7.57 -18.85 -33.79
N ILE B 358 7.11 -19.99 -34.28
CA ILE B 358 7.62 -21.28 -33.82
C ILE B 358 8.58 -21.80 -34.87
N SER B 359 8.35 -21.39 -36.13
CA SER B 359 9.18 -21.79 -37.25
C SER B 359 10.59 -21.24 -37.10
N ASN B 360 11.51 -21.71 -37.95
CA ASN B 360 12.89 -21.26 -37.89
C ASN B 360 13.02 -19.79 -38.28
N HIS B 361 11.95 -19.21 -38.84
CA HIS B 361 11.94 -17.80 -39.22
C HIS B 361 11.95 -16.87 -38.02
N ALA B 362 11.53 -17.37 -36.86
CA ALA B 362 11.50 -16.56 -35.64
C ALA B 362 12.89 -16.50 -35.02
N TYR B 363 13.86 -17.11 -35.70
CA TYR B 363 15.24 -17.14 -35.23
C TYR B 363 16.12 -16.37 -36.20
N PRO C 1 8.19 -6.99 -12.02
CA PRO C 1 7.32 -7.64 -13.03
C PRO C 1 8.00 -8.88 -13.60
N HIS C 2 9.16 -9.20 -13.05
CA HIS C 2 9.91 -10.37 -13.51
C HIS C 2 10.01 -11.44 -12.43
N SER C 3 9.58 -12.65 -12.79
CA SER C 3 9.60 -13.77 -11.88
C SER C 3 11.00 -14.28 -11.56
N HIS C 4 11.22 -14.56 -10.27
CA HIS C 4 12.49 -15.10 -9.79
C HIS C 4 12.08 -16.19 -8.82
N PRO C 5 11.62 -17.34 -9.34
CA PRO C 5 11.17 -18.49 -8.55
C PRO C 5 11.85 -18.65 -7.20
N ALA C 6 11.04 -18.56 -6.15
CA ALA C 6 11.56 -18.74 -4.80
C ALA C 6 11.74 -20.23 -4.54
N LEU C 7 10.94 -21.04 -5.23
CA LEU C 7 10.99 -22.50 -5.03
C LEU C 7 11.04 -23.27 -6.35
N THR C 8 11.70 -24.43 -6.32
CA THR C 8 11.80 -25.30 -7.49
C THR C 8 10.57 -26.21 -7.50
N PRO C 9 10.30 -26.87 -8.64
CA PRO C 9 9.13 -27.77 -8.72
C PRO C 9 9.18 -28.83 -7.63
N GLU C 10 10.38 -29.34 -7.36
CA GLU C 10 10.56 -30.36 -6.33
C GLU C 10 10.23 -29.81 -4.94
N GLN C 11 10.68 -28.59 -4.66
CA GLN C 11 10.43 -27.95 -3.36
C GLN C 11 8.94 -27.75 -3.13
N LYS C 12 8.25 -27.27 -4.16
CA LYS C 12 6.81 -27.03 -4.10
C LYS C 12 6.07 -28.34 -3.87
N LYS C 13 6.48 -29.40 -4.58
CA LYS C 13 5.86 -30.69 -4.42
C LYS C 13 5.96 -31.15 -2.97
N GLU C 14 7.16 -31.04 -2.39
CA GLU C 14 7.34 -31.46 -1.00
C GLU C 14 6.43 -30.68 -0.05
N LEU C 15 6.41 -29.36 -0.22
CA LEU C 15 5.57 -28.51 0.62
C LEU C 15 4.09 -28.84 0.45
N SER C 16 3.66 -29.01 -0.79
CA SER C 16 2.26 -29.33 -1.09
C SER C 16 1.84 -30.68 -0.48
N ASP C 17 2.68 -31.70 -0.65
CA ASP C 17 2.37 -33.02 -0.10
C ASP C 17 2.25 -32.99 1.42
N ILE C 18 3.14 -32.26 2.08
CA ILE C 18 3.10 -32.15 3.54
C ILE C 18 1.80 -31.48 3.96
N ALA C 19 1.49 -30.33 3.34
CA ALA C 19 0.27 -29.60 3.68
C ALA C 19 -0.97 -30.49 3.52
N HIS C 20 -1.03 -31.25 2.41
CA HIS C 20 -2.17 -32.14 2.17
C HIS C 20 -2.27 -33.29 3.17
N ARG C 21 -1.13 -33.84 3.58
CA ARG C 21 -1.13 -34.94 4.54
C ARG C 21 -1.70 -34.49 5.88
N ILE C 22 -1.34 -33.28 6.28
CA ILE C 22 -1.78 -32.73 7.56
C ILE C 22 -3.30 -32.60 7.65
N VAL C 23 -3.92 -32.09 6.59
CA VAL C 23 -5.37 -31.89 6.59
C VAL C 23 -6.13 -32.90 5.74
N ALA C 24 -5.58 -34.09 5.57
CA ALA C 24 -6.25 -35.15 4.81
C ALA C 24 -7.64 -35.33 5.43
N PRO C 25 -8.60 -35.83 4.64
CA PRO C 25 -9.97 -36.05 5.12
C PRO C 25 -10.10 -36.73 6.48
N GLY C 26 -10.88 -36.13 7.36
CA GLY C 26 -11.09 -36.70 8.68
C GLY C 26 -9.95 -36.43 9.65
N LYS C 27 -8.95 -35.66 9.22
CA LYS C 27 -7.80 -35.37 10.08
C LYS C 27 -7.64 -33.91 10.48
N GLY C 28 -7.11 -33.70 11.68
CA GLY C 28 -6.89 -32.35 12.18
C GLY C 28 -5.55 -32.27 12.89
N ILE C 29 -5.33 -31.16 13.58
CA ILE C 29 -4.07 -30.94 14.27
C ILE C 29 -4.21 -30.80 15.78
N LEU C 30 -3.33 -31.49 16.50
CA LEU C 30 -3.30 -31.39 17.95
C LEU C 30 -2.29 -30.28 18.27
N ALA C 31 -2.75 -29.20 18.89
CA ALA C 31 -1.88 -28.10 19.26
C ALA C 31 -1.42 -28.31 20.70
N ALA C 32 -0.21 -28.86 20.86
CA ALA C 32 0.35 -29.12 22.18
C ALA C 32 1.63 -28.29 22.33
N ASP C 33 1.63 -27.10 21.73
CA ASP C 33 2.80 -26.23 21.76
C ASP C 33 2.70 -25.09 22.76
N GLU C 34 2.03 -25.32 23.89
CA GLU C 34 1.91 -24.27 24.89
C GLU C 34 3.31 -23.89 25.39
N SER C 35 3.55 -22.59 25.50
CA SER C 35 4.83 -22.09 26.00
C SER C 35 4.93 -22.45 27.48
N THR C 36 6.14 -22.42 28.03
CA THR C 36 6.31 -22.77 29.43
C THR C 36 5.46 -21.88 30.35
N GLY C 37 5.23 -20.64 29.94
CA GLY C 37 4.43 -19.74 30.74
C GLY C 37 2.98 -20.19 30.76
N SER C 38 2.53 -20.74 29.64
CA SER C 38 1.17 -21.22 29.50
C SER C 38 1.00 -22.61 30.11
N ILE C 39 1.94 -23.51 29.80
CA ILE C 39 1.88 -24.87 30.33
C ILE C 39 1.99 -24.83 31.85
N ALA C 40 2.60 -23.77 32.37
CA ALA C 40 2.75 -23.61 33.81
C ALA C 40 1.39 -23.31 34.42
N LYS C 41 0.59 -22.52 33.72
CA LYS C 41 -0.74 -22.17 34.19
C LYS C 41 -1.62 -23.41 34.16
N ARG C 42 -1.39 -24.28 33.17
CA ARG C 42 -2.16 -25.51 33.03
C ARG C 42 -1.90 -26.42 34.23
N LEU C 43 -0.64 -26.74 34.49
CA LEU C 43 -0.27 -27.60 35.59
C LEU C 43 -0.72 -26.98 36.91
N GLN C 44 -0.79 -25.65 36.94
CA GLN C 44 -1.22 -24.93 38.13
C GLN C 44 -2.70 -25.13 38.41
N SER C 45 -3.48 -25.28 37.34
CA SER C 45 -4.91 -25.47 37.47
C SER C 45 -5.28 -26.85 38.00
N ILE C 46 -4.28 -27.72 38.10
CA ILE C 46 -4.50 -29.07 38.60
C ILE C 46 -3.57 -29.38 39.78
N GLY C 47 -3.11 -28.33 40.46
CA GLY C 47 -2.24 -28.50 41.61
C GLY C 47 -0.93 -29.19 41.35
N THR C 48 -0.58 -29.38 40.08
CA THR C 48 0.67 -30.04 39.72
C THR C 48 1.76 -29.00 39.52
N GLU C 49 2.97 -29.29 40.00
CA GLU C 49 4.06 -28.34 39.84
C GLU C 49 4.68 -28.41 38.45
N ASN C 50 5.10 -27.24 37.96
CA ASN C 50 5.68 -27.13 36.64
C ASN C 50 7.13 -27.59 36.57
N THR C 51 7.32 -28.89 36.39
CA THR C 51 8.67 -29.46 36.29
C THR C 51 8.82 -30.01 34.88
N GLU C 52 10.05 -30.20 34.42
CA GLU C 52 10.25 -30.73 33.07
C GLU C 52 9.68 -32.14 32.97
N GLU C 53 9.72 -32.87 34.07
CA GLU C 53 9.21 -34.23 34.10
C GLU C 53 7.71 -34.26 33.93
N ASN C 54 7.00 -33.41 34.69
CA ASN C 54 5.55 -33.35 34.59
C ASN C 54 5.12 -32.90 33.20
N ARG C 55 5.90 -31.99 32.60
CA ARG C 55 5.59 -31.50 31.26
C ARG C 55 5.80 -32.62 30.26
N ARG C 56 6.91 -33.34 30.42
CA ARG C 56 7.22 -34.45 29.52
C ARG C 56 6.17 -35.54 29.64
N PHE C 57 5.76 -35.83 30.87
CA PHE C 57 4.77 -36.87 31.12
C PHE C 57 3.44 -36.52 30.48
N TYR C 58 2.98 -35.29 30.67
CA TYR C 58 1.72 -34.84 30.11
C TYR C 58 1.73 -34.94 28.59
N ARG C 59 2.80 -34.46 27.97
CA ARG C 59 2.89 -34.54 26.51
C ARG C 59 2.91 -36.02 26.10
N GLN C 60 3.61 -36.84 26.86
CA GLN C 60 3.68 -38.26 26.56
C GLN C 60 2.26 -38.83 26.62
N LEU C 61 1.50 -38.39 27.62
CA LEU C 61 0.12 -38.84 27.81
C LEU C 61 -0.70 -38.62 26.54
N LEU C 62 -0.56 -37.44 25.94
CA LEU C 62 -1.28 -37.12 24.71
C LEU C 62 -0.76 -37.86 23.48
N LEU C 63 0.54 -37.79 23.24
CA LEU C 63 1.15 -38.42 22.07
C LEU C 63 1.06 -39.94 22.01
N THR C 64 0.94 -40.59 23.16
CA THR C 64 0.88 -42.05 23.20
C THR C 64 -0.52 -42.62 23.41
N ALA C 65 -1.56 -41.83 23.12
CA ALA C 65 -2.93 -42.31 23.26
C ALA C 65 -3.10 -43.46 22.28
N ASP C 66 -4.11 -44.30 22.48
CA ASP C 66 -4.34 -45.45 21.61
C ASP C 66 -4.52 -45.12 20.12
N ASP C 67 -4.24 -46.12 19.29
CA ASP C 67 -4.31 -46.02 17.84
C ASP C 67 -5.60 -45.48 17.24
N ARG C 68 -6.61 -45.24 18.06
CA ARG C 68 -7.86 -44.71 17.53
C ARG C 68 -7.66 -43.26 17.04
N VAL C 69 -6.67 -42.57 17.60
CA VAL C 69 -6.40 -41.18 17.23
C VAL C 69 -5.64 -41.10 15.90
N ASN C 70 -4.92 -42.16 15.55
CA ASN C 70 -4.15 -42.19 14.32
C ASN C 70 -4.89 -41.62 13.11
N PRO C 71 -6.14 -42.05 12.87
CA PRO C 71 -6.85 -41.50 11.71
C PRO C 71 -7.44 -40.11 11.96
N CYS C 72 -7.34 -39.60 13.19
CA CYS C 72 -7.90 -38.30 13.51
C CYS C 72 -6.84 -37.19 13.52
N ILE C 73 -5.60 -37.58 13.80
CA ILE C 73 -4.50 -36.63 13.90
C ILE C 73 -3.56 -36.64 12.70
N GLY C 74 -3.64 -35.59 11.89
CA GLY C 74 -2.78 -35.48 10.74
C GLY C 74 -1.50 -34.75 11.11
N GLY C 75 -1.52 -34.05 12.24
CA GLY C 75 -0.34 -33.32 12.67
C GLY C 75 -0.36 -32.89 14.13
N VAL C 76 0.83 -32.75 14.70
CA VAL C 76 0.95 -32.34 16.10
C VAL C 76 1.93 -31.19 16.20
N ILE C 77 1.49 -30.08 16.79
CA ILE C 77 2.36 -28.92 16.96
C ILE C 77 3.04 -29.00 18.33
N LEU C 78 4.36 -28.93 18.36
CA LEU C 78 5.11 -29.00 19.60
C LEU C 78 5.88 -27.72 19.92
N PHE C 79 6.17 -27.54 21.20
CA PHE C 79 6.95 -26.41 21.66
C PHE C 79 8.39 -26.93 21.58
N HIS C 80 9.34 -26.03 21.38
CA HIS C 80 10.74 -26.39 21.26
C HIS C 80 11.21 -27.50 22.22
N GLU C 81 10.90 -27.34 23.50
CA GLU C 81 11.31 -28.32 24.51
C GLU C 81 10.88 -29.73 24.17
N THR C 82 9.59 -29.92 24.00
CA THR C 82 8.98 -31.22 23.71
C THR C 82 9.54 -31.91 22.47
N LEU C 83 9.90 -31.12 21.47
CA LEU C 83 10.44 -31.66 20.24
C LEU C 83 11.68 -32.50 20.50
N TYR C 84 12.37 -32.22 21.61
CA TYR C 84 13.58 -32.94 21.95
C TYR C 84 13.45 -33.92 23.11
N GLN C 85 12.22 -34.10 23.63
CA GLN C 85 12.02 -35.04 24.72
C GLN C 85 11.74 -36.46 24.21
N LYS C 86 11.83 -37.43 25.11
CA LYS C 86 11.59 -38.82 24.73
C LYS C 86 10.54 -39.50 25.60
N ALA C 87 9.88 -40.50 25.03
CA ALA C 87 8.86 -41.25 25.76
C ALA C 87 9.56 -42.21 26.71
N ASP C 88 8.81 -42.77 27.65
CA ASP C 88 9.38 -43.71 28.62
C ASP C 88 10.11 -44.88 27.98
N ASP C 89 9.81 -45.16 26.71
CA ASP C 89 10.47 -46.26 26.01
C ASP C 89 11.74 -45.80 25.31
N GLY C 90 12.07 -44.52 25.46
CA GLY C 90 13.28 -43.99 24.86
C GLY C 90 13.15 -43.39 23.47
N ARG C 91 11.97 -43.45 22.87
CA ARG C 91 11.77 -42.89 21.54
C ARG C 91 11.48 -41.40 21.57
N PRO C 92 12.18 -40.62 20.73
CA PRO C 92 11.94 -39.17 20.71
C PRO C 92 10.48 -38.95 20.34
N PHE C 93 9.86 -37.89 20.87
CA PHE C 93 8.47 -37.64 20.58
C PHE C 93 8.14 -37.50 19.09
N PRO C 94 9.00 -36.83 18.31
CA PRO C 94 8.66 -36.72 16.89
C PRO C 94 8.54 -38.10 16.23
N GLN C 95 9.32 -39.05 16.73
CA GLN C 95 9.32 -40.42 16.22
C GLN C 95 8.00 -41.09 16.59
N VAL C 96 7.55 -40.83 17.81
CA VAL C 96 6.30 -41.39 18.29
C VAL C 96 5.16 -40.86 17.43
N ILE C 97 5.19 -39.55 17.17
CA ILE C 97 4.14 -38.91 16.37
C ILE C 97 4.06 -39.48 14.94
N LYS C 98 5.21 -39.56 14.28
CA LYS C 98 5.24 -40.07 12.92
C LYS C 98 4.82 -41.54 12.79
N SER C 99 5.19 -42.37 13.76
CA SER C 99 4.82 -43.77 13.70
C SER C 99 3.31 -43.96 13.86
N LYS C 100 2.63 -42.92 14.34
CA LYS C 100 1.18 -42.97 14.51
C LYS C 100 0.49 -42.28 13.33
N GLY C 101 1.28 -41.96 12.31
CA GLY C 101 0.74 -41.31 11.12
C GLY C 101 0.64 -39.79 11.15
N GLY C 102 1.26 -39.14 12.13
CA GLY C 102 1.17 -37.70 12.19
C GLY C 102 2.40 -36.96 11.70
N VAL C 103 2.22 -35.73 11.25
CA VAL C 103 3.34 -34.91 10.80
C VAL C 103 3.71 -34.08 12.03
N VAL C 104 5.00 -33.83 12.22
CA VAL C 104 5.44 -33.06 13.38
C VAL C 104 5.57 -31.57 13.08
N GLY C 105 4.96 -30.76 13.93
CA GLY C 105 5.03 -29.31 13.76
C GLY C 105 5.77 -28.62 14.89
N ILE C 106 6.28 -27.42 14.64
CA ILE C 106 7.02 -26.67 15.64
C ILE C 106 6.66 -25.17 15.65
N LYS C 107 6.32 -24.66 16.83
CA LYS C 107 5.98 -23.24 16.98
C LYS C 107 7.29 -22.46 16.94
N VAL C 108 7.42 -21.53 16.01
CA VAL C 108 8.65 -20.77 15.87
C VAL C 108 8.63 -19.27 16.20
N ASP C 109 7.48 -18.73 16.59
CA ASP C 109 7.43 -17.31 16.92
C ASP C 109 7.93 -17.12 18.34
N LYS C 110 8.31 -15.88 18.67
CA LYS C 110 8.80 -15.58 20.00
C LYS C 110 7.87 -14.67 20.80
N GLY C 111 6.57 -14.79 20.56
CA GLY C 111 5.60 -13.99 21.30
C GLY C 111 5.29 -12.65 20.70
N VAL C 112 4.27 -11.99 21.25
CA VAL C 112 3.87 -10.68 20.76
C VAL C 112 4.62 -9.56 21.50
N VAL C 113 4.72 -8.41 20.84
CA VAL C 113 5.37 -7.24 21.40
C VAL C 113 4.47 -6.06 21.05
N PRO C 114 4.39 -5.05 21.93
CA PRO C 114 3.55 -3.88 21.69
C PRO C 114 3.95 -2.96 20.53
N LEU C 115 2.95 -2.44 19.85
CA LEU C 115 3.16 -1.51 18.75
C LEU C 115 2.94 -0.10 19.30
N ALA C 116 4.02 0.66 19.39
CA ALA C 116 3.95 2.02 19.90
C ALA C 116 3.00 2.85 19.04
N GLY C 117 2.27 3.77 19.66
CA GLY C 117 1.38 4.61 18.91
C GLY C 117 0.03 3.99 18.63
N THR C 118 -0.22 2.81 19.20
CA THR C 118 -1.49 2.11 19.00
C THR C 118 -2.17 1.89 20.34
N ASN C 119 -3.45 1.54 20.28
CA ASN C 119 -4.21 1.27 21.49
C ASN C 119 -4.03 -0.18 21.91
N GLY C 120 -2.93 -0.46 22.59
CA GLY C 120 -2.66 -1.82 23.06
C GLY C 120 -2.50 -2.89 22.00
N GLU C 121 -2.21 -2.51 20.76
CA GLU C 121 -2.04 -3.50 19.70
C GLU C 121 -0.62 -4.06 19.69
N THR C 122 -0.44 -5.19 19.02
CA THR C 122 0.88 -5.82 18.97
C THR C 122 1.21 -6.36 17.61
N THR C 123 2.44 -6.83 17.49
CA THR C 123 2.91 -7.51 16.30
C THR C 123 3.65 -8.69 16.91
N THR C 124 4.23 -9.56 16.10
CA THR C 124 4.92 -10.72 16.64
C THR C 124 6.39 -10.78 16.23
N GLN C 125 7.25 -11.19 17.16
CA GLN C 125 8.67 -11.30 16.86
C GLN C 125 9.08 -12.77 16.74
N GLY C 126 10.26 -13.01 16.16
CA GLY C 126 10.75 -14.36 15.99
C GLY C 126 11.45 -14.61 14.66
N LEU C 127 11.65 -13.56 13.87
CA LEU C 127 12.31 -13.70 12.57
C LEU C 127 13.83 -13.87 12.62
N ASP C 128 14.45 -13.34 13.67
CA ASP C 128 15.91 -13.42 13.78
C ASP C 128 16.44 -14.84 13.87
N GLY C 129 17.29 -15.19 12.90
CA GLY C 129 17.88 -16.51 12.84
C GLY C 129 16.87 -17.60 12.57
N LEU C 130 15.68 -17.21 12.10
CA LEU C 130 14.62 -18.17 11.82
C LEU C 130 14.95 -19.18 10.75
N SER C 131 15.76 -18.78 9.77
CA SER C 131 16.13 -19.70 8.70
C SER C 131 16.98 -20.86 9.23
N GLU C 132 18.00 -20.53 10.03
CA GLU C 132 18.89 -21.55 10.59
C GLU C 132 18.08 -22.45 11.52
N ARG C 133 17.14 -21.87 12.26
CA ARG C 133 16.32 -22.64 13.17
C ARG C 133 15.43 -23.62 12.42
N CYS C 134 14.82 -23.18 11.33
CA CYS C 134 13.96 -24.03 10.53
C CYS C 134 14.78 -25.18 9.95
N ALA C 135 15.98 -24.87 9.46
CA ALA C 135 16.84 -25.90 8.89
C ALA C 135 17.11 -26.96 9.94
N GLN C 136 17.31 -26.53 11.18
CA GLN C 136 17.60 -27.45 12.27
C GLN C 136 16.35 -28.26 12.63
N TYR C 137 15.21 -27.58 12.78
CA TYR C 137 13.96 -28.24 13.11
C TYR C 137 13.58 -29.27 12.03
N LYS C 138 13.81 -28.92 10.78
CA LYS C 138 13.51 -29.82 9.67
C LYS C 138 14.34 -31.08 9.87
N LYS C 139 15.63 -30.86 10.12
CA LYS C 139 16.58 -31.93 10.34
C LYS C 139 16.16 -32.80 11.53
N ASP C 140 15.58 -32.18 12.55
CA ASP C 140 15.15 -32.92 13.74
C ASP C 140 13.74 -33.52 13.69
N GLY C 141 13.15 -33.59 12.50
CA GLY C 141 11.84 -34.21 12.38
C GLY C 141 10.60 -33.36 12.12
N ALA C 142 10.72 -32.04 12.19
CA ALA C 142 9.57 -31.18 11.95
C ALA C 142 9.34 -30.93 10.46
N ASP C 143 8.07 -30.91 10.05
CA ASP C 143 7.75 -30.66 8.65
C ASP C 143 6.88 -29.43 8.45
N PHE C 144 6.30 -28.97 9.52
CA PHE C 144 5.50 -27.78 9.44
C PHE C 144 5.75 -26.88 10.66
N ALA C 145 5.32 -25.60 10.53
CA ALA C 145 5.54 -24.66 11.63
C ALA C 145 4.31 -23.82 11.94
N LYS C 146 4.35 -23.13 13.08
CA LYS C 146 3.25 -22.26 13.51
C LYS C 146 3.79 -20.92 14.03
N TRP C 147 3.13 -19.85 13.63
CA TRP C 147 3.49 -18.49 14.04
C TRP C 147 2.18 -17.76 14.30
N ARG C 148 2.02 -17.25 15.52
CA ARG C 148 0.78 -16.58 15.90
C ARG C 148 0.80 -15.07 16.03
N CYS C 149 -0.01 -14.41 15.21
CA CYS C 149 -0.16 -12.96 15.27
C CYS C 149 -1.50 -12.74 15.96
N VAL C 150 -1.62 -11.66 16.71
CA VAL C 150 -2.85 -11.38 17.43
C VAL C 150 -3.38 -9.98 17.14
N LEU C 151 -4.64 -9.89 16.75
CA LEU C 151 -5.27 -8.62 16.47
C LEU C 151 -6.49 -8.50 17.39
N LYS C 152 -6.88 -7.27 17.70
CA LYS C 152 -8.00 -7.09 18.59
C LYS C 152 -9.07 -6.16 18.02
N ILE C 153 -10.32 -6.47 18.33
CA ILE C 153 -11.45 -5.68 17.87
C ILE C 153 -11.88 -4.71 18.97
N GLY C 154 -11.81 -3.42 18.65
CA GLY C 154 -12.19 -2.40 19.62
C GLY C 154 -12.58 -1.13 18.90
N GLU C 155 -12.68 -0.03 19.63
CA GLU C 155 -13.07 1.26 19.05
C GLU C 155 -12.28 1.68 17.82
N HIS C 156 -10.96 1.55 17.85
CA HIS C 156 -10.15 1.95 16.72
C HIS C 156 -9.23 0.84 16.26
N THR C 157 -9.55 -0.40 16.63
CA THR C 157 -8.72 -1.53 16.27
C THR C 157 -9.50 -2.68 15.63
N PRO C 158 -8.85 -3.48 14.78
CA PRO C 158 -7.44 -3.40 14.37
C PRO C 158 -7.17 -2.15 13.53
N SER C 159 -6.07 -1.46 13.83
CA SER C 159 -5.73 -0.25 13.07
C SER C 159 -5.04 -0.63 11.77
N ALA C 160 -4.93 0.35 10.86
CA ALA C 160 -4.28 0.12 9.58
C ALA C 160 -2.86 -0.40 9.83
N LEU C 161 -2.16 0.23 10.75
CA LEU C 161 -0.79 -0.16 11.08
C LEU C 161 -0.70 -1.61 11.55
N ALA C 162 -1.58 -2.00 12.47
CA ALA C 162 -1.59 -3.35 13.01
C ALA C 162 -1.87 -4.40 11.93
N ILE C 163 -2.87 -4.15 11.11
CA ILE C 163 -3.24 -5.08 10.04
C ILE C 163 -2.09 -5.27 9.05
N MET C 164 -1.54 -4.16 8.58
CA MET C 164 -0.43 -4.20 7.62
C MET C 164 0.82 -4.84 8.21
N GLU C 165 1.23 -4.41 9.40
CA GLU C 165 2.42 -4.96 10.05
C GLU C 165 2.31 -6.46 10.34
N ASN C 166 1.17 -6.90 10.86
CA ASN C 166 0.98 -8.32 11.16
C ASN C 166 0.95 -9.20 9.90
N ALA C 167 0.30 -8.69 8.85
CA ALA C 167 0.23 -9.43 7.59
C ALA C 167 1.62 -9.55 7.00
N ASN C 168 2.40 -8.48 7.12
CA ASN C 168 3.76 -8.48 6.58
C ASN C 168 4.69 -9.44 7.31
N VAL C 169 4.61 -9.48 8.64
CA VAL C 169 5.52 -10.36 9.39
C VAL C 169 5.14 -11.82 9.14
N LEU C 170 3.86 -12.10 8.94
CA LEU C 170 3.43 -13.47 8.67
C LEU C 170 4.01 -13.89 7.32
N ALA C 171 4.08 -12.94 6.38
CA ALA C 171 4.62 -13.24 5.06
C ALA C 171 6.12 -13.54 5.13
N ARG C 172 6.85 -12.79 5.96
CA ARG C 172 8.29 -12.99 6.14
C ARG C 172 8.51 -14.40 6.69
N TYR C 173 7.75 -14.73 7.73
CA TYR C 173 7.81 -16.03 8.39
C TYR C 173 7.51 -17.18 7.43
N ALA C 174 6.45 -17.02 6.65
CA ALA C 174 6.05 -18.05 5.69
C ALA C 174 7.15 -18.24 4.63
N SER C 175 7.72 -17.13 4.16
CA SER C 175 8.77 -17.18 3.15
C SER C 175 9.98 -17.95 3.65
N ILE C 176 10.45 -17.61 4.85
CA ILE C 176 11.60 -18.28 5.42
C ILE C 176 11.33 -19.77 5.61
N CYS C 177 10.13 -20.12 6.06
CA CYS C 177 9.77 -21.52 6.26
C CYS C 177 9.85 -22.33 4.96
N GLN C 178 9.17 -21.86 3.93
CA GLN C 178 9.16 -22.59 2.66
C GLN C 178 10.55 -22.76 2.05
N GLN C 179 11.48 -21.88 2.42
CA GLN C 179 12.84 -21.98 1.90
C GLN C 179 13.56 -23.15 2.56
N ASN C 180 13.03 -23.59 3.69
CA ASN C 180 13.65 -24.68 4.44
C ASN C 180 12.81 -25.95 4.49
N GLY C 181 11.96 -26.14 3.49
CA GLY C 181 11.12 -27.33 3.42
C GLY C 181 10.06 -27.43 4.50
N ILE C 182 9.78 -26.33 5.18
CA ILE C 182 8.78 -26.33 6.25
C ILE C 182 7.49 -25.65 5.78
N VAL C 183 6.37 -26.34 5.98
CA VAL C 183 5.07 -25.80 5.60
C VAL C 183 4.63 -24.85 6.69
N PRO C 184 4.42 -23.57 6.34
CA PRO C 184 4.00 -22.60 7.35
C PRO C 184 2.48 -22.51 7.57
N ILE C 185 2.07 -22.57 8.83
CA ILE C 185 0.67 -22.39 9.15
C ILE C 185 0.58 -20.90 9.49
N VAL C 186 -0.20 -20.17 8.71
CA VAL C 186 -0.37 -18.74 8.90
C VAL C 186 -1.51 -18.47 9.88
N GLU C 187 -1.18 -17.96 11.06
CA GLU C 187 -2.20 -17.69 12.08
C GLU C 187 -2.43 -16.22 12.42
N PRO C 188 -3.40 -15.58 11.75
CA PRO C 188 -3.75 -14.18 11.97
C PRO C 188 -4.98 -14.22 12.88
N GLU C 189 -4.77 -14.53 14.15
CA GLU C 189 -5.89 -14.65 15.08
C GLU C 189 -6.52 -13.36 15.56
N ILE C 190 -7.80 -13.18 15.25
CA ILE C 190 -8.55 -12.02 15.70
C ILE C 190 -9.19 -12.46 17.02
N LEU C 191 -8.78 -11.84 18.12
CA LEU C 191 -9.32 -12.20 19.42
C LEU C 191 -10.83 -11.98 19.51
N PRO C 192 -11.51 -12.83 20.29
CA PRO C 192 -12.95 -12.74 20.49
C PRO C 192 -13.30 -11.77 21.62
N ASP C 193 -12.27 -11.22 22.25
CA ASP C 193 -12.46 -10.26 23.35
C ASP C 193 -13.24 -9.04 22.91
N GLY C 194 -14.21 -8.64 23.73
CA GLY C 194 -15.01 -7.47 23.40
C GLY C 194 -16.50 -7.76 23.29
N ASP C 195 -17.29 -6.71 23.13
CA ASP C 195 -18.74 -6.85 23.03
C ASP C 195 -19.28 -6.65 21.61
N HIS C 196 -18.40 -6.78 20.62
CA HIS C 196 -18.81 -6.63 19.23
C HIS C 196 -19.70 -7.81 18.85
N ASP C 197 -20.52 -7.65 17.81
CA ASP C 197 -21.39 -8.72 17.37
C ASP C 197 -20.79 -9.56 16.25
N LEU C 198 -21.59 -10.48 15.72
CA LEU C 198 -21.14 -11.37 14.65
C LEU C 198 -20.74 -10.62 13.39
N LYS C 199 -21.57 -9.66 12.99
CA LYS C 199 -21.31 -8.86 11.81
C LYS C 199 -19.97 -8.15 11.86
N ARG C 200 -19.67 -7.56 13.01
CA ARG C 200 -18.41 -6.85 13.20
C ARG C 200 -17.24 -7.81 13.06
N CYS C 201 -17.34 -8.99 13.67
CA CYS C 201 -16.26 -9.94 13.56
C CYS C 201 -16.08 -10.39 12.12
N GLN C 202 -17.19 -10.58 11.40
CA GLN C 202 -17.07 -11.02 10.02
C GLN C 202 -16.39 -9.94 9.18
N TYR C 203 -16.77 -8.69 9.43
CA TYR C 203 -16.19 -7.56 8.70
C TYR C 203 -14.68 -7.50 8.93
N VAL C 204 -14.27 -7.50 10.19
CA VAL C 204 -12.85 -7.44 10.54
C VAL C 204 -12.09 -8.65 9.98
N THR C 205 -12.67 -9.83 10.12
CA THR C 205 -12.03 -11.04 9.63
C THR C 205 -11.76 -10.94 8.12
N GLU C 206 -12.73 -10.40 7.37
CA GLU C 206 -12.59 -10.24 5.94
C GLU C 206 -11.48 -9.26 5.56
N LYS C 207 -11.36 -8.14 6.28
CA LYS C 207 -10.32 -7.15 5.98
C LYS C 207 -8.95 -7.68 6.35
N VAL C 208 -8.87 -8.40 7.46
CA VAL C 208 -7.60 -8.97 7.92
C VAL C 208 -7.10 -10.04 6.95
N LEU C 209 -7.97 -10.96 6.55
CA LEU C 209 -7.55 -12.01 5.65
C LEU C 209 -7.19 -11.47 4.26
N ALA C 210 -7.86 -10.40 3.84
CA ALA C 210 -7.56 -9.83 2.53
C ALA C 210 -6.14 -9.27 2.56
N ALA C 211 -5.77 -8.68 3.69
CA ALA C 211 -4.44 -8.11 3.87
C ALA C 211 -3.38 -9.21 3.93
N VAL C 212 -3.70 -10.27 4.65
CA VAL C 212 -2.77 -11.39 4.79
C VAL C 212 -2.46 -11.97 3.43
N TYR C 213 -3.50 -12.27 2.60
CA TYR C 213 -3.23 -12.88 1.29
C TYR C 213 -2.55 -11.93 0.31
N LYS C 214 -2.75 -10.62 0.42
CA LYS C 214 -2.05 -9.66 -0.43
C LYS C 214 -0.56 -9.67 -0.08
N ALA C 215 -0.30 -9.73 1.22
CA ALA C 215 1.08 -9.77 1.72
C ALA C 215 1.79 -11.05 1.29
N LEU C 216 1.08 -12.18 1.39
CA LEU C 216 1.69 -13.44 0.99
C LEU C 216 2.06 -13.36 -0.47
N SER C 217 1.21 -12.70 -1.26
CA SER C 217 1.46 -12.54 -2.69
C SER C 217 2.67 -11.65 -2.93
N ASP C 218 2.73 -10.52 -2.24
CA ASP C 218 3.84 -9.59 -2.37
C ASP C 218 5.16 -10.26 -2.03
N HIS C 219 5.12 -11.18 -1.06
CA HIS C 219 6.30 -11.90 -0.62
C HIS C 219 6.57 -13.22 -1.36
N HIS C 220 5.83 -13.44 -2.45
CA HIS C 220 6.01 -14.63 -3.30
C HIS C 220 5.80 -15.97 -2.59
N ILE C 221 4.76 -16.07 -1.76
CA ILE C 221 4.47 -17.29 -1.03
C ILE C 221 3.71 -18.31 -1.87
N TYR C 222 4.06 -19.58 -1.71
CA TYR C 222 3.43 -20.69 -2.43
C TYR C 222 2.27 -21.19 -1.57
N LEU C 223 1.08 -20.67 -1.85
CA LEU C 223 -0.14 -20.98 -1.10
C LEU C 223 -0.47 -22.46 -0.92
N GLU C 224 -0.25 -23.25 -1.98
CA GLU C 224 -0.53 -24.68 -1.89
C GLU C 224 0.31 -25.34 -0.81
N GLY C 225 1.42 -24.69 -0.46
CA GLY C 225 2.30 -25.23 0.56
C GLY C 225 2.15 -24.47 1.87
N THR C 226 0.94 -24.03 2.14
CA THR C 226 0.65 -23.30 3.38
C THR C 226 -0.71 -23.70 3.92
N LEU C 227 -0.93 -23.36 5.18
CA LEU C 227 -2.22 -23.60 5.83
C LEU C 227 -2.58 -22.30 6.55
N LEU C 228 -3.88 -22.06 6.71
CA LEU C 228 -4.35 -20.87 7.39
C LEU C 228 -5.02 -21.31 8.69
N LYS C 229 -4.69 -20.62 9.79
CA LYS C 229 -5.26 -20.93 11.09
C LYS C 229 -5.94 -19.66 11.58
N PRO C 230 -7.18 -19.45 11.14
CA PRO C 230 -7.90 -18.25 11.55
C PRO C 230 -8.88 -18.55 12.66
N ASN C 231 -9.42 -17.49 13.21
CA ASN C 231 -10.43 -17.59 14.24
C ASN C 231 -11.72 -17.86 13.48
N MET C 232 -12.68 -18.54 14.12
CA MET C 232 -13.97 -18.73 13.47
C MET C 232 -14.60 -17.36 13.61
N VAL C 233 -15.65 -17.09 12.85
CA VAL C 233 -16.31 -15.79 12.97
C VAL C 233 -17.41 -15.94 14.03
N THR C 234 -17.24 -15.27 15.17
CA THR C 234 -18.20 -15.33 16.27
C THR C 234 -18.35 -13.95 16.91
N PRO C 235 -19.40 -13.77 17.72
CA PRO C 235 -19.57 -12.47 18.36
C PRO C 235 -18.50 -12.36 19.46
N GLY C 236 -18.30 -11.17 20.00
CA GLY C 236 -17.31 -11.02 21.06
C GLY C 236 -17.80 -11.72 22.31
N HIS C 237 -16.89 -12.03 23.23
CA HIS C 237 -17.25 -12.70 24.47
C HIS C 237 -18.23 -11.92 25.33
N ALA C 238 -18.13 -10.59 25.29
CA ALA C 238 -19.02 -9.73 26.08
C ALA C 238 -20.31 -9.39 25.36
N CYS C 239 -20.48 -9.90 24.15
CA CYS C 239 -21.69 -9.63 23.38
C CYS C 239 -22.86 -10.31 24.07
N THR C 240 -23.97 -9.60 24.22
CA THR C 240 -25.15 -10.15 24.89
C THR C 240 -25.97 -11.05 23.97
N GLN C 241 -25.85 -10.85 22.66
CA GLN C 241 -26.60 -11.64 21.71
C GLN C 241 -25.98 -13.01 21.43
N LYS C 242 -26.80 -14.05 21.60
CA LYS C 242 -26.34 -15.41 21.35
C LYS C 242 -26.74 -15.80 19.93
N TYR C 243 -25.79 -16.38 19.20
CA TYR C 243 -26.02 -16.79 17.82
C TYR C 243 -26.07 -18.30 17.70
N SER C 244 -26.73 -18.79 16.66
CA SER C 244 -26.83 -20.22 16.43
C SER C 244 -25.55 -20.71 15.79
N HIS C 245 -25.37 -22.03 15.77
CA HIS C 245 -24.18 -22.61 15.18
C HIS C 245 -24.23 -22.43 13.66
N GLU C 246 -25.43 -22.39 13.12
CA GLU C 246 -25.62 -22.21 11.68
C GLU C 246 -25.15 -20.80 11.27
N GLU C 247 -25.42 -19.81 12.11
CA GLU C 247 -25.02 -18.43 11.83
C GLU C 247 -23.50 -18.28 11.92
N ILE C 248 -22.91 -18.91 12.92
CA ILE C 248 -21.46 -18.86 13.10
C ILE C 248 -20.83 -19.52 11.87
N ALA C 249 -21.41 -20.62 11.42
CA ALA C 249 -20.90 -21.35 10.25
C ALA C 249 -21.03 -20.53 8.97
N MET C 250 -22.19 -19.90 8.78
CA MET C 250 -22.43 -19.10 7.59
C MET C 250 -21.50 -17.88 7.54
N ALA C 251 -21.36 -17.20 8.66
CA ALA C 251 -20.50 -16.03 8.75
C ALA C 251 -19.03 -16.43 8.51
N THR C 252 -18.63 -17.55 9.10
CA THR C 252 -17.26 -18.04 8.97
C THR C 252 -16.95 -18.44 7.53
N VAL C 253 -17.76 -19.34 6.98
CA VAL C 253 -17.56 -19.80 5.61
C VAL C 253 -17.66 -18.66 4.60
N THR C 254 -18.54 -17.70 4.86
CA THR C 254 -18.69 -16.57 3.95
C THR C 254 -17.41 -15.72 3.95
N ALA C 255 -16.89 -15.44 5.15
CA ALA C 255 -15.67 -14.65 5.27
C ALA C 255 -14.52 -15.31 4.51
N LEU C 256 -14.39 -16.62 4.69
CA LEU C 256 -13.34 -17.37 4.02
C LEU C 256 -13.51 -17.34 2.50
N ARG C 257 -14.72 -17.59 2.03
CA ARG C 257 -15.00 -17.60 0.60
C ARG C 257 -14.66 -16.26 -0.09
N ARG C 258 -14.79 -15.17 0.65
CA ARG C 258 -14.52 -13.84 0.10
C ARG C 258 -13.06 -13.42 0.19
N THR C 259 -12.24 -14.20 0.89
CA THR C 259 -10.84 -13.83 1.06
C THR C 259 -9.75 -14.87 0.81
N VAL C 260 -10.05 -16.14 1.05
CA VAL C 260 -9.03 -17.18 0.88
C VAL C 260 -8.98 -17.86 -0.49
N PRO C 261 -7.87 -17.70 -1.22
CA PRO C 261 -7.76 -18.33 -2.54
C PRO C 261 -7.90 -19.84 -2.41
N PRO C 262 -8.63 -20.48 -3.35
CA PRO C 262 -8.81 -21.93 -3.29
C PRO C 262 -7.49 -22.71 -3.32
N ALA C 263 -6.42 -22.08 -3.81
CA ALA C 263 -5.11 -22.72 -3.87
C ALA C 263 -4.62 -23.06 -2.46
N VAL C 264 -5.14 -22.36 -1.45
CA VAL C 264 -4.75 -22.63 -0.07
C VAL C 264 -5.21 -24.05 0.24
N THR C 265 -4.27 -24.90 0.66
CA THR C 265 -4.55 -26.31 0.95
C THR C 265 -5.57 -26.57 2.06
N GLY C 266 -5.50 -25.82 3.15
CA GLY C 266 -6.46 -26.04 4.21
C GLY C 266 -6.53 -24.98 5.28
N VAL C 267 -7.66 -25.00 6.00
CA VAL C 267 -7.92 -24.08 7.09
C VAL C 267 -8.05 -24.91 8.36
N THR C 268 -7.17 -24.63 9.32
CA THR C 268 -7.17 -25.34 10.59
C THR C 268 -7.57 -24.31 11.64
N PHE C 269 -8.85 -24.30 11.97
CA PHE C 269 -9.43 -23.37 12.94
C PHE C 269 -8.91 -23.46 14.37
N LEU C 270 -8.74 -22.30 14.98
CA LEU C 270 -8.34 -22.22 16.37
C LEU C 270 -9.73 -22.15 17.02
N SER C 271 -9.85 -22.56 18.28
CA SER C 271 -11.16 -22.53 18.93
C SER C 271 -11.30 -21.46 20.01
N GLY C 272 -10.21 -20.77 20.30
CA GLY C 272 -10.26 -19.72 21.31
C GLY C 272 -10.75 -20.20 22.67
N GLY C 273 -11.70 -19.47 23.23
CA GLY C 273 -12.22 -19.84 24.53
C GLY C 273 -13.42 -20.76 24.49
N GLN C 274 -13.69 -21.34 23.32
CA GLN C 274 -14.82 -22.25 23.18
C GLN C 274 -14.59 -23.55 23.95
N SER C 275 -15.66 -24.15 24.44
CA SER C 275 -15.55 -25.41 25.16
C SER C 275 -15.26 -26.49 24.13
N GLU C 276 -14.83 -27.66 24.61
CA GLU C 276 -14.53 -28.78 23.72
C GLU C 276 -15.68 -29.11 22.79
N GLU C 277 -16.87 -29.29 23.37
CA GLU C 277 -18.06 -29.64 22.60
C GLU C 277 -18.46 -28.50 21.65
N GLU C 278 -18.34 -27.27 22.14
CA GLU C 278 -18.68 -26.10 21.35
C GLU C 278 -17.80 -26.03 20.10
N ALA C 279 -16.49 -26.19 20.29
CA ALA C 279 -15.55 -26.15 19.19
C ALA C 279 -15.88 -27.21 18.15
N SER C 280 -16.27 -28.40 18.62
CA SER C 280 -16.60 -29.48 17.71
C SER C 280 -17.89 -29.21 16.96
N ILE C 281 -18.89 -28.70 17.69
CA ILE C 281 -20.18 -28.41 17.07
C ILE C 281 -20.06 -27.33 16.00
N ASN C 282 -19.28 -26.29 16.28
CA ASN C 282 -19.12 -25.22 15.30
C ASN C 282 -18.32 -25.70 14.10
N LEU C 283 -17.28 -26.50 14.36
CA LEU C 283 -16.48 -27.02 13.25
C LEU C 283 -17.37 -27.87 12.35
N ASN C 284 -18.29 -28.61 12.97
CA ASN C 284 -19.21 -29.46 12.22
C ASN C 284 -20.18 -28.61 11.40
N ALA C 285 -20.72 -27.57 12.03
CA ALA C 285 -21.66 -26.67 11.37
C ALA C 285 -20.99 -26.00 10.16
N ILE C 286 -19.72 -25.65 10.32
CA ILE C 286 -18.96 -25.00 9.25
C ILE C 286 -18.82 -25.94 8.04
N ASN C 287 -18.62 -27.22 8.30
CA ASN C 287 -18.49 -28.20 7.23
C ASN C 287 -19.84 -28.58 6.62
N LYS C 288 -20.92 -28.25 7.32
CA LYS C 288 -22.28 -28.54 6.84
C LYS C 288 -22.85 -27.32 6.10
N CYS C 289 -22.17 -26.18 6.19
CA CYS C 289 -22.65 -24.97 5.53
C CYS C 289 -22.89 -25.21 4.04
N PRO C 290 -24.10 -24.88 3.56
CA PRO C 290 -24.51 -25.03 2.15
C PRO C 290 -23.89 -24.02 1.18
N LEU C 291 -22.57 -23.95 1.18
CA LEU C 291 -21.84 -23.06 0.28
C LEU C 291 -20.57 -23.82 -0.13
N LEU C 292 -20.06 -23.54 -1.32
CA LEU C 292 -18.88 -24.22 -1.81
C LEU C 292 -17.63 -23.84 -0.99
N LYS C 293 -16.92 -24.87 -0.52
CA LYS C 293 -15.72 -24.70 0.28
C LYS C 293 -14.57 -25.45 -0.40
N PRO C 294 -13.75 -24.74 -1.19
CA PRO C 294 -12.62 -25.30 -1.94
C PRO C 294 -11.40 -25.74 -1.14
N TRP C 295 -11.46 -25.65 0.18
CA TRP C 295 -10.35 -26.05 1.02
C TRP C 295 -10.80 -26.88 2.21
N ALA C 296 -9.90 -27.73 2.69
CA ALA C 296 -10.23 -28.55 3.86
C ALA C 296 -10.54 -27.59 4.99
N LEU C 297 -11.55 -27.92 5.80
CA LEU C 297 -11.96 -27.11 6.94
C LEU C 297 -11.85 -28.02 8.15
N THR C 298 -10.75 -27.90 8.88
CA THR C 298 -10.53 -28.77 10.01
C THR C 298 -10.09 -28.04 11.28
N PHE C 299 -9.47 -28.78 12.19
CA PHE C 299 -9.05 -28.22 13.46
C PHE C 299 -7.56 -28.17 13.76
N SER C 300 -7.21 -27.26 14.67
CA SER C 300 -5.87 -27.08 15.18
C SER C 300 -6.20 -26.63 16.60
N TYR C 301 -6.61 -27.59 17.42
CA TYR C 301 -7.03 -27.33 18.79
C TYR C 301 -6.02 -27.70 19.88
N GLY C 302 -5.97 -26.86 20.90
CA GLY C 302 -5.08 -27.12 22.02
C GLY C 302 -6.02 -27.46 23.17
N ARG C 303 -6.58 -26.40 23.77
CA ARG C 303 -7.52 -26.54 24.87
C ARG C 303 -8.72 -27.43 24.53
N ALA C 304 -9.34 -27.18 23.38
CA ALA C 304 -10.52 -27.93 22.93
C ALA C 304 -10.29 -29.43 22.74
N LEU C 305 -9.04 -29.87 22.86
CA LEU C 305 -8.71 -31.29 22.72
C LEU C 305 -8.11 -31.82 24.02
N GLN C 306 -7.58 -30.90 24.84
CA GLN C 306 -6.92 -31.26 26.09
C GLN C 306 -7.65 -31.01 27.40
N ALA C 307 -8.52 -30.00 27.43
CA ALA C 307 -9.24 -29.62 28.65
C ALA C 307 -9.61 -30.80 29.55
N SER C 308 -10.48 -31.68 29.06
CA SER C 308 -10.91 -32.84 29.85
C SER C 308 -9.76 -33.79 30.19
N ALA C 309 -8.83 -33.99 29.26
CA ALA C 309 -7.72 -34.88 29.50
C ALA C 309 -6.87 -34.36 30.65
N LEU C 310 -6.65 -33.05 30.66
CA LEU C 310 -5.85 -32.40 31.70
C LEU C 310 -6.51 -32.57 33.06
N LYS C 311 -7.82 -32.32 33.11
CA LYS C 311 -8.58 -32.43 34.35
C LYS C 311 -8.58 -33.87 34.87
N ALA C 312 -8.82 -34.82 33.98
CA ALA C 312 -8.85 -36.23 34.35
C ALA C 312 -7.50 -36.70 34.89
N TRP C 313 -6.42 -36.21 34.29
CA TRP C 313 -5.07 -36.57 34.73
C TRP C 313 -4.78 -36.06 36.13
N GLY C 314 -5.01 -34.77 36.35
CA GLY C 314 -4.77 -34.18 37.66
C GLY C 314 -3.36 -34.39 38.20
N GLY C 315 -2.41 -34.63 37.31
CA GLY C 315 -1.04 -34.83 37.74
C GLY C 315 -0.81 -36.17 38.41
N LYS C 316 -1.79 -37.06 38.30
CA LYS C 316 -1.69 -38.38 38.91
C LYS C 316 -1.49 -39.47 37.88
N LYS C 317 -0.38 -40.20 37.98
CA LYS C 317 -0.07 -41.28 37.05
C LYS C 317 -1.15 -42.34 37.04
N GLU C 318 -1.84 -42.49 38.18
CA GLU C 318 -2.89 -43.48 38.33
C GLU C 318 -4.07 -43.18 37.40
N ASN C 319 -4.11 -41.98 36.83
CA ASN C 319 -5.21 -41.58 35.96
C ASN C 319 -4.81 -41.51 34.48
N LEU C 320 -3.67 -42.12 34.15
CA LEU C 320 -3.17 -42.12 32.77
C LEU C 320 -4.21 -42.53 31.75
N LYS C 321 -4.78 -43.73 31.93
CA LYS C 321 -5.77 -44.25 31.01
C LYS C 321 -7.01 -43.36 30.90
N ALA C 322 -7.54 -42.95 32.04
CA ALA C 322 -8.73 -42.10 32.06
C ALA C 322 -8.49 -40.79 31.33
N ALA C 323 -7.30 -40.22 31.50
CA ALA C 323 -6.96 -38.96 30.86
C ALA C 323 -6.88 -39.12 29.35
N GLN C 324 -6.12 -40.11 28.90
CA GLN C 324 -5.97 -40.36 27.47
C GLN C 324 -7.30 -40.63 26.80
N GLU C 325 -8.23 -41.22 27.56
CA GLU C 325 -9.56 -41.54 27.04
C GLU C 325 -10.27 -40.25 26.66
N GLU C 326 -10.21 -39.25 27.55
CA GLU C 326 -10.84 -37.96 27.28
C GLU C 326 -10.31 -37.33 26.00
N TYR C 327 -9.00 -37.38 25.82
CA TYR C 327 -8.37 -36.83 24.61
C TYR C 327 -8.83 -37.57 23.35
N VAL C 328 -8.79 -38.90 23.39
CA VAL C 328 -9.21 -39.69 22.25
C VAL C 328 -10.63 -39.35 21.85
N LYS C 329 -11.51 -39.20 22.84
CA LYS C 329 -12.89 -38.88 22.54
C LYS C 329 -13.01 -37.55 21.80
N ARG C 330 -12.27 -36.53 22.23
CA ARG C 330 -12.34 -35.25 21.54
C ARG C 330 -11.69 -35.39 20.17
N ALA C 331 -10.65 -36.22 20.09
CA ALA C 331 -9.97 -36.44 18.81
C ALA C 331 -10.98 -37.02 17.82
N LEU C 332 -11.71 -38.03 18.28
CA LEU C 332 -12.71 -38.71 17.46
C LEU C 332 -13.84 -37.76 17.07
N ALA C 333 -14.32 -37.00 18.03
CA ALA C 333 -15.41 -36.07 17.77
C ALA C 333 -15.04 -35.06 16.68
N ASN C 334 -13.84 -34.48 16.77
CA ASN C 334 -13.42 -33.49 15.79
C ASN C 334 -13.05 -34.08 14.44
N SER C 335 -12.74 -35.37 14.41
CA SER C 335 -12.41 -36.04 13.15
C SER C 335 -13.70 -36.07 12.34
N LEU C 336 -14.81 -36.29 13.04
CA LEU C 336 -16.12 -36.34 12.41
C LEU C 336 -16.58 -34.92 12.02
N ALA C 337 -16.30 -33.97 12.90
CA ALA C 337 -16.68 -32.58 12.67
C ALA C 337 -16.01 -31.98 11.44
N CYS C 338 -14.74 -32.32 11.21
CA CYS C 338 -14.03 -31.78 10.05
C CYS C 338 -14.51 -32.43 8.77
N GLN C 339 -15.61 -33.17 8.88
CA GLN C 339 -16.22 -33.85 7.74
C GLN C 339 -17.72 -33.60 7.77
N GLY C 340 -18.18 -32.80 8.72
CA GLY C 340 -19.60 -32.54 8.84
C GLY C 340 -20.37 -33.80 9.22
N LYS C 341 -19.69 -34.74 9.89
CA LYS C 341 -20.30 -36.00 10.29
C LYS C 341 -20.55 -36.11 11.78
N TYR C 342 -20.41 -35.00 12.51
CA TYR C 342 -20.59 -35.02 13.96
C TYR C 342 -22.01 -34.74 14.42
N THR C 343 -22.32 -35.19 15.64
CA THR C 343 -23.62 -34.98 16.25
C THR C 343 -23.37 -34.69 17.72
N PRO C 344 -23.94 -33.61 18.26
CA PRO C 344 -23.78 -33.21 19.66
C PRO C 344 -23.61 -34.37 20.64
N SER C 345 -24.69 -34.77 21.30
CA SER C 345 -24.66 -35.86 22.27
C SER C 345 -25.97 -35.93 23.05
N ASN C 360 -37.50 -24.75 28.10
CA ASN C 360 -38.18 -23.91 29.08
C ASN C 360 -37.19 -23.09 29.92
N HIS C 361 -36.21 -23.78 30.49
CA HIS C 361 -35.20 -23.13 31.32
C HIS C 361 -34.21 -22.33 30.48
N ALA C 362 -34.27 -22.52 29.17
CA ALA C 362 -33.39 -21.80 28.25
C ALA C 362 -34.08 -20.48 27.88
N TYR C 363 -35.15 -20.17 28.59
CA TYR C 363 -35.93 -18.96 28.38
C TYR C 363 -35.93 -18.11 29.65
N PRO D 1 -7.59 6.93 12.25
CA PRO D 1 -7.78 8.40 12.28
C PRO D 1 -7.74 8.92 13.71
N HIS D 2 -7.25 8.09 14.62
CA HIS D 2 -7.18 8.48 16.02
C HIS D 2 -5.77 8.44 16.58
N SER D 3 -5.40 9.53 17.24
CA SER D 3 -4.09 9.71 17.84
C SER D 3 -3.90 8.95 19.15
N HIS D 4 -2.84 8.16 19.20
CA HIS D 4 -2.48 7.38 20.38
C HIS D 4 -1.00 7.67 20.63
N PRO D 5 -0.71 8.86 21.17
CA PRO D 5 0.66 9.31 21.47
C PRO D 5 1.64 8.19 21.79
N ALA D 6 2.64 8.04 20.92
CA ALA D 6 3.66 7.03 21.12
C ALA D 6 4.64 7.53 22.17
N LEU D 7 4.80 8.85 22.23
CA LEU D 7 5.74 9.50 23.15
C LEU D 7 5.10 10.68 23.89
N THR D 8 5.64 11.01 25.06
CA THR D 8 5.14 12.15 25.83
C THR D 8 6.01 13.34 25.45
N PRO D 9 5.59 14.55 25.83
CA PRO D 9 6.38 15.75 25.49
C PRO D 9 7.80 15.62 26.02
N GLU D 10 7.94 15.04 27.20
CA GLU D 10 9.25 14.87 27.82
C GLU D 10 10.13 13.88 27.05
N GLN D 11 9.54 12.81 26.56
CA GLN D 11 10.31 11.81 25.82
C GLN D 11 10.76 12.39 24.49
N LYS D 12 9.88 13.16 23.87
CA LYS D 12 10.22 13.79 22.59
C LYS D 12 11.39 14.76 22.77
N LYS D 13 11.31 15.60 23.80
CA LYS D 13 12.36 16.57 24.04
C LYS D 13 13.72 15.87 24.19
N GLU D 14 13.75 14.77 24.95
CA GLU D 14 15.00 14.04 25.15
C GLU D 14 15.57 13.53 23.82
N LEU D 15 14.71 12.97 22.97
CA LEU D 15 15.17 12.46 21.67
C LEU D 15 15.63 13.62 20.78
N SER D 16 14.88 14.71 20.81
CA SER D 16 15.22 15.88 19.99
C SER D 16 16.56 16.48 20.40
N ASP D 17 16.76 16.66 21.71
CA ASP D 17 18.00 17.21 22.21
C ASP D 17 19.18 16.33 21.80
N ILE D 18 19.03 15.02 21.96
CA ILE D 18 20.09 14.08 21.57
C ILE D 18 20.40 14.21 20.07
N ALA D 19 19.37 14.17 19.24
CA ALA D 19 19.56 14.26 17.79
C ALA D 19 20.30 15.54 17.42
N HIS D 20 19.88 16.66 17.98
CA HIS D 20 20.51 17.93 17.70
C HIS D 20 21.97 17.99 18.15
N ARG D 21 22.28 17.37 19.27
CA ARG D 21 23.66 17.39 19.76
C ARG D 21 24.61 16.65 18.82
N ILE D 22 24.15 15.53 18.28
CA ILE D 22 24.97 14.72 17.39
C ILE D 22 25.36 15.42 16.09
N VAL D 23 24.43 16.20 15.53
CA VAL D 23 24.71 16.89 14.28
C VAL D 23 24.88 18.40 14.43
N ALA D 24 25.24 18.86 15.62
CA ALA D 24 25.43 20.30 15.86
C ALA D 24 26.45 20.84 14.85
N PRO D 25 26.37 22.13 14.52
CA PRO D 25 27.29 22.74 13.55
C PRO D 25 28.74 22.32 13.66
N GLY D 26 29.31 21.88 12.52
CA GLY D 26 30.68 21.46 12.49
C GLY D 26 30.95 20.06 13.01
N LYS D 27 29.92 19.38 13.51
CA LYS D 27 30.09 18.04 14.06
C LYS D 27 29.55 16.91 13.19
N GLY D 28 30.23 15.77 13.27
CA GLY D 28 29.84 14.61 12.52
C GLY D 28 29.94 13.35 13.36
N ILE D 29 29.78 12.19 12.75
CA ILE D 29 29.83 10.94 13.47
C ILE D 29 30.98 10.03 13.04
N LEU D 30 31.64 9.42 14.02
CA LEU D 30 32.71 8.47 13.75
C LEU D 30 32.03 7.10 13.82
N ALA D 31 32.03 6.38 12.72
CA ALA D 31 31.43 5.05 12.68
C ALA D 31 32.50 4.02 12.97
N ALA D 32 32.60 3.61 14.24
CA ALA D 32 33.59 2.61 14.65
C ALA D 32 32.90 1.33 15.09
N ASP D 33 31.77 1.04 14.47
CA ASP D 33 30.96 -0.13 14.81
C ASP D 33 31.17 -1.33 13.89
N GLU D 34 32.37 -1.50 13.35
CA GLU D 34 32.62 -2.64 12.47
C GLU D 34 32.33 -3.93 13.24
N SER D 35 31.68 -4.88 12.56
CA SER D 35 31.34 -6.16 13.16
C SER D 35 32.60 -6.98 13.42
N THR D 36 32.43 -8.14 14.05
CA THR D 36 33.54 -9.02 14.35
C THR D 36 34.21 -9.48 13.05
N GLY D 37 33.39 -9.78 12.05
CA GLY D 37 33.92 -10.22 10.77
C GLY D 37 34.51 -9.07 9.97
N SER D 38 33.89 -7.90 10.09
CA SER D 38 34.36 -6.72 9.38
C SER D 38 35.70 -6.23 9.95
N ILE D 39 35.75 -6.05 11.27
CA ILE D 39 36.96 -5.57 11.91
C ILE D 39 38.10 -6.57 11.71
N ALA D 40 37.74 -7.82 11.49
CA ALA D 40 38.73 -8.86 11.27
C ALA D 40 39.48 -8.57 9.96
N LYS D 41 38.73 -8.18 8.94
CA LYS D 41 39.31 -7.87 7.65
C LYS D 41 40.20 -6.62 7.74
N ARG D 42 39.83 -5.71 8.63
CA ARG D 42 40.59 -4.48 8.83
C ARG D 42 41.98 -4.81 9.37
N LEU D 43 42.02 -5.46 10.52
CA LEU D 43 43.29 -5.84 11.14
C LEU D 43 44.10 -6.73 10.20
N GLN D 44 43.38 -7.56 9.44
CA GLN D 44 44.02 -8.47 8.50
C GLN D 44 44.76 -7.72 7.40
N SER D 45 44.21 -6.59 6.97
CA SER D 45 44.83 -5.80 5.92
C SER D 45 46.18 -5.24 6.35
N ILE D 46 46.39 -5.15 7.66
CA ILE D 46 47.65 -4.64 8.18
C ILE D 46 48.49 -5.71 8.87
N GLY D 47 48.25 -6.97 8.49
CA GLY D 47 48.99 -8.08 9.07
C GLY D 47 49.00 -8.06 10.58
N THR D 48 47.82 -7.88 11.18
CA THR D 48 47.70 -7.85 12.64
C THR D 48 46.73 -8.92 13.08
N GLU D 49 47.16 -9.75 14.02
CA GLU D 49 46.31 -10.83 14.53
C GLU D 49 45.03 -10.24 15.10
N ASN D 50 43.89 -10.84 14.74
CA ASN D 50 42.60 -10.35 15.21
C ASN D 50 42.25 -10.89 16.60
N THR D 51 42.76 -10.21 17.63
CA THR D 51 42.50 -10.58 19.01
C THR D 51 41.69 -9.48 19.65
N GLU D 52 41.12 -9.75 20.82
CA GLU D 52 40.32 -8.74 21.50
C GLU D 52 41.14 -7.53 21.91
N GLU D 53 42.36 -7.76 22.40
CA GLU D 53 43.20 -6.65 22.83
C GLU D 53 43.59 -5.73 21.68
N ASN D 54 43.79 -6.29 20.50
CA ASN D 54 44.14 -5.46 19.34
C ASN D 54 42.92 -4.63 18.94
N ARG D 55 41.74 -5.22 19.03
CA ARG D 55 40.52 -4.51 18.70
C ARG D 55 40.26 -3.38 19.70
N ARG D 56 40.52 -3.64 20.96
CA ARG D 56 40.33 -2.66 22.02
C ARG D 56 41.33 -1.52 21.86
N PHE D 57 42.59 -1.87 21.59
CA PHE D 57 43.63 -0.86 21.42
C PHE D 57 43.32 0.07 20.26
N TYR D 58 42.96 -0.52 19.12
CA TYR D 58 42.62 0.25 17.93
C TYR D 58 41.47 1.21 18.22
N ARG D 59 40.42 0.71 18.85
CA ARG D 59 39.28 1.54 19.18
C ARG D 59 39.70 2.64 20.14
N GLN D 60 40.50 2.29 21.14
CA GLN D 60 41.00 3.26 22.10
C GLN D 60 41.78 4.34 21.36
N LEU D 61 42.58 3.90 20.39
CA LEU D 61 43.40 4.81 19.60
C LEU D 61 42.54 5.92 19.00
N LEU D 62 41.41 5.54 18.42
CA LEU D 62 40.48 6.50 17.81
C LEU D 62 39.74 7.31 18.85
N LEU D 63 39.20 6.63 19.86
CA LEU D 63 38.42 7.30 20.90
C LEU D 63 39.20 8.24 21.83
N THR D 64 40.50 8.00 21.97
CA THR D 64 41.31 8.84 22.84
C THR D 64 42.21 9.85 22.10
N ALA D 65 41.86 10.17 20.86
CA ALA D 65 42.63 11.15 20.10
C ALA D 65 42.51 12.48 20.83
N ASP D 66 43.50 13.35 20.68
CA ASP D 66 43.48 14.65 21.36
C ASP D 66 42.21 15.47 21.15
N ASP D 67 41.98 16.42 22.06
CA ASP D 67 40.81 17.28 22.05
C ASP D 67 40.49 18.05 20.77
N ARG D 68 41.36 17.99 19.77
CA ARG D 68 41.08 18.70 18.52
C ARG D 68 39.87 18.10 17.82
N VAL D 69 39.57 16.84 18.12
CA VAL D 69 38.42 16.17 17.49
C VAL D 69 37.11 16.49 18.21
N ASN D 70 37.22 16.96 19.45
CA ASN D 70 36.02 17.28 20.24
C ASN D 70 34.97 18.09 19.48
N PRO D 71 35.37 19.21 18.85
CA PRO D 71 34.41 20.03 18.11
C PRO D 71 34.01 19.40 16.77
N CYS D 72 34.68 18.31 16.42
CA CYS D 72 34.42 17.62 15.16
C CYS D 72 33.50 16.41 15.28
N ILE D 73 33.57 15.73 16.42
CA ILE D 73 32.78 14.51 16.63
C ILE D 73 31.62 14.67 17.59
N GLY D 74 30.41 14.70 17.04
CA GLY D 74 29.23 14.82 17.87
C GLY D 74 28.72 13.47 18.33
N GLY D 75 29.20 12.42 17.67
CA GLY D 75 28.77 11.08 18.03
C GLY D 75 29.72 10.00 17.55
N VAL D 76 29.73 8.87 18.27
CA VAL D 76 30.59 7.73 17.93
C VAL D 76 29.77 6.45 18.02
N ILE D 77 29.69 5.73 16.91
CA ILE D 77 28.93 4.48 16.88
C ILE D 77 29.84 3.30 17.21
N LEU D 78 29.43 2.50 18.18
CA LEU D 78 30.21 1.36 18.59
C LEU D 78 29.47 0.05 18.36
N PHE D 79 30.23 -1.03 18.39
CA PHE D 79 29.71 -2.38 18.23
C PHE D 79 29.56 -2.86 19.67
N HIS D 80 28.67 -3.83 19.88
CA HIS D 80 28.40 -4.39 21.21
C HIS D 80 29.64 -4.54 22.09
N GLU D 81 30.58 -5.35 21.63
CA GLU D 81 31.81 -5.61 22.37
C GLU D 81 32.53 -4.34 22.85
N THR D 82 32.72 -3.40 21.94
CA THR D 82 33.41 -2.17 22.28
C THR D 82 32.67 -1.34 23.33
N LEU D 83 31.34 -1.40 23.29
CA LEU D 83 30.55 -0.65 24.25
C LEU D 83 30.89 -1.06 25.67
N TYR D 84 31.31 -2.31 25.85
CA TYR D 84 31.64 -2.81 27.18
C TYR D 84 33.13 -2.93 27.49
N GLN D 85 33.95 -2.29 26.66
CA GLN D 85 35.38 -2.32 26.89
C GLN D 85 35.80 -1.03 27.58
N LYS D 86 37.02 -1.03 28.12
CA LYS D 86 37.55 0.11 28.83
C LYS D 86 38.87 0.57 28.27
N ALA D 87 39.19 1.85 28.46
CA ALA D 87 40.45 2.38 28.00
C ALA D 87 41.49 1.98 29.05
N ASP D 88 42.76 2.29 28.81
CA ASP D 88 43.81 1.94 29.75
C ASP D 88 43.63 2.58 31.13
N ASP D 89 42.91 3.69 31.18
CA ASP D 89 42.68 4.38 32.45
C ASP D 89 41.48 3.80 33.21
N GLY D 90 41.00 2.64 32.77
CA GLY D 90 39.88 2.01 33.43
C GLY D 90 38.50 2.53 33.07
N ARG D 91 38.45 3.67 32.37
CA ARG D 91 37.15 4.23 32.01
C ARG D 91 36.48 3.47 30.86
N PRO D 92 35.18 3.19 31.01
CA PRO D 92 34.44 2.48 29.97
C PRO D 92 34.47 3.38 28.74
N PHE D 93 34.62 2.80 27.56
CA PHE D 93 34.67 3.62 26.36
C PHE D 93 33.53 4.63 26.23
N PRO D 94 32.30 4.26 26.65
CA PRO D 94 31.20 5.21 26.55
C PRO D 94 31.50 6.49 27.34
N GLN D 95 32.12 6.32 28.49
CA GLN D 95 32.48 7.45 29.35
C GLN D 95 33.55 8.28 28.67
N VAL D 96 34.50 7.61 28.02
CA VAL D 96 35.57 8.30 27.30
C VAL D 96 34.99 9.23 26.23
N ILE D 97 34.02 8.71 25.48
CA ILE D 97 33.38 9.47 24.41
C ILE D 97 32.62 10.68 24.95
N LYS D 98 31.82 10.49 25.98
CA LYS D 98 31.06 11.60 26.56
C LYS D 98 31.96 12.68 27.14
N SER D 99 33.06 12.28 27.75
CA SER D 99 33.98 13.24 28.35
C SER D 99 34.54 14.18 27.28
N LYS D 100 34.57 13.70 26.04
CA LYS D 100 35.08 14.49 24.93
C LYS D 100 33.94 15.19 24.19
N GLY D 101 32.77 15.20 24.79
CA GLY D 101 31.62 15.86 24.20
C GLY D 101 30.84 15.08 23.16
N GLY D 102 31.14 13.80 23.00
CA GLY D 102 30.42 13.02 22.02
C GLY D 102 29.29 12.21 22.60
N VAL D 103 28.27 11.97 21.77
CA VAL D 103 27.14 11.16 22.18
C VAL D 103 27.51 9.74 21.76
N VAL D 104 27.11 8.75 22.56
CA VAL D 104 27.42 7.36 22.28
C VAL D 104 26.31 6.61 21.52
N GLY D 105 26.69 5.93 20.44
CA GLY D 105 25.73 5.18 19.66
C GLY D 105 26.06 3.70 19.60
N ILE D 106 25.06 2.88 19.33
CA ILE D 106 25.27 1.43 19.28
C ILE D 106 24.54 0.80 18.08
N LYS D 107 25.27 -0.03 17.32
CA LYS D 107 24.68 -0.71 16.18
C LYS D 107 23.83 -1.85 16.74
N VAL D 108 22.56 -1.90 16.35
CA VAL D 108 21.68 -2.94 16.88
C VAL D 108 21.13 -3.95 15.87
N ASP D 109 21.35 -3.74 14.58
CA ASP D 109 20.84 -4.71 13.61
C ASP D 109 21.68 -5.98 13.69
N LYS D 110 21.16 -7.07 13.13
CA LYS D 110 21.87 -8.34 13.14
C LYS D 110 22.22 -8.82 11.73
N GLY D 111 22.51 -7.89 10.84
CA GLY D 111 22.88 -8.24 9.49
C GLY D 111 21.74 -8.45 8.52
N VAL D 112 22.09 -8.54 7.25
CA VAL D 112 21.11 -8.74 6.19
C VAL D 112 20.82 -10.22 5.99
N VAL D 113 19.63 -10.52 5.47
CA VAL D 113 19.21 -11.87 5.18
C VAL D 113 18.56 -11.82 3.80
N PRO D 114 18.67 -12.91 3.02
CA PRO D 114 18.08 -12.92 1.69
C PRO D 114 16.55 -12.91 1.66
N LEU D 115 16.00 -12.27 0.63
CA LEU D 115 14.55 -12.21 0.44
C LEU D 115 14.24 -13.20 -0.66
N ALA D 116 13.50 -14.24 -0.32
CA ALA D 116 13.13 -15.26 -1.31
C ALA D 116 12.34 -14.64 -2.45
N GLY D 117 12.51 -15.18 -3.65
CA GLY D 117 11.78 -14.69 -4.81
C GLY D 117 12.32 -13.41 -5.43
N THR D 118 13.45 -12.92 -4.93
CA THR D 118 14.03 -11.68 -5.46
C THR D 118 15.38 -11.98 -6.09
N ASN D 119 15.87 -11.05 -6.90
CA ASN D 119 17.15 -11.23 -7.55
C ASN D 119 18.31 -10.85 -6.62
N GLY D 120 18.56 -11.72 -5.65
CA GLY D 120 19.64 -11.48 -4.69
C GLY D 120 19.42 -10.32 -3.73
N GLU D 121 18.18 -9.91 -3.53
CA GLU D 121 17.88 -8.81 -2.62
C GLU D 121 17.77 -9.25 -1.16
N THR D 122 17.91 -8.29 -0.25
CA THR D 122 17.86 -8.60 1.16
C THR D 122 17.02 -7.64 1.99
N THR D 123 16.78 -8.05 3.23
CA THR D 123 16.10 -7.21 4.20
C THR D 123 17.05 -7.35 5.39
N THR D 124 16.73 -6.78 6.53
CA THR D 124 17.64 -6.86 7.66
C THR D 124 16.95 -7.39 8.90
N GLN D 125 17.67 -8.19 9.67
CA GLN D 125 17.13 -8.76 10.90
C GLN D 125 17.73 -8.11 12.14
N GLY D 126 17.12 -8.39 13.29
CA GLY D 126 17.60 -7.82 14.54
C GLY D 126 16.51 -7.25 15.44
N LEU D 127 15.24 -7.44 15.06
CA LEU D 127 14.14 -6.92 15.87
C LEU D 127 13.84 -7.72 17.14
N ASP D 128 14.16 -9.00 17.12
CA ASP D 128 13.87 -9.85 18.27
C ASP D 128 14.54 -9.43 19.57
N GLY D 129 13.71 -9.14 20.57
CA GLY D 129 14.20 -8.70 21.86
C GLY D 129 14.95 -7.38 21.80
N LEU D 130 14.70 -6.60 20.75
CA LEU D 130 15.37 -5.32 20.59
C LEU D 130 14.99 -4.29 21.67
N SER D 131 13.75 -4.32 22.13
CA SER D 131 13.32 -3.39 23.16
C SER D 131 14.16 -3.54 24.43
N GLU D 132 14.31 -4.78 24.89
CA GLU D 132 15.10 -5.06 26.07
C GLU D 132 16.56 -4.68 25.86
N ARG D 133 17.07 -4.89 24.65
CA ARG D 133 18.45 -4.55 24.36
C ARG D 133 18.64 -3.03 24.45
N CYS D 134 17.72 -2.29 23.85
CA CYS D 134 17.82 -0.83 23.86
C CYS D 134 17.80 -0.29 25.29
N ALA D 135 16.93 -0.85 26.13
CA ALA D 135 16.82 -0.42 27.52
C ALA D 135 18.15 -0.62 28.24
N GLN D 136 18.79 -1.75 27.99
CA GLN D 136 20.08 -2.04 28.62
C GLN D 136 21.13 -1.08 28.08
N TYR D 137 21.20 -0.97 26.75
CA TYR D 137 22.17 -0.07 26.13
C TYR D 137 21.99 1.36 26.63
N LYS D 138 20.73 1.78 26.84
CA LYS D 138 20.49 3.13 27.33
C LYS D 138 21.15 3.26 28.70
N LYS D 139 20.90 2.27 29.56
CA LYS D 139 21.47 2.26 30.90
C LYS D 139 22.99 2.29 30.86
N ASP D 140 23.57 1.64 29.86
CA ASP D 140 25.02 1.58 29.74
C ASP D 140 25.69 2.73 28.98
N GLY D 141 24.95 3.82 28.76
CA GLY D 141 25.54 4.98 28.09
C GLY D 141 25.17 5.34 26.67
N ALA D 142 24.48 4.46 25.96
CA ALA D 142 24.11 4.76 24.57
C ALA D 142 22.88 5.65 24.49
N ASP D 143 22.95 6.64 23.61
CA ASP D 143 21.83 7.56 23.40
C ASP D 143 21.24 7.49 21.99
N PHE D 144 21.96 6.88 21.08
CA PHE D 144 21.45 6.67 19.75
C PHE D 144 21.84 5.28 19.22
N ALA D 145 21.16 4.85 18.16
CA ALA D 145 21.48 3.55 17.57
C ALA D 145 21.63 3.60 16.06
N LYS D 146 22.04 2.48 15.49
CA LYS D 146 22.24 2.35 14.05
C LYS D 146 21.71 1.00 13.55
N TRP D 147 20.98 1.05 12.44
CA TRP D 147 20.42 -0.14 11.81
C TRP D 147 20.63 0.03 10.30
N ARG D 148 21.34 -0.92 9.70
CA ARG D 148 21.64 -0.85 8.28
C ARG D 148 20.84 -1.76 7.35
N CYS D 149 20.13 -1.16 6.41
CA CYS D 149 19.37 -1.88 5.39
C CYS D 149 20.15 -1.67 4.08
N VAL D 150 20.17 -2.68 3.23
CA VAL D 150 20.91 -2.60 1.97
C VAL D 150 20.01 -2.85 0.76
N LEU D 151 20.09 -1.95 -0.22
CA LEU D 151 19.32 -2.07 -1.44
C LEU D 151 20.31 -2.02 -2.60
N LYS D 152 19.98 -2.71 -3.69
CA LYS D 152 20.88 -2.76 -4.84
C LYS D 152 20.22 -2.32 -6.14
N ILE D 153 20.96 -1.56 -6.94
CA ILE D 153 20.46 -1.08 -8.21
C ILE D 153 20.87 -2.08 -9.30
N GLY D 154 19.88 -2.60 -10.01
CA GLY D 154 20.14 -3.55 -11.08
C GLY D 154 18.97 -3.52 -12.03
N GLU D 155 18.94 -4.47 -12.97
CA GLU D 155 17.86 -4.52 -13.95
C GLU D 155 16.47 -4.51 -13.33
N HIS D 156 16.25 -5.40 -12.36
CA HIS D 156 14.94 -5.49 -11.72
C HIS D 156 14.98 -5.07 -10.26
N THR D 157 16.05 -4.40 -9.85
CA THR D 157 16.16 -3.98 -8.45
C THR D 157 16.54 -2.52 -8.29
N PRO D 158 16.16 -1.91 -7.14
CA PRO D 158 15.41 -2.58 -6.08
C PRO D 158 13.95 -2.81 -6.43
N SER D 159 13.44 -3.99 -6.10
CA SER D 159 12.05 -4.34 -6.38
C SER D 159 11.08 -3.71 -5.37
N ALA D 160 9.80 -3.73 -5.72
CA ALA D 160 8.76 -3.18 -4.87
C ALA D 160 8.78 -3.85 -3.49
N LEU D 161 8.99 -5.16 -3.47
CA LEU D 161 9.04 -5.91 -2.22
C LEU D 161 10.24 -5.47 -1.37
N ALA D 162 11.39 -5.39 -2.01
CA ALA D 162 12.62 -4.98 -1.32
C ALA D 162 12.49 -3.58 -0.73
N ILE D 163 11.90 -2.66 -1.48
CA ILE D 163 11.75 -1.30 -0.99
C ILE D 163 10.78 -1.24 0.19
N MET D 164 9.61 -1.87 0.03
CA MET D 164 8.60 -1.87 1.07
C MET D 164 9.03 -2.57 2.35
N GLU D 165 9.64 -3.74 2.23
CA GLU D 165 10.10 -4.50 3.38
C GLU D 165 11.21 -3.83 4.18
N ASN D 166 12.20 -3.26 3.50
CA ASN D 166 13.29 -2.61 4.20
C ASN D 166 12.81 -1.34 4.90
N ALA D 167 11.91 -0.61 4.25
CA ALA D 167 11.37 0.60 4.83
C ALA D 167 10.56 0.24 6.06
N ASN D 168 9.80 -0.84 5.98
CA ASN D 168 8.98 -1.27 7.10
C ASN D 168 9.83 -1.74 8.26
N VAL D 169 10.93 -2.44 7.97
CA VAL D 169 11.77 -2.93 9.06
C VAL D 169 12.50 -1.78 9.74
N LEU D 170 12.87 -0.75 8.96
CA LEU D 170 13.53 0.42 9.52
C LEU D 170 12.57 1.14 10.45
N ALA D 171 11.30 1.18 10.07
CA ALA D 171 10.26 1.86 10.86
C ALA D 171 10.05 1.12 12.18
N ARG D 172 10.10 -0.20 12.14
CA ARG D 172 9.93 -1.03 13.34
C ARG D 172 11.09 -0.77 14.29
N TYR D 173 12.31 -0.79 13.76
CA TYR D 173 13.51 -0.56 14.54
C TYR D 173 13.51 0.83 15.16
N ALA D 174 13.01 1.81 14.40
CA ALA D 174 12.94 3.19 14.85
C ALA D 174 11.93 3.34 15.98
N SER D 175 10.80 2.66 15.86
CA SER D 175 9.74 2.73 16.86
C SER D 175 10.20 2.19 18.21
N ILE D 176 10.87 1.05 18.18
CA ILE D 176 11.37 0.43 19.39
C ILE D 176 12.44 1.29 20.06
N CYS D 177 13.33 1.87 19.27
CA CYS D 177 14.38 2.74 19.80
C CYS D 177 13.82 3.93 20.56
N GLN D 178 12.87 4.63 19.94
CA GLN D 178 12.29 5.81 20.57
C GLN D 178 11.52 5.50 21.83
N GLN D 179 11.01 4.27 21.95
CA GLN D 179 10.29 3.86 23.15
C GLN D 179 11.26 3.72 24.32
N ASN D 180 12.54 3.56 24.02
CA ASN D 180 13.55 3.41 25.04
C ASN D 180 14.49 4.61 25.16
N GLY D 181 14.07 5.74 24.61
CA GLY D 181 14.87 6.95 24.68
C GLY D 181 16.12 6.94 23.83
N ILE D 182 16.13 6.11 22.78
CA ILE D 182 17.28 6.03 21.89
C ILE D 182 16.95 6.61 20.52
N VAL D 183 17.79 7.54 20.06
CA VAL D 183 17.59 8.17 18.76
C VAL D 183 18.02 7.19 17.68
N PRO D 184 17.09 6.82 16.79
CA PRO D 184 17.45 5.88 15.73
C PRO D 184 17.98 6.56 14.46
N ILE D 185 19.12 6.09 13.98
CA ILE D 185 19.68 6.60 12.73
C ILE D 185 19.14 5.61 11.73
N VAL D 186 18.33 6.10 10.79
CA VAL D 186 17.73 5.27 9.76
C VAL D 186 18.68 5.19 8.58
N GLU D 187 19.17 3.99 8.27
CA GLU D 187 20.12 3.82 7.17
C GLU D 187 19.63 2.95 6.03
N PRO D 188 19.04 3.58 4.99
CA PRO D 188 18.55 2.82 3.84
C PRO D 188 19.62 2.98 2.76
N GLU D 189 20.71 2.24 2.90
CA GLU D 189 21.79 2.35 1.93
C GLU D 189 21.53 1.70 0.59
N ILE D 190 21.75 2.49 -0.45
CA ILE D 190 21.60 2.01 -1.81
C ILE D 190 23.04 1.85 -2.29
N LEU D 191 23.46 0.61 -2.51
CA LEU D 191 24.82 0.36 -2.94
C LEU D 191 25.16 1.01 -4.27
N PRO D 192 26.43 1.40 -4.45
CA PRO D 192 26.91 2.05 -5.68
C PRO D 192 27.32 1.01 -6.72
N ASP D 193 27.21 -0.27 -6.35
CA ASP D 193 27.55 -1.38 -7.22
C ASP D 193 26.72 -1.35 -8.51
N GLY D 194 27.36 -1.58 -9.65
CA GLY D 194 26.66 -1.57 -10.92
C GLY D 194 27.16 -0.49 -11.87
N ASP D 195 26.67 -0.50 -13.10
CA ASP D 195 27.09 0.48 -14.11
C ASP D 195 26.06 1.57 -14.40
N HIS D 196 25.12 1.78 -13.49
CA HIS D 196 24.10 2.80 -13.67
C HIS D 196 24.74 4.18 -13.54
N ASP D 197 24.07 5.20 -14.04
CA ASP D 197 24.60 6.57 -13.97
C ASP D 197 24.00 7.38 -12.82
N LEU D 198 24.40 8.64 -12.74
CA LEU D 198 23.93 9.55 -11.69
C LEU D 198 22.41 9.65 -11.65
N LYS D 199 21.80 9.81 -12.81
CA LYS D 199 20.35 9.94 -12.90
C LYS D 199 19.60 8.73 -12.34
N ARG D 200 20.09 7.53 -12.65
CA ARG D 200 19.46 6.32 -12.16
C ARG D 200 19.56 6.26 -10.64
N CYS D 201 20.73 6.60 -10.10
CA CYS D 201 20.91 6.58 -8.65
C CYS D 201 19.97 7.60 -8.00
N GLN D 202 19.85 8.79 -8.61
CA GLN D 202 18.98 9.81 -8.04
C GLN D 202 17.53 9.33 -8.02
N TYR D 203 17.10 8.75 -9.13
CA TYR D 203 15.74 8.23 -9.27
C TYR D 203 15.46 7.19 -8.18
N VAL D 204 16.33 6.19 -8.09
CA VAL D 204 16.18 5.14 -7.08
C VAL D 204 16.20 5.71 -5.65
N THR D 205 17.14 6.60 -5.38
CA THR D 205 17.24 7.19 -4.05
C THR D 205 15.96 7.90 -3.66
N GLU D 206 15.36 8.60 -4.62
CA GLU D 206 14.10 9.31 -4.41
C GLU D 206 12.95 8.35 -4.09
N LYS D 207 12.93 7.22 -4.79
CA LYS D 207 11.87 6.24 -4.57
C LYS D 207 12.04 5.56 -3.21
N VAL D 208 13.28 5.20 -2.88
CA VAL D 208 13.55 4.55 -1.61
C VAL D 208 13.25 5.47 -0.42
N LEU D 209 13.68 6.73 -0.50
CA LEU D 209 13.44 7.68 0.59
C LEU D 209 11.96 8.02 0.80
N ALA D 210 11.18 8.06 -0.28
CA ALA D 210 9.76 8.35 -0.16
C ALA D 210 9.09 7.19 0.57
N ALA D 211 9.54 5.97 0.28
CA ALA D 211 8.99 4.77 0.91
C ALA D 211 9.38 4.75 2.39
N VAL D 212 10.61 5.13 2.66
CA VAL D 212 11.10 5.16 4.03
C VAL D 212 10.31 6.12 4.91
N TYR D 213 10.11 7.35 4.40
CA TYR D 213 9.38 8.34 5.18
C TYR D 213 7.87 8.02 5.32
N LYS D 214 7.27 7.33 4.34
CA LYS D 214 5.88 6.96 4.46
C LYS D 214 5.72 5.88 5.53
N ALA D 215 6.69 4.98 5.56
CA ALA D 215 6.70 3.90 6.54
C ALA D 215 6.92 4.46 7.95
N LEU D 216 7.80 5.44 8.07
CA LEU D 216 8.05 6.04 9.38
C LEU D 216 6.77 6.71 9.85
N SER D 217 6.01 7.29 8.93
CA SER D 217 4.75 7.95 9.26
C SER D 217 3.72 6.93 9.68
N ASP D 218 3.66 5.81 8.96
CA ASP D 218 2.70 4.77 9.27
C ASP D 218 2.96 4.17 10.65
N HIS D 219 4.23 4.16 11.06
CA HIS D 219 4.60 3.60 12.36
C HIS D 219 4.67 4.64 13.49
N HIS D 220 4.18 5.84 13.22
CA HIS D 220 4.16 6.91 14.23
C HIS D 220 5.53 7.34 14.75
N ILE D 221 6.52 7.41 13.85
CA ILE D 221 7.86 7.82 14.25
C ILE D 221 7.97 9.33 14.42
N TYR D 222 8.70 9.76 15.44
CA TYR D 222 8.91 11.18 15.74
C TYR D 222 10.21 11.62 15.02
N LEU D 223 10.04 12.19 13.82
CA LEU D 223 11.16 12.61 12.97
C LEU D 223 12.20 13.53 13.61
N GLU D 224 11.75 14.47 14.42
CA GLU D 224 12.70 15.38 15.08
C GLU D 224 13.66 14.55 15.93
N GLY D 225 13.24 13.34 16.29
CA GLY D 225 14.08 12.48 17.11
C GLY D 225 14.78 11.38 16.32
N THR D 226 15.04 11.64 15.04
CA THR D 226 15.70 10.67 14.19
C THR D 226 16.77 11.36 13.35
N LEU D 227 17.63 10.53 12.75
CA LEU D 227 18.66 11.01 11.85
C LEU D 227 18.55 10.05 10.67
N LEU D 228 18.95 10.52 9.49
CA LEU D 228 18.91 9.69 8.29
C LEU D 228 20.36 9.51 7.82
N LYS D 229 20.73 8.28 7.49
CA LYS D 229 22.08 8.00 7.01
C LYS D 229 21.94 7.42 5.63
N PRO D 230 21.86 8.28 4.61
CA PRO D 230 21.72 7.81 3.23
C PRO D 230 23.02 7.84 2.44
N ASN D 231 22.97 7.23 1.27
CA ASN D 231 24.10 7.20 0.38
C ASN D 231 24.05 8.53 -0.35
N MET D 232 25.21 9.07 -0.74
CA MET D 232 25.20 10.29 -1.50
C MET D 232 24.75 9.81 -2.87
N VAL D 233 24.22 10.70 -3.70
CA VAL D 233 23.80 10.29 -5.03
C VAL D 233 25.02 10.34 -5.93
N THR D 234 25.40 9.17 -6.45
CA THR D 234 26.57 9.07 -7.32
C THR D 234 26.36 8.02 -8.40
N PRO D 235 27.20 8.03 -9.44
CA PRO D 235 27.05 7.03 -10.50
C PRO D 235 27.48 5.67 -9.93
N GLY D 236 27.18 4.60 -10.63
CA GLY D 236 27.58 3.29 -10.16
C GLY D 236 29.08 3.17 -10.26
N HIS D 237 29.69 2.31 -9.45
CA HIS D 237 31.15 2.13 -9.49
C HIS D 237 31.65 1.78 -10.88
N ALA D 238 30.88 0.96 -11.60
CA ALA D 238 31.27 0.54 -12.94
C ALA D 238 30.88 1.53 -14.03
N CYS D 239 30.24 2.64 -13.65
CA CYS D 239 29.83 3.64 -14.62
C CYS D 239 31.06 4.27 -15.28
N THR D 240 31.03 4.37 -16.61
CA THR D 240 32.13 4.92 -17.37
C THR D 240 32.20 6.45 -17.37
N GLN D 241 31.08 7.09 -17.05
CA GLN D 241 31.02 8.55 -17.02
C GLN D 241 31.46 9.13 -15.69
N LYS D 242 32.43 10.05 -15.74
CA LYS D 242 32.93 10.71 -14.54
C LYS D 242 32.23 12.06 -14.37
N TYR D 243 31.59 12.23 -13.22
CA TYR D 243 30.84 13.43 -12.90
C TYR D 243 31.61 14.39 -12.00
N SER D 244 31.20 15.66 -11.99
CA SER D 244 31.85 16.65 -11.15
C SER D 244 31.24 16.60 -9.74
N HIS D 245 31.93 17.16 -8.77
CA HIS D 245 31.46 17.18 -7.39
C HIS D 245 30.22 18.06 -7.27
N GLU D 246 30.15 19.07 -8.13
CA GLU D 246 29.01 19.98 -8.12
C GLU D 246 27.76 19.22 -8.53
N GLU D 247 27.92 18.27 -9.46
CA GLU D 247 26.83 17.45 -9.96
C GLU D 247 26.35 16.47 -8.88
N ILE D 248 27.31 15.82 -8.23
CA ILE D 248 26.99 14.87 -7.17
C ILE D 248 26.25 15.60 -6.05
N ALA D 249 26.70 16.82 -5.74
CA ALA D 249 26.06 17.61 -4.68
C ALA D 249 24.64 17.97 -5.08
N MET D 250 24.49 18.47 -6.31
CA MET D 250 23.19 18.86 -6.82
C MET D 250 22.21 17.69 -6.84
N ALA D 251 22.66 16.54 -7.33
CA ALA D 251 21.81 15.37 -7.40
C ALA D 251 21.42 14.88 -6.01
N THR D 252 22.39 14.91 -5.10
CA THR D 252 22.19 14.46 -3.72
C THR D 252 21.22 15.36 -2.97
N VAL D 253 21.47 16.66 -3.02
CA VAL D 253 20.62 17.63 -2.33
C VAL D 253 19.21 17.64 -2.94
N THR D 254 19.14 17.53 -4.25
CA THR D 254 17.84 17.51 -4.92
C THR D 254 17.02 16.31 -4.45
N ALA D 255 17.64 15.13 -4.44
CA ALA D 255 16.95 13.91 -4.01
C ALA D 255 16.42 14.07 -2.58
N LEU D 256 17.25 14.62 -1.70
CA LEU D 256 16.85 14.83 -0.31
C LEU D 256 15.72 15.86 -0.20
N ARG D 257 15.82 16.96 -0.93
CA ARG D 257 14.81 18.00 -0.91
C ARG D 257 13.42 17.51 -1.34
N ARG D 258 13.40 16.52 -2.23
CA ARG D 258 12.14 15.96 -2.74
C ARG D 258 11.57 14.83 -1.89
N THR D 259 12.28 14.42 -0.84
CA THR D 259 11.82 13.29 -0.03
C THR D 259 11.92 13.38 1.50
N VAL D 260 12.88 14.14 2.01
CA VAL D 260 13.09 14.24 3.46
C VAL D 260 12.40 15.43 4.12
N PRO D 261 11.36 15.17 4.96
CA PRO D 261 10.67 16.26 5.64
C PRO D 261 11.64 17.14 6.42
N PRO D 262 11.38 18.46 6.47
CA PRO D 262 12.27 19.38 7.21
C PRO D 262 12.39 19.02 8.69
N ALA D 263 11.41 18.29 9.21
CA ALA D 263 11.42 17.90 10.62
C ALA D 263 12.61 17.01 10.96
N VAL D 264 13.11 16.27 9.98
CA VAL D 264 14.27 15.41 10.22
C VAL D 264 15.42 16.31 10.66
N THR D 265 15.96 16.02 11.84
CA THR D 265 17.04 16.83 12.40
C THR D 265 18.35 16.86 11.63
N GLY D 266 18.73 15.74 11.04
CA GLY D 266 19.98 15.74 10.30
C GLY D 266 20.19 14.54 9.39
N VAL D 267 21.07 14.75 8.41
CA VAL D 267 21.43 13.73 7.44
C VAL D 267 22.92 13.48 7.63
N THR D 268 23.27 12.26 8.07
CA THR D 268 24.67 11.92 8.27
C THR D 268 25.04 10.91 7.19
N PHE D 269 25.69 11.42 6.16
CA PHE D 269 26.08 10.63 5.01
C PHE D 269 27.08 9.50 5.23
N LEU D 270 26.88 8.42 4.49
CA LEU D 270 27.78 7.29 4.51
C LEU D 270 28.64 7.57 3.27
N SER D 271 29.87 7.08 3.23
CA SER D 271 30.73 7.36 2.09
C SER D 271 31.00 6.16 1.19
N GLY D 272 30.45 5.01 1.53
CA GLY D 272 30.66 3.82 0.73
C GLY D 272 32.13 3.56 0.45
N GLY D 273 32.46 3.44 -0.83
CA GLY D 273 33.84 3.17 -1.20
C GLY D 273 34.63 4.40 -1.64
N GLN D 274 34.21 5.58 -1.19
CA GLN D 274 34.92 6.81 -1.55
C GLN D 274 36.19 6.94 -0.73
N SER D 275 37.21 7.57 -1.31
CA SER D 275 38.47 7.77 -0.60
C SER D 275 38.22 8.82 0.48
N GLU D 276 39.14 8.92 1.43
CA GLU D 276 38.99 9.88 2.51
C GLU D 276 38.78 11.29 1.98
N GLU D 277 39.63 11.72 1.06
CA GLU D 277 39.53 13.04 0.45
C GLU D 277 38.23 13.21 -0.33
N GLU D 278 37.93 12.23 -1.18
CA GLU D 278 36.71 12.25 -1.99
C GLU D 278 35.45 12.44 -1.14
N ALA D 279 35.39 11.71 -0.03
CA ALA D 279 34.24 11.79 0.88
C ALA D 279 34.11 13.20 1.45
N SER D 280 35.24 13.83 1.76
CA SER D 280 35.24 15.19 2.31
C SER D 280 34.90 16.23 1.24
N ILE D 281 35.47 16.09 0.05
CA ILE D 281 35.18 17.03 -1.03
C ILE D 281 33.70 17.04 -1.40
N ASN D 282 33.09 15.86 -1.50
CA ASN D 282 31.67 15.76 -1.85
C ASN D 282 30.79 16.34 -0.76
N LEU D 283 31.11 16.04 0.50
CA LEU D 283 30.31 16.56 1.60
C LEU D 283 30.38 18.08 1.57
N ASN D 284 31.58 18.60 1.30
CA ASN D 284 31.78 20.04 1.24
C ASN D 284 30.91 20.62 0.12
N ALA D 285 31.00 20.00 -1.06
CA ALA D 285 30.22 20.44 -2.21
C ALA D 285 28.73 20.42 -1.88
N ILE D 286 28.29 19.37 -1.19
CA ILE D 286 26.88 19.25 -0.80
C ILE D 286 26.45 20.43 0.07
N ASN D 287 27.34 20.86 0.97
CA ASN D 287 27.03 21.98 1.85
C ASN D 287 27.08 23.34 1.18
N LYS D 288 27.71 23.42 0.00
CA LYS D 288 27.79 24.69 -0.72
C LYS D 288 26.74 24.76 -1.83
N CYS D 289 25.95 23.68 -1.98
CA CYS D 289 24.92 23.63 -3.00
C CYS D 289 23.94 24.79 -2.78
N PRO D 290 23.65 25.57 -3.83
CA PRO D 290 22.74 26.73 -3.80
C PRO D 290 21.30 26.49 -3.36
N LEU D 291 20.87 25.25 -3.23
CA LEU D 291 19.49 24.97 -2.85
C LEU D 291 19.29 25.06 -1.33
N LEU D 292 18.07 25.33 -0.91
CA LEU D 292 17.75 25.44 0.51
C LEU D 292 17.77 24.04 1.15
N LYS D 293 18.55 23.90 2.22
CA LYS D 293 18.68 22.62 2.94
C LYS D 293 18.24 22.83 4.38
N PRO D 294 17.03 22.36 4.72
CA PRO D 294 16.45 22.49 6.05
C PRO D 294 16.95 21.52 7.13
N TRP D 295 17.97 20.75 6.83
CA TRP D 295 18.53 19.82 7.81
C TRP D 295 20.04 19.88 7.78
N ALA D 296 20.66 19.49 8.88
CA ALA D 296 22.10 19.47 8.94
C ALA D 296 22.56 18.40 7.95
N LEU D 297 23.61 18.71 7.20
CA LEU D 297 24.17 17.77 6.23
C LEU D 297 25.60 17.50 6.67
N THR D 298 25.80 16.40 7.37
CA THR D 298 27.12 16.09 7.88
C THR D 298 27.52 14.65 7.56
N PHE D 299 28.52 14.14 8.28
CA PHE D 299 29.02 12.80 8.02
C PHE D 299 28.82 11.76 9.12
N SER D 300 28.95 10.49 8.72
CA SER D 300 28.88 9.34 9.60
C SER D 300 29.85 8.41 8.89
N TYR D 301 31.13 8.78 8.96
CA TYR D 301 32.19 8.05 8.28
C TYR D 301 32.92 7.01 9.11
N GLY D 302 33.16 5.86 8.47
CA GLY D 302 33.88 4.78 9.11
C GLY D 302 35.25 4.78 8.45
N ARG D 303 35.33 4.15 7.28
CA ARG D 303 36.56 4.08 6.52
C ARG D 303 37.10 5.46 6.16
N ALA D 304 36.21 6.38 5.83
CA ALA D 304 36.61 7.73 5.44
C ALA D 304 37.29 8.52 6.57
N LEU D 305 37.26 7.99 7.78
CA LEU D 305 37.89 8.64 8.92
C LEU D 305 39.02 7.79 9.49
N GLN D 306 39.00 6.50 9.18
CA GLN D 306 39.98 5.55 9.70
C GLN D 306 41.06 5.03 8.75
N ALA D 307 40.75 4.95 7.47
CA ALA D 307 41.69 4.42 6.46
C ALA D 307 43.17 4.69 6.74
N SER D 308 43.56 5.96 6.72
CA SER D 308 44.96 6.32 6.95
C SER D 308 45.42 6.02 8.36
N ALA D 309 44.51 6.12 9.32
CA ALA D 309 44.85 5.85 10.73
C ALA D 309 45.21 4.39 10.89
N LEU D 310 44.36 3.51 10.37
CA LEU D 310 44.59 2.08 10.45
C LEU D 310 45.89 1.72 9.76
N LYS D 311 46.21 2.46 8.70
CA LYS D 311 47.42 2.23 7.94
C LYS D 311 48.65 2.70 8.72
N ALA D 312 48.53 3.86 9.33
CA ALA D 312 49.63 4.42 10.13
C ALA D 312 49.94 3.53 11.33
N TRP D 313 48.90 2.98 11.94
CA TRP D 313 49.06 2.11 13.10
C TRP D 313 49.82 0.85 12.71
N GLY D 314 49.26 0.08 11.80
CA GLY D 314 49.91 -1.14 11.35
C GLY D 314 50.02 -2.20 12.42
N GLY D 315 49.49 -1.92 13.62
CA GLY D 315 49.55 -2.89 14.70
C GLY D 315 50.67 -2.57 15.68
N LYS D 316 51.52 -1.62 15.32
CA LYS D 316 52.63 -1.20 16.16
C LYS D 316 52.21 -0.12 17.15
N LYS D 317 52.41 -0.38 18.44
CA LYS D 317 52.06 0.60 19.48
C LYS D 317 52.92 1.84 19.38
N GLU D 318 54.08 1.69 18.74
CA GLU D 318 55.00 2.80 18.58
C GLU D 318 54.45 3.82 17.58
N ASN D 319 53.43 3.41 16.84
CA ASN D 319 52.83 4.29 15.83
C ASN D 319 51.55 4.96 16.30
N LEU D 320 51.20 4.75 17.57
CA LEU D 320 49.99 5.33 18.15
C LEU D 320 49.78 6.81 17.83
N LYS D 321 50.80 7.62 18.10
CA LYS D 321 50.71 9.06 17.87
C LYS D 321 50.52 9.40 16.40
N ALA D 322 51.21 8.66 15.53
CA ALA D 322 51.12 8.88 14.09
C ALA D 322 49.74 8.50 13.58
N ALA D 323 49.22 7.37 14.05
CA ALA D 323 47.91 6.89 13.65
C ALA D 323 46.81 7.87 14.04
N GLN D 324 46.77 8.23 15.32
CA GLN D 324 45.77 9.17 15.81
C GLN D 324 45.84 10.48 15.03
N GLU D 325 47.04 10.81 14.55
CA GLU D 325 47.24 12.04 13.80
C GLU D 325 46.48 12.01 12.48
N GLU D 326 46.43 10.83 11.86
CA GLU D 326 45.72 10.67 10.60
C GLU D 326 44.23 10.79 10.83
N TYR D 327 43.77 10.21 11.94
CA TYR D 327 42.35 10.27 12.28
C TYR D 327 41.94 11.73 12.50
N VAL D 328 42.71 12.46 13.31
CA VAL D 328 42.41 13.85 13.61
C VAL D 328 42.32 14.72 12.35
N LYS D 329 43.25 14.51 11.42
CA LYS D 329 43.26 15.28 10.18
C LYS D 329 41.95 15.13 9.42
N ARG D 330 41.43 13.91 9.36
CA ARG D 330 40.18 13.67 8.64
C ARG D 330 38.97 14.23 9.40
N ALA D 331 39.04 14.22 10.72
CA ALA D 331 37.93 14.75 11.52
C ALA D 331 37.83 16.25 11.25
N LEU D 332 38.98 16.92 11.32
CA LEU D 332 39.05 18.35 11.08
C LEU D 332 38.56 18.67 9.67
N ALA D 333 39.03 17.89 8.69
CA ALA D 333 38.64 18.08 7.31
C ALA D 333 37.12 17.96 7.16
N ASN D 334 36.57 16.87 7.66
CA ASN D 334 35.13 16.66 7.56
C ASN D 334 34.32 17.64 8.41
N SER D 335 34.94 18.16 9.47
CA SER D 335 34.26 19.13 10.33
C SER D 335 34.07 20.42 9.53
N LEU D 336 35.04 20.72 8.68
CA LEU D 336 34.97 21.91 7.84
C LEU D 336 33.99 21.62 6.68
N ALA D 337 34.05 20.40 6.17
CA ALA D 337 33.18 19.99 5.07
C ALA D 337 31.70 20.10 5.39
N CYS D 338 31.29 19.67 6.59
CA CYS D 338 29.88 19.75 6.95
C CYS D 338 29.44 21.20 7.18
N GLN D 339 30.37 22.13 6.95
CA GLN D 339 30.11 23.56 7.08
C GLN D 339 30.35 24.21 5.73
N GLY D 340 30.83 23.41 4.77
CA GLY D 340 31.10 23.92 3.44
C GLY D 340 32.28 24.87 3.42
N LYS D 341 33.24 24.64 4.31
CA LYS D 341 34.41 25.49 4.39
C LYS D 341 35.69 24.67 4.28
N TYR D 342 35.61 23.56 3.57
CA TYR D 342 36.76 22.69 3.40
C TYR D 342 37.44 22.79 2.04
N THR D 343 38.75 22.96 2.09
CA THR D 343 39.57 23.06 0.88
C THR D 343 40.76 22.10 1.06
N PRO D 344 40.81 21.03 0.26
CA PRO D 344 41.91 20.07 0.35
C PRO D 344 43.26 20.67 0.01
N SER D 345 44.32 20.08 0.55
CA SER D 345 45.68 20.54 0.29
C SER D 345 46.21 20.02 -1.04
N ASN D 360 47.27 18.27 -19.09
CA ASN D 360 46.64 17.59 -20.22
C ASN D 360 46.59 16.08 -20.04
N HIS D 361 47.17 15.60 -18.95
CA HIS D 361 47.18 14.16 -18.67
C HIS D 361 45.79 13.68 -18.23
N ALA D 362 44.90 14.64 -18.00
CA ALA D 362 43.54 14.33 -17.58
C ALA D 362 42.67 14.17 -18.82
N TYR D 363 43.31 14.20 -19.99
CA TYR D 363 42.64 14.08 -21.28
C TYR D 363 43.11 12.84 -22.02
N ASP E 11 -19.62 23.81 -1.28
CA ASP E 11 -19.05 25.17 -1.00
C ASP E 11 -17.73 25.11 -0.24
N GLU E 12 -16.92 26.15 -0.41
CA GLU E 12 -15.65 26.26 0.27
C GLU E 12 -15.75 27.49 1.17
N TRP E 13 -16.81 28.26 0.95
CA TRP E 13 -17.07 29.49 1.72
C TRP E 13 -17.45 29.22 3.18
N ASP E 14 -18.38 28.32 3.41
CA ASP E 14 -18.79 28.02 4.77
C ASP E 14 -18.31 26.65 5.23
N ASP F 11 -8.70 -1.39 -29.42
CA ASP F 11 -9.44 -2.48 -30.12
C ASP F 11 -9.33 -3.79 -29.34
N GLU F 12 -10.43 -4.54 -29.27
CA GLU F 12 -10.45 -5.80 -28.54
C GLU F 12 -10.44 -7.02 -29.47
N TRP F 13 -10.54 -6.78 -30.77
CA TRP F 13 -10.52 -7.86 -31.76
C TRP F 13 -9.11 -8.36 -32.07
N ASP F 14 -8.15 -7.44 -32.14
CA ASP F 14 -6.77 -7.80 -32.42
C ASP F 14 -5.85 -7.43 -31.26
N ASP G 11 -0.93 -16.20 25.83
CA ASP G 11 -1.73 -17.43 26.11
C ASP G 11 -2.64 -17.72 24.93
N GLU G 12 -3.30 -18.88 24.94
CA GLU G 12 -4.20 -19.26 23.87
C GLU G 12 -5.39 -20.05 24.42
N TRP G 13 -5.25 -20.53 25.64
CA TRP G 13 -6.31 -21.31 26.28
C TRP G 13 -7.52 -20.49 26.71
N ASP G 14 -7.42 -19.80 27.83
CA ASP G 14 -8.54 -18.99 28.32
C ASP G 14 -8.78 -17.78 27.42
N ASP H 11 29.64 -5.81 5.16
CA ASP H 11 30.81 -4.89 5.16
C ASP H 11 30.41 -3.48 4.72
N GLU H 12 31.02 -2.48 5.35
CA GLU H 12 30.73 -1.09 5.01
C GLU H 12 31.97 -0.38 4.48
N TRP H 13 33.10 -1.08 4.49
CA TRP H 13 34.35 -0.52 4.00
C TRP H 13 34.51 -0.65 2.49
N ASP H 14 34.35 -1.86 1.96
CA ASP H 14 34.47 -2.07 0.53
C ASP H 14 33.11 -2.33 -0.12
#